data_1MWZ
#
_entry.id   1MWZ
#
loop_
_entity.id
_entity.type
_entity.pdbx_description
1 polymer ZntA
2 non-polymer 'ZINC ION'
#
_entity_poly.entity_id   1
_entity_poly.type   'polypeptide(L)'
_entity_poly.pdbx_seq_one_letter_code
;SGTRYSWKVSGMDCAACARKVENAVRQLAGVNQVQVLFATEKLVVDADNDIRAQVESALQKAGYSLRDEQAAE
;
_entity_poly.pdbx_strand_id   A
#
loop_
_chem_comp.id
_chem_comp.type
_chem_comp.name
_chem_comp.formula
ZN non-polymer 'ZINC ION' 'Zn 2'
#
# COMPACT_ATOMS: atom_id res chain seq x y z
N SER A 1 -13.05 11.35 4.57
CA SER A 1 -12.20 10.17 4.62
C SER A 1 -11.10 10.37 5.67
N GLY A 2 -10.65 9.28 6.30
CA GLY A 2 -9.76 9.31 7.45
C GLY A 2 -8.42 9.99 7.13
N THR A 3 -7.55 9.30 6.39
CA THR A 3 -6.40 9.88 5.73
C THR A 3 -6.26 9.11 4.43
N ARG A 4 -5.61 9.67 3.43
CA ARG A 4 -5.24 8.95 2.22
C ARG A 4 -3.73 9.00 2.09
N TYR A 5 -3.09 7.85 2.19
CA TYR A 5 -1.67 7.67 1.90
C TYR A 5 -1.50 6.96 0.56
N SER A 6 -0.36 7.14 -0.11
CA SER A 6 -0.06 6.45 -1.36
C SER A 6 1.44 6.16 -1.48
N TRP A 7 1.76 5.15 -2.29
CA TRP A 7 3.12 4.82 -2.69
C TRP A 7 3.20 4.41 -4.15
N LYS A 8 4.37 4.63 -4.75
CA LYS A 8 4.73 4.39 -6.16
C LYS A 8 5.50 3.09 -6.28
N VAL A 9 4.86 2.02 -6.79
CA VAL A 9 5.32 0.64 -6.62
C VAL A 9 5.72 -0.03 -7.93
N SER A 10 7.00 0.07 -8.29
CA SER A 10 7.49 -0.42 -9.57
C SER A 10 7.66 -1.94 -9.53
N GLY A 11 6.55 -2.67 -9.60
CA GLY A 11 6.56 -4.13 -9.57
C GLY A 11 5.17 -4.80 -9.68
N MET A 12 4.09 -4.11 -9.26
CA MET A 12 2.76 -4.70 -9.29
C MET A 12 2.16 -4.63 -10.70
N ASP A 13 1.84 -5.79 -11.28
CA ASP A 13 1.42 -5.93 -12.67
C ASP A 13 0.22 -6.87 -12.87
N CYS A 14 -0.28 -7.50 -11.80
CA CYS A 14 -1.25 -8.59 -11.87
C CYS A 14 -2.30 -8.39 -10.78
N ALA A 15 -3.53 -8.83 -11.03
CA ALA A 15 -4.59 -8.77 -10.02
C ALA A 15 -4.28 -9.70 -8.85
N ALA A 16 -3.59 -10.82 -9.09
CA ALA A 16 -3.16 -11.70 -8.02
C ALA A 16 -2.13 -11.01 -7.13
N CYS A 17 -1.14 -10.35 -7.77
CA CYS A 17 -0.16 -9.52 -7.09
C CYS A 17 -0.92 -8.49 -6.25
N ALA A 18 -1.82 -7.71 -6.87
CA ALA A 18 -2.68 -6.78 -6.17
C ALA A 18 -3.33 -7.44 -4.95
N ARG A 19 -4.01 -8.57 -5.11
CA ARG A 19 -4.67 -9.20 -3.97
C ARG A 19 -3.68 -9.52 -2.86
N LYS A 20 -2.52 -10.08 -3.21
CA LYS A 20 -1.51 -10.37 -2.22
C LYS A 20 -1.02 -9.08 -1.57
N VAL A 21 -0.88 -7.99 -2.32
CA VAL A 21 -0.45 -6.71 -1.80
C VAL A 21 -1.49 -6.22 -0.81
N GLU A 22 -2.76 -6.11 -1.23
CA GLU A 22 -3.79 -5.54 -0.38
C GLU A 22 -3.90 -6.38 0.88
N ASN A 23 -3.79 -7.70 0.78
CA ASN A 23 -3.69 -8.57 1.95
C ASN A 23 -2.45 -8.26 2.80
N ALA A 24 -1.28 -8.19 2.17
CA ALA A 24 0.01 -7.97 2.80
C ALA A 24 0.04 -6.68 3.62
N VAL A 25 -0.69 -5.66 3.16
CA VAL A 25 -0.83 -4.42 3.90
C VAL A 25 -2.02 -4.53 4.88
N ARG A 26 -3.16 -5.03 4.43
CA ARG A 26 -4.38 -5.08 5.25
C ARG A 26 -4.16 -5.82 6.56
N GLN A 27 -3.30 -6.84 6.55
CA GLN A 27 -2.98 -7.62 7.74
C GLN A 27 -2.41 -6.78 8.89
N LEU A 28 -1.90 -5.57 8.63
CA LEU A 28 -1.16 -4.82 9.63
C LEU A 28 -2.01 -4.49 10.86
N ALA A 29 -2.94 -3.53 10.73
CA ALA A 29 -3.81 -3.02 11.78
C ALA A 29 -4.41 -1.66 11.37
N GLY A 30 -3.57 -0.62 11.36
CA GLY A 30 -3.94 0.78 11.12
C GLY A 30 -4.84 0.97 9.90
N VAL A 31 -4.53 0.22 8.84
CA VAL A 31 -5.19 0.29 7.55
C VAL A 31 -6.64 -0.17 7.61
N ASN A 32 -7.54 0.73 7.20
CA ASN A 32 -8.98 0.54 7.19
C ASN A 32 -9.44 0.16 5.80
N GLN A 33 -9.10 0.98 4.79
CA GLN A 33 -9.40 0.69 3.39
C GLN A 33 -8.08 0.53 2.64
N VAL A 34 -8.03 -0.44 1.74
CA VAL A 34 -6.93 -0.70 0.84
C VAL A 34 -7.41 -0.40 -0.57
N GLN A 35 -6.56 0.23 -1.39
CA GLN A 35 -6.84 0.45 -2.79
C GLN A 35 -5.52 0.35 -3.56
N VAL A 36 -5.17 -0.86 -3.97
CA VAL A 36 -3.89 -1.16 -4.58
C VAL A 36 -4.06 -1.26 -6.11
N LEU A 37 -3.64 -0.22 -6.84
CA LEU A 37 -3.85 -0.12 -8.28
C LEU A 37 -2.55 -0.53 -8.97
N PHE A 38 -2.37 -1.84 -9.09
CA PHE A 38 -1.35 -2.47 -9.89
C PHE A 38 -1.42 -1.98 -11.35
N ALA A 39 -0.35 -2.21 -12.12
CA ALA A 39 -0.18 -1.78 -13.51
C ALA A 39 0.03 -0.28 -13.62
N THR A 40 -0.80 0.51 -12.94
CA THR A 40 -0.65 1.95 -12.78
C THR A 40 0.42 2.28 -11.73
N GLU A 41 1.12 1.27 -11.18
CA GLU A 41 2.28 1.48 -10.34
C GLU A 41 1.94 2.22 -9.05
N LYS A 42 0.71 2.10 -8.50
CA LYS A 42 0.45 2.75 -7.23
C LYS A 42 -0.44 1.99 -6.28
N LEU A 43 -0.20 2.21 -5.00
CA LEU A 43 -1.05 1.75 -3.93
C LEU A 43 -1.48 2.96 -3.14
N VAL A 44 -2.73 2.94 -2.65
CA VAL A 44 -3.35 3.90 -1.78
C VAL A 44 -3.84 3.10 -0.59
N VAL A 45 -3.65 3.67 0.60
CA VAL A 45 -4.08 3.11 1.87
C VAL A 45 -4.79 4.21 2.63
N ASP A 46 -5.94 3.89 3.24
CA ASP A 46 -6.62 4.76 4.16
C ASP A 46 -6.43 4.13 5.53
N ALA A 47 -5.61 4.76 6.36
CA ALA A 47 -5.21 4.26 7.67
C ALA A 47 -5.36 5.34 8.72
N ASP A 48 -6.22 5.09 9.70
CA ASP A 48 -6.52 6.04 10.76
C ASP A 48 -5.70 5.63 11.98
N ASN A 49 -4.38 5.62 11.79
CA ASN A 49 -3.41 5.37 12.85
C ASN A 49 -2.08 5.97 12.40
N ASP A 50 -1.28 5.18 11.68
CA ASP A 50 0.14 5.37 11.42
C ASP A 50 0.70 3.99 11.11
N ILE A 51 0.80 3.63 9.82
CA ILE A 51 1.28 2.32 9.45
C ILE A 51 2.07 2.36 8.14
N ARG A 52 2.36 3.53 7.57
CA ARG A 52 2.94 3.53 6.23
C ARG A 52 4.29 2.87 6.25
N ALA A 53 5.10 3.26 7.23
CA ALA A 53 6.39 2.66 7.51
C ALA A 53 6.28 1.16 7.79
N GLN A 54 5.08 0.68 8.14
CA GLN A 54 4.73 -0.72 8.24
C GLN A 54 4.40 -1.30 6.85
N VAL A 55 3.55 -0.63 6.08
CA VAL A 55 3.14 -1.04 4.74
C VAL A 55 4.37 -1.22 3.87
N GLU A 56 5.27 -0.23 3.93
CA GLU A 56 6.35 -0.12 2.98
C GLU A 56 7.30 -1.29 3.20
N SER A 57 7.70 -1.47 4.46
CA SER A 57 8.29 -2.67 4.98
C SER A 57 7.54 -3.93 4.54
N ALA A 58 6.21 -3.97 4.63
CA ALA A 58 5.44 -5.16 4.31
C ALA A 58 5.60 -5.53 2.83
N LEU A 59 5.41 -4.55 1.95
CA LEU A 59 5.59 -4.71 0.51
C LEU A 59 7.03 -5.07 0.18
N GLN A 60 7.98 -4.41 0.82
CA GLN A 60 9.39 -4.68 0.64
C GLN A 60 9.69 -6.14 1.02
N LYS A 61 9.12 -6.62 2.13
CA LYS A 61 9.22 -8.02 2.52
C LYS A 61 8.56 -8.92 1.47
N ALA A 62 7.34 -8.60 1.06
CA ALA A 62 6.60 -9.37 0.07
C ALA A 62 7.38 -9.48 -1.25
N GLY A 63 8.08 -8.42 -1.62
CA GLY A 63 9.06 -8.40 -2.71
C GLY A 63 8.76 -7.29 -3.71
N TYR A 64 8.45 -6.09 -3.24
CA TYR A 64 8.18 -4.93 -4.06
C TYR A 64 9.13 -3.78 -3.71
N SER A 65 9.00 -2.67 -4.42
CA SER A 65 9.79 -1.46 -4.24
C SER A 65 8.85 -0.28 -4.42
N LEU A 66 8.11 0.03 -3.35
CA LEU A 66 7.33 1.26 -3.22
C LEU A 66 8.18 2.39 -2.65
N ARG A 67 7.65 3.61 -2.62
CA ARG A 67 8.22 4.72 -1.89
C ARG A 67 7.10 5.72 -1.61
N ASP A 68 7.19 6.42 -0.48
CA ASP A 68 6.19 7.34 0.03
C ASP A 68 5.88 8.45 -0.97
N GLU A 69 4.61 8.58 -1.36
CA GLU A 69 4.13 9.70 -2.15
C GLU A 69 3.26 10.63 -1.30
N GLN A 70 3.84 11.15 -0.22
CA GLN A 70 3.25 12.21 0.58
C GLN A 70 1.95 11.73 1.22
N ALA A 71 1.24 12.60 1.94
CA ALA A 71 -0.04 12.29 2.55
C ALA A 71 -1.14 12.93 1.70
N ALA A 72 -1.42 12.32 0.55
CA ALA A 72 -2.36 12.83 -0.45
C ALA A 72 -1.75 13.99 -1.24
N GLU A 73 -2.61 14.80 -1.84
CA GLU A 73 -2.30 15.94 -2.68
C GLU A 73 -2.86 17.14 -1.91
ZN ZN B . 2.92 -9.54 -10.97
N SER A 1 -12.24 12.62 9.81
CA SER A 1 -11.02 11.86 9.69
C SER A 1 -11.05 11.03 8.40
N GLY A 2 -10.13 10.08 8.24
CA GLY A 2 -9.72 9.55 6.96
C GLY A 2 -8.33 10.10 6.69
N THR A 3 -7.34 9.25 6.41
CA THR A 3 -6.04 9.72 5.95
C THR A 3 -5.53 8.73 4.93
N ARG A 4 -5.62 9.14 3.67
CA ARG A 4 -5.18 8.31 2.58
C ARG A 4 -3.74 8.69 2.32
N TYR A 5 -2.90 7.69 2.38
CA TYR A 5 -1.52 7.75 1.96
C TYR A 5 -1.37 7.16 0.56
N SER A 6 -0.22 7.33 -0.12
CA SER A 6 0.10 6.59 -1.35
C SER A 6 1.56 6.16 -1.41
N TRP A 7 1.79 5.11 -2.22
CA TRP A 7 3.10 4.64 -2.64
C TRP A 7 3.08 4.39 -4.15
N LYS A 8 4.17 4.76 -4.81
CA LYS A 8 4.47 4.44 -6.20
C LYS A 8 5.38 3.23 -6.14
N VAL A 9 5.22 2.30 -7.07
CA VAL A 9 6.01 1.09 -7.13
C VAL A 9 6.53 0.86 -8.54
N SER A 10 7.28 -0.22 -8.74
CA SER A 10 7.66 -0.72 -10.04
C SER A 10 7.91 -2.22 -9.86
N GLY A 11 6.88 -3.04 -10.08
CA GLY A 11 6.93 -4.47 -9.81
C GLY A 11 5.58 -5.17 -9.58
N MET A 12 4.44 -4.47 -9.46
CA MET A 12 3.15 -5.12 -9.31
C MET A 12 2.63 -5.47 -10.69
N ASP A 13 2.94 -6.68 -11.13
CA ASP A 13 2.72 -7.23 -12.48
C ASP A 13 1.37 -7.94 -12.62
N CYS A 14 0.93 -8.70 -11.61
CA CYS A 14 -0.28 -9.53 -11.67
C CYS A 14 -1.39 -8.98 -10.77
N ALA A 15 -2.65 -9.10 -11.21
CA ALA A 15 -3.81 -8.84 -10.37
C ALA A 15 -3.75 -9.69 -9.08
N ALA A 16 -3.25 -10.92 -9.19
CA ALA A 16 -3.03 -11.78 -8.03
C ALA A 16 -2.04 -11.13 -7.05
N CYS A 17 -0.97 -10.53 -7.60
CA CYS A 17 0.04 -9.84 -6.82
C CYS A 17 -0.64 -8.65 -6.13
N ALA A 18 -1.41 -7.85 -6.86
CA ALA A 18 -2.22 -6.78 -6.30
C ALA A 18 -3.09 -7.27 -5.15
N ARG A 19 -3.82 -8.38 -5.34
CA ARG A 19 -4.60 -8.97 -4.28
C ARG A 19 -3.73 -9.33 -3.08
N LYS A 20 -2.57 -9.94 -3.33
CA LYS A 20 -1.68 -10.30 -2.25
C LYS A 20 -1.17 -9.05 -1.54
N VAL A 21 -0.98 -7.94 -2.27
CA VAL A 21 -0.57 -6.67 -1.71
C VAL A 21 -1.70 -6.13 -0.82
N GLU A 22 -2.94 -6.07 -1.33
CA GLU A 22 -4.02 -5.49 -0.53
C GLU A 22 -4.14 -6.28 0.78
N ASN A 23 -4.02 -7.61 0.67
CA ASN A 23 -4.14 -8.51 1.80
C ASN A 23 -2.96 -8.38 2.76
N ALA A 24 -1.73 -8.35 2.22
CA ALA A 24 -0.49 -8.17 2.98
C ALA A 24 -0.58 -6.92 3.84
N VAL A 25 -1.19 -5.87 3.30
CA VAL A 25 -1.40 -4.63 4.02
C VAL A 25 -2.59 -4.76 4.98
N ARG A 26 -3.75 -5.19 4.49
CA ARG A 26 -5.00 -5.16 5.24
C ARG A 26 -4.89 -5.92 6.56
N GLN A 27 -4.14 -7.02 6.54
CA GLN A 27 -3.92 -7.85 7.71
C GLN A 27 -3.19 -7.12 8.85
N LEU A 28 -2.52 -5.99 8.60
CA LEU A 28 -1.66 -5.36 9.59
C LEU A 28 -2.44 -4.98 10.86
N ALA A 29 -3.28 -3.94 10.78
CA ALA A 29 -4.12 -3.40 11.84
C ALA A 29 -4.56 -1.98 11.48
N GLY A 30 -3.59 -1.06 11.42
CA GLY A 30 -3.78 0.36 11.14
C GLY A 30 -4.82 0.63 10.05
N VAL A 31 -4.57 0.02 8.90
CA VAL A 31 -5.27 0.27 7.66
C VAL A 31 -6.77 0.04 7.79
N ASN A 32 -7.54 1.04 7.37
CA ASN A 32 -9.00 1.02 7.42
C ASN A 32 -9.48 0.50 6.07
N GLN A 33 -9.00 1.13 4.99
CA GLN A 33 -9.42 0.86 3.62
C GLN A 33 -8.17 0.71 2.77
N VAL A 34 -8.21 -0.25 1.83
CA VAL A 34 -7.13 -0.56 0.92
C VAL A 34 -7.53 -0.08 -0.47
N GLN A 35 -6.60 0.52 -1.21
CA GLN A 35 -6.84 0.90 -2.59
C GLN A 35 -5.53 0.76 -3.38
N VAL A 36 -5.25 -0.47 -3.82
CA VAL A 36 -4.13 -0.80 -4.67
C VAL A 36 -4.58 -0.58 -6.11
N LEU A 37 -4.15 0.53 -6.73
CA LEU A 37 -4.50 0.85 -8.10
C LEU A 37 -3.35 0.31 -8.93
N PHE A 38 -3.35 -1.01 -8.96
CA PHE A 38 -2.61 -1.85 -9.87
C PHE A 38 -2.81 -1.38 -11.31
N ALA A 39 -1.91 -1.83 -12.20
CA ALA A 39 -1.81 -1.46 -13.60
C ALA A 39 -1.21 -0.07 -13.74
N THR A 40 -1.71 0.90 -12.97
CA THR A 40 -1.08 2.22 -12.86
C THR A 40 0.06 2.23 -11.83
N GLU A 41 0.38 1.08 -11.22
CA GLU A 41 1.58 0.91 -10.43
C GLU A 41 1.56 1.82 -9.18
N LYS A 42 0.40 1.95 -8.52
CA LYS A 42 0.36 2.68 -7.26
C LYS A 42 -0.60 2.04 -6.29
N LEU A 43 -0.38 2.33 -5.01
CA LEU A 43 -1.22 1.88 -3.94
C LEU A 43 -1.51 3.10 -3.07
N VAL A 44 -2.72 3.19 -2.54
CA VAL A 44 -3.26 4.15 -1.61
C VAL A 44 -3.84 3.32 -0.47
N VAL A 45 -3.53 3.73 0.76
CA VAL A 45 -4.06 3.11 1.98
C VAL A 45 -4.70 4.22 2.79
N ASP A 46 -5.93 3.99 3.27
CA ASP A 46 -6.58 4.91 4.19
C ASP A 46 -6.40 4.33 5.58
N ALA A 47 -5.61 5.00 6.42
CA ALA A 47 -5.37 4.53 7.79
C ALA A 47 -5.35 5.66 8.79
N ASP A 48 -6.13 5.50 9.86
CA ASP A 48 -6.44 6.55 10.82
C ASP A 48 -5.75 6.24 12.14
N ASN A 49 -4.44 6.13 12.04
CA ASN A 49 -3.53 5.86 13.13
C ASN A 49 -2.18 6.06 12.47
N ASP A 50 -1.38 5.02 12.24
CA ASP A 50 -0.24 5.14 11.36
C ASP A 50 0.40 3.79 11.11
N ILE A 51 0.75 3.54 9.85
CA ILE A 51 1.28 2.28 9.41
C ILE A 51 2.06 2.40 8.11
N ARG A 52 2.34 3.59 7.57
CA ARG A 52 2.79 3.62 6.18
C ARG A 52 4.15 2.95 6.07
N ALA A 53 5.04 3.30 6.99
CA ALA A 53 6.33 2.67 7.16
C ALA A 53 6.15 1.15 7.33
N GLN A 54 5.06 0.75 7.99
CA GLN A 54 4.65 -0.63 8.13
C GLN A 54 4.29 -1.24 6.77
N VAL A 55 3.47 -0.54 5.99
CA VAL A 55 3.04 -0.96 4.67
C VAL A 55 4.28 -1.18 3.80
N GLU A 56 5.11 -0.14 3.68
CA GLU A 56 6.26 -0.19 2.81
C GLU A 56 7.27 -1.22 3.27
N SER A 57 7.50 -1.34 4.58
CA SER A 57 8.25 -2.47 5.12
C SER A 57 7.63 -3.78 4.62
N ALA A 58 6.31 -3.91 4.69
CA ALA A 58 5.62 -5.14 4.35
C ALA A 58 5.83 -5.46 2.86
N LEU A 59 5.59 -4.49 1.99
CA LEU A 59 5.78 -4.60 0.56
C LEU A 59 7.24 -4.90 0.22
N GLN A 60 8.17 -4.20 0.86
CA GLN A 60 9.58 -4.40 0.66
C GLN A 60 9.96 -5.84 1.02
N LYS A 61 9.44 -6.33 2.15
CA LYS A 61 9.63 -7.72 2.55
C LYS A 61 8.94 -8.69 1.59
N ALA A 62 7.74 -8.35 1.10
CA ALA A 62 7.03 -9.12 0.09
C ALA A 62 7.85 -9.23 -1.19
N GLY A 63 8.60 -8.16 -1.50
CA GLY A 63 9.63 -8.15 -2.54
C GLY A 63 9.41 -7.06 -3.58
N TYR A 64 8.75 -5.95 -3.21
CA TYR A 64 8.57 -4.81 -4.08
C TYR A 64 9.61 -3.75 -3.76
N SER A 65 9.58 -2.63 -4.49
CA SER A 65 10.52 -1.53 -4.34
C SER A 65 9.72 -0.23 -4.47
N LEU A 66 8.80 0.00 -3.52
CA LEU A 66 7.97 1.19 -3.59
C LEU A 66 8.73 2.43 -3.10
N ARG A 67 8.06 3.58 -3.21
CA ARG A 67 8.47 4.77 -2.50
C ARG A 67 7.22 5.56 -2.12
N ASP A 68 7.24 6.17 -0.93
CA ASP A 68 6.27 7.16 -0.47
C ASP A 68 5.82 8.12 -1.58
N GLU A 69 4.51 8.37 -1.63
CA GLU A 69 3.89 9.47 -2.37
C GLU A 69 3.02 10.28 -1.41
N GLN A 70 3.65 10.82 -0.37
CA GLN A 70 3.15 11.88 0.48
C GLN A 70 1.97 11.44 1.37
N ALA A 71 1.78 12.23 2.43
CA ALA A 71 0.69 12.04 3.38
C ALA A 71 -0.55 12.73 2.81
N ALA A 72 -1.25 12.05 1.90
CA ALA A 72 -2.44 12.52 1.23
C ALA A 72 -2.13 13.61 0.22
N GLU A 73 -1.71 14.79 0.71
CA GLU A 73 -1.73 16.02 -0.07
C GLU A 73 -3.18 16.32 -0.48
ZN ZN B . 3.41 -11.20 -10.22
N SER A 1 -12.67 10.35 10.62
CA SER A 1 -11.34 10.43 10.05
C SER A 1 -11.36 9.94 8.59
N GLY A 2 -10.20 9.69 7.98
CA GLY A 2 -10.06 9.33 6.58
C GLY A 2 -8.78 9.95 6.01
N THR A 3 -7.63 9.35 6.31
CA THR A 3 -6.31 9.89 5.98
C THR A 3 -5.71 9.02 4.88
N ARG A 4 -5.63 9.57 3.68
CA ARG A 4 -5.28 8.81 2.51
C ARG A 4 -3.79 8.94 2.24
N TYR A 5 -3.08 7.83 2.34
CA TYR A 5 -1.68 7.70 2.00
C TYR A 5 -1.53 7.00 0.64
N SER A 6 -0.39 7.17 -0.03
CA SER A 6 -0.11 6.57 -1.34
C SER A 6 1.37 6.19 -1.43
N TRP A 7 1.67 5.14 -2.20
CA TRP A 7 3.01 4.72 -2.54
C TRP A 7 3.10 4.46 -4.04
N LYS A 8 4.23 4.86 -4.63
CA LYS A 8 4.57 4.65 -6.03
C LYS A 8 5.46 3.43 -6.06
N VAL A 9 5.19 2.47 -6.95
CA VAL A 9 5.90 1.19 -6.98
C VAL A 9 6.70 1.04 -8.26
N SER A 10 7.36 -0.11 -8.42
CA SER A 10 7.95 -0.55 -9.66
C SER A 10 7.81 -2.07 -9.68
N GLY A 11 6.62 -2.56 -10.02
CA GLY A 11 6.11 -3.88 -9.77
C GLY A 11 4.60 -3.74 -9.71
N MET A 12 3.96 -4.78 -9.21
CA MET A 12 2.51 -4.94 -9.13
C MET A 12 1.89 -4.95 -10.54
N ASP A 13 1.87 -6.14 -11.12
CA ASP A 13 1.70 -6.44 -12.53
C ASP A 13 0.52 -7.37 -12.81
N CYS A 14 -0.06 -8.00 -11.78
CA CYS A 14 -1.17 -8.95 -11.90
C CYS A 14 -2.23 -8.62 -10.85
N ALA A 15 -3.49 -8.93 -11.14
CA ALA A 15 -4.57 -8.80 -10.17
C ALA A 15 -4.31 -9.67 -8.95
N ALA A 16 -3.68 -10.85 -9.15
CA ALA A 16 -3.29 -11.71 -8.04
C ALA A 16 -2.24 -11.01 -7.16
N CYS A 17 -1.28 -10.34 -7.80
CA CYS A 17 -0.24 -9.58 -7.12
C CYS A 17 -0.91 -8.46 -6.32
N ALA A 18 -1.81 -7.70 -6.96
CA ALA A 18 -2.67 -6.75 -6.24
C ALA A 18 -3.30 -7.39 -5.03
N ARG A 19 -4.06 -8.48 -5.20
CA ARG A 19 -4.79 -9.07 -4.08
C ARG A 19 -3.83 -9.44 -2.95
N LYS A 20 -2.72 -10.07 -3.30
CA LYS A 20 -1.72 -10.46 -2.32
C LYS A 20 -1.15 -9.23 -1.62
N VAL A 21 -0.93 -8.13 -2.35
CA VAL A 21 -0.48 -6.90 -1.76
C VAL A 21 -1.56 -6.36 -0.80
N GLU A 22 -2.81 -6.21 -1.26
CA GLU A 22 -3.83 -5.60 -0.41
C GLU A 22 -4.00 -6.42 0.87
N ASN A 23 -3.95 -7.75 0.76
CA ASN A 23 -3.89 -8.64 1.91
C ASN A 23 -2.65 -8.38 2.77
N ALA A 24 -1.47 -8.35 2.15
CA ALA A 24 -0.17 -8.18 2.81
C ALA A 24 -0.13 -6.88 3.62
N VAL A 25 -0.77 -5.82 3.15
CA VAL A 25 -0.86 -4.58 3.89
C VAL A 25 -2.03 -4.65 4.88
N ARG A 26 -3.21 -5.11 4.43
CA ARG A 26 -4.42 -5.12 5.25
C ARG A 26 -4.20 -5.83 6.57
N GLN A 27 -3.44 -6.93 6.56
CA GLN A 27 -3.17 -7.72 7.76
C GLN A 27 -2.51 -6.92 8.89
N LEU A 28 -1.93 -5.74 8.63
CA LEU A 28 -1.15 -5.03 9.64
C LEU A 28 -1.99 -4.71 10.89
N ALA A 29 -2.93 -3.77 10.76
CA ALA A 29 -3.83 -3.28 11.80
C ALA A 29 -4.41 -1.93 11.38
N GLY A 30 -3.54 -0.91 11.31
CA GLY A 30 -3.88 0.48 11.05
C GLY A 30 -4.88 0.68 9.91
N VAL A 31 -4.56 0.03 8.79
CA VAL A 31 -5.22 0.18 7.51
C VAL A 31 -6.71 -0.15 7.60
N ASN A 32 -7.56 0.81 7.23
CA ASN A 32 -9.00 0.73 7.33
C ASN A 32 -9.55 0.32 5.97
N GLN A 33 -9.21 1.09 4.93
CA GLN A 33 -9.48 0.73 3.55
C GLN A 33 -8.14 0.71 2.83
N VAL A 34 -8.02 -0.19 1.85
CA VAL A 34 -6.86 -0.33 1.00
C VAL A 34 -7.33 -0.30 -0.45
N GLN A 35 -6.51 0.22 -1.35
CA GLN A 35 -6.80 0.29 -2.77
C GLN A 35 -5.46 0.24 -3.50
N VAL A 36 -5.03 -0.95 -3.93
CA VAL A 36 -3.75 -1.14 -4.59
C VAL A 36 -3.98 -1.21 -6.10
N LEU A 37 -3.57 -0.17 -6.83
CA LEU A 37 -3.85 -0.02 -8.24
C LEU A 37 -2.62 -0.48 -9.01
N PHE A 38 -2.49 -1.80 -9.11
CA PHE A 38 -1.48 -2.44 -9.92
C PHE A 38 -1.60 -2.00 -11.37
N ALA A 39 -0.53 -2.16 -12.17
CA ALA A 39 -0.44 -1.76 -13.58
C ALA A 39 -0.36 -0.24 -13.76
N THR A 40 -1.13 0.53 -12.99
CA THR A 40 -0.94 1.97 -12.85
C THR A 40 0.21 2.28 -11.86
N GLU A 41 0.78 1.24 -11.25
CA GLU A 41 2.05 1.32 -10.55
C GLU A 41 1.94 2.12 -9.24
N LYS A 42 0.80 2.06 -8.55
CA LYS A 42 0.67 2.73 -7.26
C LYS A 42 -0.31 2.06 -6.33
N LEU A 43 -0.11 2.25 -5.02
CA LEU A 43 -0.96 1.77 -3.97
C LEU A 43 -1.44 2.98 -3.18
N VAL A 44 -2.65 2.90 -2.63
CA VAL A 44 -3.30 3.88 -1.80
C VAL A 44 -3.88 3.13 -0.61
N VAL A 45 -3.74 3.73 0.57
CA VAL A 45 -4.10 3.16 1.85
C VAL A 45 -4.77 4.26 2.66
N ASP A 46 -5.90 3.95 3.27
CA ASP A 46 -6.60 4.84 4.17
C ASP A 46 -6.42 4.27 5.58
N ALA A 47 -5.60 4.91 6.39
CA ALA A 47 -5.25 4.46 7.74
C ALA A 47 -5.28 5.64 8.68
N ASP A 48 -6.05 5.53 9.76
CA ASP A 48 -6.39 6.64 10.62
C ASP A 48 -5.86 6.34 12.01
N ASN A 49 -4.55 6.11 12.02
CA ASN A 49 -3.74 5.78 13.17
C ASN A 49 -2.34 5.97 12.60
N ASP A 50 -1.55 4.92 12.36
CA ASP A 50 -0.41 5.03 11.46
C ASP A 50 0.23 3.70 11.17
N ILE A 51 0.55 3.46 9.90
CA ILE A 51 1.12 2.23 9.44
C ILE A 51 1.90 2.39 8.13
N ARG A 52 2.12 3.59 7.59
CA ARG A 52 2.63 3.66 6.22
C ARG A 52 4.01 3.00 6.16
N ALA A 53 4.85 3.38 7.12
CA ALA A 53 6.14 2.77 7.34
C ALA A 53 6.02 1.24 7.48
N GLN A 54 4.92 0.75 8.07
CA GLN A 54 4.61 -0.67 8.12
C GLN A 54 4.26 -1.22 6.73
N VAL A 55 3.41 -0.52 5.97
CA VAL A 55 3.03 -0.92 4.63
C VAL A 55 4.27 -1.09 3.78
N GLU A 56 5.13 -0.07 3.79
CA GLU A 56 6.23 0.01 2.85
C GLU A 56 7.24 -1.06 3.19
N SER A 57 7.58 -1.17 4.48
CA SER A 57 8.26 -2.33 5.02
C SER A 57 7.62 -3.64 4.53
N ALA A 58 6.31 -3.77 4.61
CA ALA A 58 5.60 -5.01 4.30
C ALA A 58 5.78 -5.38 2.84
N LEU A 59 5.51 -4.41 1.95
CA LEU A 59 5.68 -4.57 0.52
C LEU A 59 7.12 -4.90 0.17
N GLN A 60 8.07 -4.14 0.73
CA GLN A 60 9.48 -4.35 0.50
C GLN A 60 9.85 -5.78 0.89
N LYS A 61 9.39 -6.21 2.07
CA LYS A 61 9.63 -7.54 2.61
C LYS A 61 8.93 -8.63 1.79
N ALA A 62 7.72 -8.35 1.27
CA ALA A 62 6.98 -9.25 0.40
C ALA A 62 7.70 -9.44 -0.93
N GLY A 63 8.30 -8.35 -1.44
CA GLY A 63 9.17 -8.36 -2.60
C GLY A 63 8.74 -7.38 -3.69
N TYR A 64 8.21 -6.22 -3.28
CA TYR A 64 7.98 -5.06 -4.13
C TYR A 64 9.06 -4.03 -3.81
N SER A 65 9.01 -2.85 -4.43
CA SER A 65 10.00 -1.82 -4.21
C SER A 65 9.31 -0.48 -4.40
N LEU A 66 8.53 -0.11 -3.38
CA LEU A 66 7.80 1.14 -3.38
C LEU A 66 8.67 2.29 -2.92
N ARG A 67 8.13 3.50 -3.08
CA ARG A 67 8.65 4.69 -2.48
C ARG A 67 7.50 5.52 -1.92
N ASP A 68 7.79 6.29 -0.87
CA ASP A 68 6.90 7.26 -0.26
C ASP A 68 6.22 8.14 -1.32
N GLU A 69 4.94 8.46 -1.11
CA GLU A 69 4.21 9.40 -1.95
C GLU A 69 3.32 10.27 -1.05
N GLN A 70 3.95 10.86 -0.03
CA GLN A 70 3.31 11.89 0.79
C GLN A 70 1.96 11.41 1.37
N ALA A 71 1.15 12.30 1.97
CA ALA A 71 -0.04 11.92 2.72
C ALA A 71 -1.27 12.61 2.15
N ALA A 72 -1.60 12.30 0.90
CA ALA A 72 -2.59 13.00 0.09
C ALA A 72 -2.12 14.45 -0.09
N GLU A 73 -1.03 14.59 -0.86
CA GLU A 73 -0.20 15.78 -0.87
C GLU A 73 0.41 15.93 0.53
ZN ZN B . 2.70 -10.41 -11.03
N SER A 1 -12.17 12.39 10.16
CA SER A 1 -11.72 11.01 10.04
C SER A 1 -11.36 10.79 8.56
N GLY A 2 -10.61 9.73 8.26
CA GLY A 2 -10.06 9.44 6.95
C GLY A 2 -8.72 10.16 6.78
N THR A 3 -7.69 9.46 6.29
CA THR A 3 -6.52 10.07 5.67
C THR A 3 -6.18 9.17 4.50
N ARG A 4 -5.66 9.73 3.41
CA ARG A 4 -5.25 8.98 2.25
C ARG A 4 -3.73 9.01 2.18
N TYR A 5 -3.09 7.85 2.19
CA TYR A 5 -1.66 7.71 1.90
C TYR A 5 -1.45 7.04 0.56
N SER A 6 -0.35 7.35 -0.15
CA SER A 6 0.00 6.75 -1.44
C SER A 6 1.46 6.27 -1.45
N TRP A 7 1.73 5.21 -2.22
CA TRP A 7 3.07 4.74 -2.56
C TRP A 7 3.14 4.49 -4.06
N LYS A 8 4.29 4.82 -4.64
CA LYS A 8 4.64 4.54 -6.02
C LYS A 8 5.48 3.28 -5.98
N VAL A 9 5.23 2.35 -6.91
CA VAL A 9 5.95 1.09 -6.96
C VAL A 9 6.69 0.94 -8.29
N SER A 10 7.34 -0.21 -8.49
CA SER A 10 7.89 -0.60 -9.79
C SER A 10 7.74 -2.11 -9.95
N GLY A 11 6.57 -2.60 -9.52
CA GLY A 11 6.10 -3.96 -9.62
C GLY A 11 4.58 -3.83 -9.80
N MET A 12 3.82 -4.78 -9.24
CA MET A 12 2.36 -4.83 -9.28
C MET A 12 1.84 -4.87 -10.73
N ASP A 13 1.81 -6.09 -11.27
CA ASP A 13 1.59 -6.41 -12.67
C ASP A 13 0.40 -7.37 -12.90
N CYS A 14 -0.20 -7.91 -11.84
CA CYS A 14 -1.31 -8.87 -11.93
C CYS A 14 -2.35 -8.54 -10.86
N ALA A 15 -3.61 -8.92 -11.12
CA ALA A 15 -4.68 -8.81 -10.14
C ALA A 15 -4.38 -9.65 -8.90
N ALA A 16 -3.77 -10.82 -9.10
CA ALA A 16 -3.33 -11.67 -8.00
C ALA A 16 -2.32 -10.93 -7.13
N CYS A 17 -1.36 -10.26 -7.79
CA CYS A 17 -0.32 -9.48 -7.15
C CYS A 17 -0.99 -8.35 -6.35
N ALA A 18 -1.91 -7.60 -6.96
CA ALA A 18 -2.76 -6.64 -6.25
C ALA A 18 -3.36 -7.28 -5.00
N ARG A 19 -4.12 -8.37 -5.14
CA ARG A 19 -4.74 -9.01 -4.00
C ARG A 19 -3.71 -9.32 -2.91
N LYS A 20 -2.55 -9.86 -3.30
CA LYS A 20 -1.49 -10.19 -2.37
C LYS A 20 -0.96 -8.93 -1.69
N VAL A 21 -0.84 -7.81 -2.42
CA VAL A 21 -0.39 -6.55 -1.87
C VAL A 21 -1.41 -6.05 -0.86
N GLU A 22 -2.69 -5.99 -1.23
CA GLU A 22 -3.68 -5.48 -0.30
C GLU A 22 -3.76 -6.38 0.93
N ASN A 23 -3.61 -7.70 0.77
CA ASN A 23 -3.54 -8.62 1.89
C ASN A 23 -2.29 -8.37 2.76
N ALA A 24 -1.13 -8.24 2.11
CA ALA A 24 0.15 -8.00 2.75
C ALA A 24 0.12 -6.74 3.61
N VAL A 25 -0.64 -5.74 3.16
CA VAL A 25 -0.85 -4.52 3.93
C VAL A 25 -1.98 -4.69 4.95
N ARG A 26 -3.14 -5.18 4.52
CA ARG A 26 -4.35 -5.22 5.34
C ARG A 26 -4.13 -6.04 6.61
N GLN A 27 -3.30 -7.07 6.53
CA GLN A 27 -2.93 -7.86 7.71
C GLN A 27 -2.30 -7.04 8.84
N LEU A 28 -1.82 -5.80 8.60
CA LEU A 28 -1.06 -5.07 9.60
C LEU A 28 -1.93 -4.79 10.83
N ALA A 29 -2.88 -3.87 10.70
CA ALA A 29 -3.82 -3.43 11.73
C ALA A 29 -4.40 -2.07 11.32
N GLY A 30 -3.53 -1.07 11.19
CA GLY A 30 -3.89 0.33 10.98
C GLY A 30 -4.85 0.53 9.81
N VAL A 31 -4.52 -0.12 8.68
CA VAL A 31 -5.19 0.05 7.41
C VAL A 31 -6.68 -0.32 7.50
N ASN A 32 -7.53 0.64 7.13
CA ASN A 32 -8.98 0.51 7.16
C ASN A 32 -9.47 0.16 5.75
N GLN A 33 -9.13 1.00 4.76
CA GLN A 33 -9.42 0.73 3.35
C GLN A 33 -8.10 0.56 2.59
N VAL A 34 -8.11 -0.37 1.63
CA VAL A 34 -7.03 -0.65 0.72
C VAL A 34 -7.45 -0.16 -0.66
N GLN A 35 -6.51 0.38 -1.44
CA GLN A 35 -6.75 0.71 -2.84
C GLN A 35 -5.43 0.54 -3.60
N VAL A 36 -5.12 -0.71 -3.94
CA VAL A 36 -3.89 -1.09 -4.59
C VAL A 36 -4.16 -1.20 -6.10
N LEU A 37 -3.72 -0.19 -6.86
CA LEU A 37 -4.00 -0.12 -8.28
C LEU A 37 -2.75 -0.59 -9.01
N PHE A 38 -2.69 -1.90 -9.24
CA PHE A 38 -1.66 -2.51 -10.04
C PHE A 38 -1.77 -2.07 -11.50
N ALA A 39 -0.76 -2.39 -12.30
CA ALA A 39 -0.56 -1.93 -13.67
C ALA A 39 -0.22 -0.45 -13.65
N THR A 40 -1.11 0.40 -13.14
CA THR A 40 -0.86 1.82 -12.92
C THR A 40 -0.07 2.03 -11.62
N GLU A 41 0.99 1.24 -11.45
CA GLU A 41 2.01 1.21 -10.40
C GLU A 41 1.80 2.05 -9.13
N LYS A 42 0.61 2.03 -8.50
CA LYS A 42 0.39 2.78 -7.28
C LYS A 42 -0.43 2.01 -6.28
N LEU A 43 -0.15 2.24 -5.00
CA LEU A 43 -0.90 1.75 -3.89
C LEU A 43 -1.35 3.00 -3.13
N VAL A 44 -2.57 2.97 -2.58
CA VAL A 44 -3.13 3.95 -1.70
C VAL A 44 -3.72 3.16 -0.55
N VAL A 45 -3.59 3.70 0.66
CA VAL A 45 -4.11 3.13 1.88
C VAL A 45 -4.81 4.23 2.64
N ASP A 46 -5.92 3.86 3.28
CA ASP A 46 -6.63 4.73 4.19
C ASP A 46 -6.43 4.14 5.58
N ALA A 47 -5.60 4.79 6.39
CA ALA A 47 -5.29 4.36 7.75
C ALA A 47 -5.37 5.53 8.72
N ASP A 48 -6.21 5.36 9.74
CA ASP A 48 -6.56 6.39 10.71
C ASP A 48 -5.85 6.09 12.02
N ASN A 49 -4.52 6.01 11.92
CA ASN A 49 -3.64 5.66 13.01
C ASN A 49 -2.24 5.91 12.45
N ASP A 50 -1.46 4.87 12.13
CA ASP A 50 -0.09 5.08 11.70
C ASP A 50 0.54 3.76 11.28
N ILE A 51 0.74 3.57 9.98
CA ILE A 51 1.24 2.31 9.43
C ILE A 51 1.96 2.49 8.12
N ARG A 52 2.23 3.69 7.63
CA ARG A 52 2.71 3.80 6.24
C ARG A 52 4.11 3.20 6.16
N ALA A 53 4.92 3.53 7.16
CA ALA A 53 6.23 2.94 7.36
C ALA A 53 6.13 1.42 7.58
N GLN A 54 5.00 0.96 8.15
CA GLN A 54 4.70 -0.46 8.21
C GLN A 54 4.42 -1.03 6.82
N VAL A 55 3.58 -0.35 6.04
CA VAL A 55 3.20 -0.76 4.71
C VAL A 55 4.45 -0.93 3.85
N GLU A 56 5.29 0.09 3.81
CA GLU A 56 6.46 0.07 2.95
C GLU A 56 7.38 -1.08 3.35
N SER A 57 7.63 -1.25 4.66
CA SER A 57 8.33 -2.43 5.17
C SER A 57 7.63 -3.71 4.68
N ALA A 58 6.30 -3.75 4.76
CA ALA A 58 5.52 -4.96 4.50
C ALA A 58 5.62 -5.35 3.03
N LEU A 59 5.41 -4.40 2.13
CA LEU A 59 5.55 -4.58 0.70
C LEU A 59 6.99 -4.93 0.34
N GLN A 60 7.95 -4.24 0.94
CA GLN A 60 9.35 -4.54 0.72
C GLN A 60 9.65 -5.99 1.12
N LYS A 61 9.11 -6.42 2.26
CA LYS A 61 9.19 -7.82 2.70
C LYS A 61 8.50 -8.76 1.72
N ALA A 62 7.29 -8.42 1.26
CA ALA A 62 6.54 -9.21 0.29
C ALA A 62 7.29 -9.31 -1.04
N GLY A 63 8.06 -8.27 -1.39
CA GLY A 63 9.01 -8.28 -2.50
C GLY A 63 8.70 -7.20 -3.53
N TYR A 64 8.21 -6.04 -3.10
CA TYR A 64 8.01 -4.87 -3.94
C TYR A 64 9.12 -3.86 -3.66
N SER A 65 9.17 -2.78 -4.45
CA SER A 65 10.21 -1.77 -4.37
C SER A 65 9.56 -0.39 -4.39
N LEU A 66 8.70 -0.12 -3.39
CA LEU A 66 7.95 1.13 -3.38
C LEU A 66 8.75 2.29 -2.83
N ARG A 67 8.15 3.48 -2.92
CA ARG A 67 8.63 4.68 -2.27
C ARG A 67 7.42 5.46 -1.76
N ASP A 68 7.55 6.10 -0.59
CA ASP A 68 6.62 7.08 -0.06
C ASP A 68 6.13 8.03 -1.15
N GLU A 69 4.81 8.22 -1.22
CA GLU A 69 4.22 9.32 -1.97
C GLU A 69 3.28 10.11 -1.05
N GLN A 70 3.85 10.62 0.03
CA GLN A 70 3.25 11.68 0.82
C GLN A 70 1.90 11.22 1.39
N ALA A 71 1.16 12.16 2.00
CA ALA A 71 -0.06 11.83 2.74
C ALA A 71 -1.20 12.69 2.25
N ALA A 72 -1.70 12.37 1.04
CA ALA A 72 -2.83 13.03 0.39
C ALA A 72 -2.40 14.35 -0.22
N GLU A 73 -1.87 15.24 0.61
CA GLU A 73 -1.03 16.34 0.17
C GLU A 73 0.34 15.74 -0.21
ZN ZN B . 2.57 -10.34 -11.08
N SER A 1 -9.86 13.25 9.94
CA SER A 1 -9.96 12.08 10.81
C SER A 1 -9.23 10.92 10.13
N GLY A 2 -9.79 10.43 9.02
CA GLY A 2 -9.06 9.55 8.13
C GLY A 2 -7.87 10.28 7.54
N THR A 3 -6.89 9.51 7.05
CA THR A 3 -5.80 10.04 6.23
C THR A 3 -5.49 8.99 5.19
N ARG A 4 -5.57 9.39 3.92
CA ARG A 4 -5.22 8.52 2.84
C ARG A 4 -3.78 8.84 2.45
N TYR A 5 -2.99 7.79 2.45
CA TYR A 5 -1.61 7.78 2.03
C TYR A 5 -1.48 7.27 0.59
N SER A 6 -0.26 7.25 0.03
CA SER A 6 0.00 6.64 -1.27
C SER A 6 1.45 6.19 -1.40
N TRP A 7 1.68 5.16 -2.23
CA TRP A 7 2.98 4.65 -2.63
C TRP A 7 2.97 4.35 -4.12
N LYS A 8 4.09 4.66 -4.78
CA LYS A 8 4.38 4.26 -6.15
C LYS A 8 5.28 3.03 -6.05
N VAL A 9 4.87 1.96 -6.73
CA VAL A 9 5.59 0.70 -6.81
C VAL A 9 6.35 0.69 -8.14
N SER A 10 7.06 -0.41 -8.43
CA SER A 10 7.70 -0.61 -9.72
C SER A 10 7.81 -2.12 -9.92
N GLY A 11 6.66 -2.78 -10.09
CA GLY A 11 6.63 -4.24 -10.12
C GLY A 11 5.20 -4.80 -10.16
N MET A 12 4.27 -4.18 -9.44
CA MET A 12 2.93 -4.72 -9.25
C MET A 12 2.10 -4.70 -10.55
N ASP A 13 1.80 -5.88 -11.09
CA ASP A 13 1.50 -6.11 -12.49
C ASP A 13 0.26 -7.00 -12.73
N CYS A 14 -0.27 -7.68 -11.72
CA CYS A 14 -1.40 -8.61 -11.85
C CYS A 14 -2.39 -8.36 -10.73
N ALA A 15 -3.63 -8.83 -10.92
CA ALA A 15 -4.65 -8.78 -9.89
C ALA A 15 -4.33 -9.74 -8.74
N ALA A 16 -3.69 -10.87 -9.03
CA ALA A 16 -3.26 -11.80 -7.99
C ALA A 16 -2.22 -11.13 -7.10
N CYS A 17 -1.22 -10.53 -7.75
CA CYS A 17 -0.18 -9.72 -7.13
C CYS A 17 -0.86 -8.65 -6.27
N ALA A 18 -1.78 -7.87 -6.86
CA ALA A 18 -2.60 -6.92 -6.14
C ALA A 18 -3.22 -7.53 -4.88
N ARG A 19 -3.97 -8.64 -4.99
CA ARG A 19 -4.60 -9.25 -3.84
C ARG A 19 -3.57 -9.63 -2.76
N LYS A 20 -2.40 -10.12 -3.16
CA LYS A 20 -1.34 -10.41 -2.22
C LYS A 20 -0.88 -9.12 -1.51
N VAL A 21 -0.66 -8.05 -2.26
CA VAL A 21 -0.22 -6.78 -1.71
C VAL A 21 -1.27 -6.26 -0.74
N GLU A 22 -2.51 -6.10 -1.21
CA GLU A 22 -3.55 -5.50 -0.42
C GLU A 22 -3.80 -6.32 0.84
N ASN A 23 -3.71 -7.65 0.77
CA ASN A 23 -3.79 -8.48 1.96
C ASN A 23 -2.60 -8.21 2.88
N ALA A 24 -1.37 -8.29 2.35
CA ALA A 24 -0.13 -8.09 3.10
C ALA A 24 -0.15 -6.77 3.86
N VAL A 25 -0.77 -5.74 3.26
CA VAL A 25 -1.03 -4.47 3.91
C VAL A 25 -2.16 -4.60 4.93
N ARG A 26 -3.34 -5.05 4.47
CA ARG A 26 -4.57 -5.02 5.24
C ARG A 26 -4.44 -5.79 6.56
N GLN A 27 -3.66 -6.88 6.54
CA GLN A 27 -3.38 -7.68 7.72
C GLN A 27 -2.68 -6.89 8.84
N LEU A 28 -2.10 -5.71 8.57
CA LEU A 28 -1.30 -5.00 9.55
C LEU A 28 -2.12 -4.63 10.79
N ALA A 29 -2.97 -3.59 10.68
CA ALA A 29 -3.82 -3.04 11.74
C ALA A 29 -4.40 -1.69 11.32
N GLY A 30 -3.54 -0.66 11.26
CA GLY A 30 -3.88 0.73 10.94
C GLY A 30 -4.86 0.86 9.78
N VAL A 31 -4.55 0.12 8.70
CA VAL A 31 -5.23 0.26 7.43
C VAL A 31 -6.68 -0.19 7.49
N ASN A 32 -7.57 0.70 7.07
CA ASN A 32 -9.01 0.48 7.04
C ASN A 32 -9.41 0.10 5.63
N GLN A 33 -9.07 0.95 4.66
CA GLN A 33 -9.42 0.79 3.28
C GLN A 33 -8.12 0.77 2.49
N VAL A 34 -7.79 -0.39 1.92
CA VAL A 34 -6.60 -0.56 1.11
C VAL A 34 -6.99 -0.45 -0.37
N GLN A 35 -6.20 0.24 -1.19
CA GLN A 35 -6.46 0.34 -2.61
C GLN A 35 -5.14 0.35 -3.39
N VAL A 36 -4.71 -0.85 -3.79
CA VAL A 36 -3.60 -1.10 -4.67
C VAL A 36 -4.16 -1.11 -6.09
N LEU A 37 -3.62 -0.26 -6.95
CA LEU A 37 -3.89 -0.20 -8.36
C LEU A 37 -2.59 -0.55 -9.09
N PHE A 38 -2.40 -1.85 -9.26
CA PHE A 38 -1.34 -2.45 -10.04
C PHE A 38 -1.41 -1.94 -11.49
N ALA A 39 -0.32 -2.08 -12.26
CA ALA A 39 -0.21 -1.67 -13.66
C ALA A 39 -0.22 -0.15 -13.88
N THR A 40 -0.92 0.61 -13.02
CA THR A 40 -0.84 2.07 -12.94
C THR A 40 0.09 2.46 -11.79
N GLU A 41 0.96 1.54 -11.36
CA GLU A 41 1.93 1.68 -10.30
C GLU A 41 1.53 2.62 -9.18
N LYS A 42 0.41 2.36 -8.50
CA LYS A 42 0.19 3.02 -7.24
C LYS A 42 -0.60 2.17 -6.28
N LEU A 43 -0.47 2.53 -5.01
CA LEU A 43 -1.21 2.00 -3.91
C LEU A 43 -1.54 3.23 -3.05
N VAL A 44 -2.68 3.18 -2.37
CA VAL A 44 -3.29 4.18 -1.54
C VAL A 44 -3.79 3.38 -0.35
N VAL A 45 -3.51 3.85 0.86
CA VAL A 45 -3.98 3.23 2.07
C VAL A 45 -4.69 4.30 2.88
N ASP A 46 -5.95 4.05 3.23
CA ASP A 46 -6.76 4.89 4.08
C ASP A 46 -6.70 4.26 5.46
N ALA A 47 -6.05 4.95 6.39
CA ALA A 47 -5.78 4.41 7.73
C ALA A 47 -5.95 5.47 8.80
N ASP A 48 -6.56 5.07 9.90
CA ASP A 48 -6.90 5.93 11.03
C ASP A 48 -6.08 5.48 12.23
N ASN A 49 -4.76 5.49 12.04
CA ASN A 49 -3.76 5.37 13.10
C ASN A 49 -2.50 5.94 12.49
N ASP A 50 -1.75 5.08 11.79
CA ASP A 50 -0.57 5.32 10.98
C ASP A 50 0.13 3.98 10.83
N ILE A 51 0.51 3.63 9.61
CA ILE A 51 1.12 2.35 9.26
C ILE A 51 1.99 2.46 8.02
N ARG A 52 2.29 3.64 7.52
CA ARG A 52 2.81 3.77 6.16
C ARG A 52 4.18 3.11 6.06
N ALA A 53 5.01 3.40 7.06
CA ALA A 53 6.30 2.75 7.20
C ALA A 53 6.12 1.23 7.39
N GLN A 54 4.98 0.81 7.97
CA GLN A 54 4.61 -0.59 8.03
C GLN A 54 4.27 -1.13 6.63
N VAL A 55 3.48 -0.40 5.85
CA VAL A 55 3.09 -0.77 4.50
C VAL A 55 4.34 -0.97 3.66
N GLU A 56 5.19 0.05 3.62
CA GLU A 56 6.39 0.00 2.80
C GLU A 56 7.32 -1.12 3.25
N SER A 57 7.54 -1.29 4.56
CA SER A 57 8.24 -2.46 5.08
C SER A 57 7.56 -3.75 4.58
N ALA A 58 6.23 -3.78 4.61
CA ALA A 58 5.46 -4.98 4.29
C ALA A 58 5.63 -5.35 2.82
N LEU A 59 5.46 -4.37 1.93
CA LEU A 59 5.68 -4.54 0.50
C LEU A 59 7.13 -4.94 0.23
N GLN A 60 8.07 -4.31 0.92
CA GLN A 60 9.48 -4.64 0.77
C GLN A 60 9.74 -6.08 1.20
N LYS A 61 9.12 -6.52 2.30
CA LYS A 61 9.18 -7.90 2.76
C LYS A 61 8.55 -8.85 1.74
N ALA A 62 7.35 -8.51 1.25
CA ALA A 62 6.62 -9.29 0.27
C ALA A 62 7.41 -9.43 -1.03
N GLY A 63 8.11 -8.35 -1.42
CA GLY A 63 9.08 -8.35 -2.51
C GLY A 63 8.78 -7.29 -3.56
N TYR A 64 8.51 -6.05 -3.14
CA TYR A 64 8.27 -4.91 -4.02
C TYR A 64 9.19 -3.75 -3.62
N SER A 65 9.48 -2.85 -4.57
CA SER A 65 10.39 -1.74 -4.39
C SER A 65 9.64 -0.42 -4.56
N LEU A 66 8.76 -0.10 -3.60
CA LEU A 66 7.97 1.13 -3.65
C LEU A 66 8.69 2.36 -3.09
N ARG A 67 7.98 3.49 -3.10
CA ARG A 67 8.44 4.73 -2.52
C ARG A 67 7.20 5.53 -2.12
N ASP A 68 7.30 6.22 -0.99
CA ASP A 68 6.34 7.20 -0.48
C ASP A 68 5.85 8.13 -1.58
N GLU A 69 4.53 8.34 -1.64
CA GLU A 69 3.92 9.44 -2.36
C GLU A 69 3.17 10.30 -1.35
N GLN A 70 3.88 10.76 -0.33
CA GLN A 70 3.38 11.65 0.69
C GLN A 70 2.15 11.07 1.40
N ALA A 71 1.55 11.88 2.27
CA ALA A 71 0.29 11.61 2.90
C ALA A 71 -0.63 12.73 2.46
N ALA A 72 -1.64 12.41 1.66
CA ALA A 72 -2.77 13.31 1.47
C ALA A 72 -3.61 13.30 2.75
N GLU A 73 -4.75 14.00 2.74
CA GLU A 73 -5.66 14.02 3.87
C GLU A 73 -6.71 12.91 3.70
ZN ZN B . 2.50 -10.28 -11.30
N SER A 1 -11.64 12.87 7.76
CA SER A 1 -11.98 11.78 6.85
C SER A 1 -10.85 10.75 6.81
N GLY A 2 -10.51 10.21 7.98
CA GLY A 2 -9.38 9.31 8.15
C GLY A 2 -8.09 9.99 7.70
N THR A 3 -7.31 9.32 6.86
CA THR A 3 -6.24 9.92 6.07
C THR A 3 -6.24 9.20 4.74
N ARG A 4 -5.54 9.74 3.74
CA ARG A 4 -5.16 9.01 2.55
C ARG A 4 -3.63 9.01 2.52
N TYR A 5 -3.02 7.84 2.41
CA TYR A 5 -1.60 7.70 2.13
C TYR A 5 -1.41 7.00 0.77
N SER A 6 -0.33 7.29 0.04
CA SER A 6 -0.02 6.66 -1.25
C SER A 6 1.43 6.19 -1.32
N TRP A 7 1.68 5.16 -2.14
CA TRP A 7 2.99 4.63 -2.48
C TRP A 7 3.12 4.39 -3.97
N LYS A 8 4.31 4.66 -4.51
CA LYS A 8 4.64 4.44 -5.91
C LYS A 8 5.54 3.23 -5.96
N VAL A 9 5.25 2.24 -6.82
CA VAL A 9 5.98 0.98 -6.86
C VAL A 9 6.60 0.77 -8.25
N SER A 10 7.24 -0.39 -8.44
CA SER A 10 7.66 -0.87 -9.75
C SER A 10 7.72 -2.40 -9.66
N GLY A 11 6.61 -3.08 -9.99
CA GLY A 11 6.50 -4.52 -9.90
C GLY A 11 5.08 -5.08 -9.66
N MET A 12 4.03 -4.27 -9.61
CA MET A 12 2.66 -4.74 -9.46
C MET A 12 1.97 -4.72 -10.83
N ASP A 13 1.84 -5.89 -11.45
CA ASP A 13 1.37 -6.04 -12.83
C ASP A 13 0.13 -6.95 -12.95
N CYS A 14 -0.33 -7.59 -11.87
CA CYS A 14 -1.33 -8.64 -11.91
C CYS A 14 -2.34 -8.43 -10.78
N ALA A 15 -3.59 -8.82 -11.02
CA ALA A 15 -4.63 -8.76 -10.00
C ALA A 15 -4.28 -9.64 -8.80
N ALA A 16 -3.67 -10.81 -9.06
CA ALA A 16 -3.26 -11.72 -8.00
C ALA A 16 -2.21 -11.05 -7.10
N CYS A 17 -1.17 -10.47 -7.72
CA CYS A 17 -0.17 -9.66 -7.05
C CYS A 17 -0.88 -8.59 -6.22
N ALA A 18 -1.78 -7.85 -6.87
CA ALA A 18 -2.58 -6.84 -6.20
C ALA A 18 -3.26 -7.39 -4.95
N ARG A 19 -4.00 -8.50 -5.06
CA ARG A 19 -4.68 -9.09 -3.93
C ARG A 19 -3.68 -9.54 -2.86
N LYS A 20 -2.51 -10.03 -3.23
CA LYS A 20 -1.48 -10.30 -2.23
C LYS A 20 -1.11 -9.00 -1.51
N VAL A 21 -0.92 -7.90 -2.26
CA VAL A 21 -0.46 -6.65 -1.70
C VAL A 21 -1.51 -6.05 -0.79
N GLU A 22 -2.77 -5.94 -1.26
CA GLU A 22 -3.85 -5.40 -0.44
C GLU A 22 -3.85 -6.18 0.88
N ASN A 23 -3.73 -7.50 0.80
CA ASN A 23 -3.88 -8.37 1.96
C ASN A 23 -2.72 -8.20 2.92
N ALA A 24 -1.51 -8.28 2.36
CA ALA A 24 -0.25 -8.13 3.06
C ALA A 24 -0.17 -6.79 3.80
N VAL A 25 -0.86 -5.77 3.29
CA VAL A 25 -1.02 -4.51 4.00
C VAL A 25 -2.19 -4.57 4.99
N ARG A 26 -3.36 -5.05 4.57
CA ARG A 26 -4.56 -5.09 5.40
C ARG A 26 -4.31 -5.80 6.72
N GLN A 27 -3.51 -6.87 6.69
CA GLN A 27 -3.15 -7.64 7.89
C GLN A 27 -2.50 -6.78 9.00
N LEU A 28 -2.00 -5.58 8.68
CA LEU A 28 -1.26 -4.79 9.67
C LEU A 28 -2.15 -4.40 10.86
N ALA A 29 -3.06 -3.44 10.67
CA ALA A 29 -4.01 -2.93 11.66
C ALA A 29 -4.54 -1.55 11.23
N GLY A 30 -3.65 -0.56 11.20
CA GLY A 30 -3.93 0.84 10.86
C GLY A 30 -4.88 1.00 9.68
N VAL A 31 -4.60 0.24 8.62
CA VAL A 31 -5.28 0.31 7.35
C VAL A 31 -6.74 -0.14 7.45
N ASN A 32 -7.66 0.75 7.04
CA ASN A 32 -9.08 0.48 7.01
C ASN A 32 -9.45 0.03 5.61
N GLN A 33 -9.22 0.91 4.62
CA GLN A 33 -9.50 0.66 3.21
C GLN A 33 -8.16 0.54 2.50
N VAL A 34 -8.04 -0.51 1.68
CA VAL A 34 -6.91 -0.79 0.83
C VAL A 34 -7.32 -0.40 -0.59
N GLN A 35 -6.49 0.38 -1.28
CA GLN A 35 -6.65 0.60 -2.71
C GLN A 35 -5.30 0.32 -3.36
N VAL A 36 -5.11 -0.92 -3.82
CA VAL A 36 -4.00 -1.31 -4.64
C VAL A 36 -4.43 -1.14 -6.10
N LEU A 37 -3.72 -0.30 -6.86
CA LEU A 37 -3.93 -0.10 -8.28
C LEU A 37 -2.64 -0.49 -9.00
N PHE A 38 -2.49 -1.80 -9.19
CA PHE A 38 -1.46 -2.40 -10.02
C PHE A 38 -1.58 -1.89 -11.46
N ALA A 39 -0.53 -2.08 -12.26
CA ALA A 39 -0.40 -1.66 -13.66
C ALA A 39 -0.23 -0.14 -13.79
N THR A 40 -1.08 0.63 -13.11
CA THR A 40 -0.84 2.05 -12.87
C THR A 40 0.26 2.22 -11.81
N GLU A 41 0.60 1.15 -11.09
CA GLU A 41 1.82 1.06 -10.31
C GLU A 41 1.75 1.91 -9.03
N LYS A 42 0.56 2.04 -8.43
CA LYS A 42 0.42 2.76 -7.18
C LYS A 42 -0.58 2.10 -6.27
N LEU A 43 -0.42 2.38 -4.98
CA LEU A 43 -1.18 1.85 -3.91
C LEU A 43 -1.49 3.06 -3.03
N VAL A 44 -2.68 3.06 -2.43
CA VAL A 44 -3.29 4.05 -1.60
C VAL A 44 -3.86 3.27 -0.43
N VAL A 45 -3.68 3.79 0.77
CA VAL A 45 -4.14 3.19 1.99
C VAL A 45 -4.82 4.26 2.80
N ASP A 46 -6.03 3.96 3.26
CA ASP A 46 -6.80 4.84 4.10
C ASP A 46 -6.69 4.22 5.48
N ALA A 47 -5.76 4.71 6.30
CA ALA A 47 -5.45 4.17 7.62
C ALA A 47 -5.75 5.21 8.68
N ASP A 48 -6.46 4.81 9.74
CA ASP A 48 -6.86 5.69 10.84
C ASP A 48 -6.01 5.34 12.06
N ASN A 49 -4.70 5.43 11.87
CA ASN A 49 -3.69 5.32 12.89
C ASN A 49 -2.45 5.88 12.21
N ASP A 50 -1.50 5.00 11.87
CA ASP A 50 -0.31 5.29 11.10
C ASP A 50 0.41 3.97 10.94
N ILE A 51 0.50 3.46 9.71
CA ILE A 51 1.11 2.17 9.40
C ILE A 51 1.97 2.24 8.15
N ARG A 52 2.13 3.41 7.55
CA ARG A 52 2.74 3.55 6.22
C ARG A 52 4.13 2.95 6.23
N ALA A 53 4.88 3.29 7.28
CA ALA A 53 6.22 2.78 7.44
C ALA A 53 6.21 1.26 7.73
N GLN A 54 5.06 0.72 8.16
CA GLN A 54 4.81 -0.72 8.10
C GLN A 54 4.50 -1.18 6.67
N VAL A 55 3.63 -0.48 5.94
CA VAL A 55 3.28 -0.85 4.57
C VAL A 55 4.53 -1.01 3.73
N GLU A 56 5.35 0.05 3.73
CA GLU A 56 6.50 0.13 2.85
C GLU A 56 7.45 -1.02 3.15
N SER A 57 7.82 -1.18 4.42
CA SER A 57 8.54 -2.34 4.91
C SER A 57 7.86 -3.63 4.47
N ALA A 58 6.54 -3.73 4.62
CA ALA A 58 5.81 -4.97 4.37
C ALA A 58 5.90 -5.37 2.91
N LEU A 59 5.68 -4.42 2.01
CA LEU A 59 5.80 -4.60 0.57
C LEU A 59 7.25 -4.91 0.20
N GLN A 60 8.20 -4.21 0.82
CA GLN A 60 9.61 -4.49 0.64
C GLN A 60 9.94 -5.92 1.05
N LYS A 61 9.39 -6.40 2.17
CA LYS A 61 9.52 -7.79 2.60
C LYS A 61 8.88 -8.72 1.56
N ALA A 62 7.64 -8.42 1.15
CA ALA A 62 6.88 -9.22 0.20
C ALA A 62 7.63 -9.36 -1.13
N GLY A 63 8.30 -8.29 -1.56
CA GLY A 63 9.24 -8.28 -2.67
C GLY A 63 8.89 -7.21 -3.70
N TYR A 64 8.55 -6.00 -3.25
CA TYR A 64 8.27 -4.86 -4.10
C TYR A 64 9.26 -3.73 -3.78
N SER A 65 9.28 -2.71 -4.65
CA SER A 65 10.14 -1.54 -4.51
C SER A 65 9.27 -0.29 -4.45
N LEU A 66 8.49 -0.15 -3.39
CA LEU A 66 7.67 1.03 -3.19
C LEU A 66 8.46 2.20 -2.61
N ARG A 67 7.87 3.40 -2.66
CA ARG A 67 8.40 4.54 -1.96
C ARG A 67 7.27 5.53 -1.68
N ASP A 68 7.37 6.27 -0.55
CA ASP A 68 6.39 7.25 -0.07
C ASP A 68 5.92 8.16 -1.18
N GLU A 69 4.60 8.26 -1.35
CA GLU A 69 3.99 9.13 -2.35
C GLU A 69 3.12 10.18 -1.66
N GLN A 70 3.73 10.92 -0.73
CA GLN A 70 3.12 12.02 0.00
C GLN A 70 2.04 11.55 0.98
N ALA A 71 1.99 12.22 2.12
CA ALA A 71 0.98 11.99 3.15
C ALA A 71 -0.32 12.66 2.72
N ALA A 72 -1.01 12.10 1.73
CA ALA A 72 -2.23 12.64 1.15
C ALA A 72 -1.92 13.70 0.10
N GLU A 73 -2.91 14.56 -0.17
CA GLU A 73 -2.89 15.68 -1.07
C GLU A 73 -3.07 16.89 -0.16
ZN ZN B . 2.80 -9.59 -10.98
N SER A 1 -11.61 11.46 11.41
CA SER A 1 -10.38 11.70 10.67
C SER A 1 -10.40 10.69 9.54
N GLY A 2 -9.35 10.74 8.72
CA GLY A 2 -8.91 9.66 7.86
C GLY A 2 -7.52 10.08 7.43
N THR A 3 -6.64 9.14 7.11
CA THR A 3 -5.38 9.50 6.48
C THR A 3 -5.13 8.54 5.35
N ARG A 4 -5.23 9.08 4.13
CA ARG A 4 -4.91 8.33 2.95
C ARG A 4 -3.45 8.61 2.68
N TYR A 5 -2.68 7.55 2.66
CA TYR A 5 -1.31 7.57 2.22
C TYR A 5 -1.22 6.91 0.84
N SER A 6 -0.12 7.14 0.09
CA SER A 6 0.09 6.52 -1.22
C SER A 6 1.56 6.15 -1.41
N TRP A 7 1.78 5.08 -2.21
CA TRP A 7 3.07 4.63 -2.64
C TRP A 7 3.03 4.34 -4.13
N LYS A 8 4.16 4.59 -4.78
CA LYS A 8 4.38 4.31 -6.20
C LYS A 8 5.26 3.07 -6.26
N VAL A 9 4.85 2.02 -6.97
CA VAL A 9 5.40 0.68 -6.82
C VAL A 9 5.77 0.04 -8.16
N SER A 10 7.05 0.16 -8.54
CA SER A 10 7.52 -0.25 -9.87
C SER A 10 7.68 -1.78 -9.94
N GLY A 11 6.55 -2.49 -9.96
CA GLY A 11 6.55 -3.95 -10.02
C GLY A 11 5.17 -4.56 -10.21
N MET A 12 4.18 -4.11 -9.43
CA MET A 12 2.87 -4.74 -9.37
C MET A 12 2.16 -4.75 -10.73
N ASP A 13 1.81 -5.95 -11.20
CA ASP A 13 1.56 -6.29 -12.60
C ASP A 13 0.34 -7.20 -12.80
N CYS A 14 -0.13 -7.91 -11.76
CA CYS A 14 -1.19 -8.90 -11.83
C CYS A 14 -2.19 -8.64 -10.72
N ALA A 15 -3.45 -9.00 -10.95
CA ALA A 15 -4.49 -8.91 -9.94
C ALA A 15 -4.17 -9.78 -8.73
N ALA A 16 -3.55 -10.95 -8.93
CA ALA A 16 -3.15 -11.82 -7.83
C ALA A 16 -2.09 -11.12 -6.95
N CYS A 17 -1.05 -10.59 -7.60
CA CYS A 17 0.00 -9.80 -6.97
C CYS A 17 -0.66 -8.67 -6.18
N ALA A 18 -1.53 -7.90 -6.82
CA ALA A 18 -2.33 -6.86 -6.19
C ALA A 18 -3.03 -7.39 -4.95
N ARG A 19 -3.82 -8.47 -5.09
CA ARG A 19 -4.57 -9.02 -3.98
C ARG A 19 -3.64 -9.34 -2.82
N LYS A 20 -2.50 -9.96 -3.11
CA LYS A 20 -1.53 -10.28 -2.09
C LYS A 20 -0.98 -9.02 -1.45
N VAL A 21 -0.76 -7.96 -2.23
CA VAL A 21 -0.34 -6.68 -1.69
C VAL A 21 -1.41 -6.16 -0.73
N GLU A 22 -2.67 -6.06 -1.19
CA GLU A 22 -3.68 -5.48 -0.32
C GLU A 22 -3.88 -6.34 0.92
N ASN A 23 -3.82 -7.66 0.79
CA ASN A 23 -3.88 -8.58 1.92
C ASN A 23 -2.71 -8.36 2.88
N ALA A 24 -1.49 -8.29 2.35
CA ALA A 24 -0.25 -8.07 3.09
C ALA A 24 -0.34 -6.79 3.93
N VAL A 25 -1.00 -5.77 3.37
CA VAL A 25 -1.22 -4.51 4.07
C VAL A 25 -2.39 -4.61 5.03
N ARG A 26 -3.54 -5.08 4.56
CA ARG A 26 -4.81 -5.01 5.28
C ARG A 26 -4.74 -5.78 6.58
N GLN A 27 -3.95 -6.86 6.61
CA GLN A 27 -3.73 -7.65 7.82
C GLN A 27 -3.06 -6.86 8.96
N LEU A 28 -2.45 -5.69 8.68
CA LEU A 28 -1.67 -4.99 9.69
C LEU A 28 -2.54 -4.55 10.88
N ALA A 29 -3.32 -3.47 10.71
CA ALA A 29 -4.18 -2.86 11.74
C ALA A 29 -4.63 -1.45 11.31
N GLY A 30 -3.69 -0.49 11.27
CA GLY A 30 -3.92 0.92 10.95
C GLY A 30 -4.87 1.14 9.78
N VAL A 31 -4.66 0.36 8.72
CA VAL A 31 -5.36 0.46 7.46
C VAL A 31 -6.82 0.07 7.62
N ASN A 32 -7.72 0.95 7.17
CA ASN A 32 -9.15 0.75 7.19
C ASN A 32 -9.56 0.20 5.83
N GLN A 33 -9.22 0.96 4.78
CA GLN A 33 -9.60 0.70 3.41
C GLN A 33 -8.31 0.75 2.59
N VAL A 34 -8.05 -0.29 1.81
CA VAL A 34 -6.85 -0.40 1.00
C VAL A 34 -7.27 -0.33 -0.47
N GLN A 35 -6.43 0.28 -1.32
CA GLN A 35 -6.63 0.42 -2.75
C GLN A 35 -5.28 0.24 -3.44
N VAL A 36 -5.02 -0.97 -3.95
CA VAL A 36 -3.81 -1.32 -4.67
C VAL A 36 -4.10 -1.33 -6.17
N LEU A 37 -3.73 -0.27 -6.89
CA LEU A 37 -3.94 -0.20 -8.33
C LEU A 37 -2.63 -0.60 -9.01
N PHE A 38 -2.46 -1.92 -9.13
CA PHE A 38 -1.39 -2.53 -9.90
C PHE A 38 -1.46 -2.08 -11.37
N ALA A 39 -0.40 -2.33 -12.12
CA ALA A 39 -0.20 -1.91 -13.51
C ALA A 39 0.04 -0.40 -13.57
N THR A 40 -0.89 0.38 -13.02
CA THR A 40 -0.81 1.83 -12.90
C THR A 40 0.28 2.29 -11.91
N GLU A 41 0.93 1.36 -11.20
CA GLU A 41 2.08 1.64 -10.36
C GLU A 41 1.69 2.47 -9.13
N LYS A 42 0.50 2.27 -8.52
CA LYS A 42 0.16 3.04 -7.33
C LYS A 42 -0.72 2.27 -6.37
N LEU A 43 -0.40 2.40 -5.08
CA LEU A 43 -1.16 1.89 -3.98
C LEU A 43 -1.52 3.12 -3.14
N VAL A 44 -2.73 3.15 -2.58
CA VAL A 44 -3.29 4.09 -1.66
C VAL A 44 -3.87 3.28 -0.50
N VAL A 45 -3.60 3.72 0.72
CA VAL A 45 -4.10 3.10 1.95
C VAL A 45 -4.73 4.19 2.81
N ASP A 46 -6.01 4.01 3.16
CA ASP A 46 -6.79 4.90 3.99
C ASP A 46 -6.84 4.27 5.37
N ALA A 47 -6.11 4.89 6.30
CA ALA A 47 -5.86 4.40 7.65
C ALA A 47 -6.27 5.45 8.66
N ASP A 48 -6.57 5.02 9.89
CA ASP A 48 -6.76 5.91 11.04
C ASP A 48 -5.79 5.48 12.15
N ASN A 49 -4.49 5.50 11.84
CA ASN A 49 -3.43 5.42 12.82
C ASN A 49 -2.18 6.04 12.19
N ASP A 50 -1.40 5.20 11.50
CA ASP A 50 -0.11 5.44 10.87
C ASP A 50 0.51 4.07 10.74
N ILE A 51 0.40 3.51 9.55
CA ILE A 51 1.01 2.24 9.23
C ILE A 51 1.78 2.32 7.92
N ARG A 52 1.77 3.43 7.20
CA ARG A 52 2.43 3.49 5.91
C ARG A 52 3.88 2.99 5.99
N ALA A 53 4.58 3.32 7.07
CA ALA A 53 5.95 2.85 7.30
C ALA A 53 5.98 1.33 7.52
N GLN A 54 4.92 0.78 8.12
CA GLN A 54 4.68 -0.66 8.14
C GLN A 54 4.42 -1.19 6.73
N VAL A 55 3.53 -0.57 5.98
CA VAL A 55 3.15 -0.99 4.65
C VAL A 55 4.39 -1.09 3.77
N GLU A 56 5.19 -0.01 3.73
CA GLU A 56 6.33 0.03 2.86
C GLU A 56 7.35 -1.05 3.25
N SER A 57 7.59 -1.25 4.55
CA SER A 57 8.34 -2.40 5.02
C SER A 57 7.69 -3.69 4.50
N ALA A 58 6.37 -3.80 4.57
CA ALA A 58 5.65 -5.02 4.26
C ALA A 58 5.81 -5.37 2.78
N LEU A 59 5.54 -4.40 1.89
CA LEU A 59 5.76 -4.52 0.47
C LEU A 59 7.22 -4.86 0.17
N GLN A 60 8.14 -4.16 0.82
CA GLN A 60 9.56 -4.40 0.63
C GLN A 60 9.92 -5.84 1.00
N LYS A 61 9.39 -6.34 2.11
CA LYS A 61 9.56 -7.73 2.53
C LYS A 61 8.91 -8.70 1.55
N ALA A 62 7.68 -8.41 1.11
CA ALA A 62 6.95 -9.22 0.15
C ALA A 62 7.73 -9.30 -1.18
N GLY A 63 8.38 -8.21 -1.56
CA GLY A 63 9.35 -8.14 -2.64
C GLY A 63 8.99 -7.10 -3.68
N TYR A 64 8.61 -5.89 -3.24
CA TYR A 64 8.24 -4.78 -4.10
C TYR A 64 9.12 -3.56 -3.84
N SER A 65 9.21 -2.67 -4.84
CA SER A 65 10.04 -1.50 -4.85
C SER A 65 9.15 -0.26 -4.82
N LEU A 66 8.52 -0.03 -3.67
CA LEU A 66 7.73 1.17 -3.46
C LEU A 66 8.54 2.38 -3.06
N ARG A 67 7.90 3.55 -3.07
CA ARG A 67 8.45 4.79 -2.60
C ARG A 67 7.28 5.62 -2.06
N ASP A 68 7.48 6.31 -0.92
CA ASP A 68 6.52 7.23 -0.32
C ASP A 68 6.02 8.26 -1.34
N GLU A 69 4.70 8.40 -1.49
CA GLU A 69 4.07 9.44 -2.28
C GLU A 69 3.21 10.33 -1.39
N GLN A 70 3.84 10.91 -0.36
CA GLN A 70 3.28 11.92 0.51
C GLN A 70 2.17 11.37 1.41
N ALA A 71 2.08 11.95 2.61
CA ALA A 71 1.10 11.54 3.60
C ALA A 71 -0.19 12.33 3.41
N ALA A 72 -0.97 11.94 2.40
CA ALA A 72 -2.24 12.59 2.06
C ALA A 72 -2.01 13.97 1.46
N GLU A 73 -3.13 14.65 1.18
CA GLU A 73 -3.17 15.99 0.62
C GLU A 73 -2.46 16.01 -0.74
ZN ZN B . 2.80 -10.40 -11.05
N SER A 1 -12.52 11.33 10.68
CA SER A 1 -11.10 10.98 10.68
C SER A 1 -10.73 10.21 9.40
N GLY A 2 -9.64 9.44 9.41
CA GLY A 2 -9.12 8.75 8.23
C GLY A 2 -8.02 9.58 7.58
N THR A 3 -6.93 8.94 7.18
CA THR A 3 -5.80 9.55 6.49
C THR A 3 -5.54 8.72 5.24
N ARG A 4 -5.50 9.39 4.08
CA ARG A 4 -5.21 8.72 2.81
C ARG A 4 -3.72 8.91 2.53
N TYR A 5 -3.08 7.84 2.06
CA TYR A 5 -1.65 7.78 1.79
C TYR A 5 -1.41 7.31 0.35
N SER A 6 -0.16 7.29 -0.14
CA SER A 6 0.17 6.65 -1.42
C SER A 6 1.63 6.26 -1.52
N TRP A 7 1.88 5.25 -2.34
CA TRP A 7 3.19 4.76 -2.74
C TRP A 7 3.16 4.41 -4.23
N LYS A 8 4.28 4.65 -4.89
CA LYS A 8 4.54 4.28 -6.28
C LYS A 8 5.37 3.00 -6.24
N VAL A 9 4.94 1.92 -6.90
CA VAL A 9 5.54 0.60 -6.78
C VAL A 9 5.86 -0.05 -8.14
N SER A 10 7.13 -0.02 -8.54
CA SER A 10 7.55 -0.57 -9.82
C SER A 10 7.63 -2.09 -9.73
N GLY A 11 6.46 -2.75 -9.71
CA GLY A 11 6.37 -4.20 -9.57
C GLY A 11 4.95 -4.77 -9.65
N MET A 12 3.93 -4.06 -9.17
CA MET A 12 2.56 -4.58 -9.20
C MET A 12 2.01 -4.63 -10.63
N ASP A 13 1.92 -5.83 -11.22
CA ASP A 13 1.51 -6.05 -12.61
C ASP A 13 0.22 -6.87 -12.80
N CYS A 14 -0.30 -7.55 -11.76
CA CYS A 14 -1.34 -8.55 -11.90
C CYS A 14 -2.39 -8.35 -10.80
N ALA A 15 -3.61 -8.81 -11.03
CA ALA A 15 -4.67 -8.79 -10.02
C ALA A 15 -4.34 -9.73 -8.86
N ALA A 16 -3.76 -10.90 -9.14
CA ALA A 16 -3.38 -11.84 -8.10
C ALA A 16 -2.34 -11.19 -7.19
N CYS A 17 -1.27 -10.66 -7.79
CA CYS A 17 -0.26 -9.86 -7.15
C CYS A 17 -0.92 -8.78 -6.30
N ALA A 18 -1.74 -7.94 -6.93
CA ALA A 18 -2.51 -6.89 -6.26
C ALA A 18 -3.20 -7.43 -5.02
N ARG A 19 -3.96 -8.52 -5.15
CA ARG A 19 -4.66 -9.09 -4.01
C ARG A 19 -3.67 -9.47 -2.90
N LYS A 20 -2.53 -10.06 -3.28
CA LYS A 20 -1.55 -10.42 -2.27
C LYS A 20 -1.02 -9.15 -1.59
N VAL A 21 -0.78 -8.09 -2.36
CA VAL A 21 -0.31 -6.82 -1.82
C VAL A 21 -1.36 -6.24 -0.88
N GLU A 22 -2.62 -6.19 -1.30
CA GLU A 22 -3.66 -5.54 -0.53
C GLU A 22 -3.80 -6.30 0.79
N ASN A 23 -3.77 -7.63 0.70
CA ASN A 23 -3.88 -8.50 1.86
C ASN A 23 -2.65 -8.33 2.76
N ALA A 24 -1.45 -8.21 2.18
CA ALA A 24 -0.20 -7.99 2.90
C ALA A 24 -0.27 -6.78 3.82
N VAL A 25 -0.84 -5.68 3.35
CA VAL A 25 -1.07 -4.51 4.21
C VAL A 25 -2.30 -4.72 5.09
N ARG A 26 -3.42 -5.16 4.50
CA ARG A 26 -4.71 -5.16 5.18
C ARG A 26 -4.65 -5.98 6.48
N GLN A 27 -3.90 -7.08 6.46
CA GLN A 27 -3.73 -7.94 7.62
C GLN A 27 -3.11 -7.24 8.83
N LEU A 28 -2.45 -6.09 8.68
CA LEU A 28 -1.67 -5.51 9.76
C LEU A 28 -2.56 -5.09 10.94
N ALA A 29 -3.32 -3.99 10.78
CA ALA A 29 -4.20 -3.39 11.78
C ALA A 29 -4.62 -1.99 11.35
N GLY A 30 -3.65 -1.07 11.28
CA GLY A 30 -3.87 0.35 11.07
C GLY A 30 -4.73 0.67 9.85
N VAL A 31 -4.45 -0.03 8.74
CA VAL A 31 -5.13 0.13 7.48
C VAL A 31 -6.60 -0.24 7.59
N ASN A 32 -7.49 0.68 7.20
CA ASN A 32 -8.92 0.52 7.30
C ASN A 32 -9.46 0.08 5.93
N GLN A 33 -9.15 0.86 4.90
CA GLN A 33 -9.46 0.55 3.52
C GLN A 33 -8.13 0.59 2.78
N VAL A 34 -7.91 -0.40 1.91
CA VAL A 34 -6.72 -0.51 1.09
C VAL A 34 -7.13 -0.34 -0.35
N GLN A 35 -6.29 0.29 -1.17
CA GLN A 35 -6.52 0.44 -2.59
C GLN A 35 -5.17 0.36 -3.32
N VAL A 36 -4.77 -0.84 -3.69
CA VAL A 36 -3.59 -1.10 -4.51
C VAL A 36 -4.08 -1.14 -5.96
N LEU A 37 -3.65 -0.18 -6.78
CA LEU A 37 -4.00 -0.11 -8.19
C LEU A 37 -2.75 -0.51 -8.97
N PHE A 38 -2.61 -1.82 -9.16
CA PHE A 38 -1.56 -2.41 -9.96
C PHE A 38 -1.65 -1.91 -11.41
N ALA A 39 -0.59 -2.15 -12.19
CA ALA A 39 -0.42 -1.71 -13.58
C ALA A 39 -0.17 -0.19 -13.61
N THR A 40 -1.03 0.58 -12.96
CA THR A 40 -0.84 2.01 -12.72
C THR A 40 0.28 2.31 -11.72
N GLU A 41 0.98 1.28 -11.21
CA GLU A 41 2.18 1.43 -10.40
C GLU A 41 1.90 2.18 -9.09
N LYS A 42 0.70 2.10 -8.51
CA LYS A 42 0.50 2.77 -7.23
C LYS A 42 -0.42 2.03 -6.28
N LEU A 43 -0.27 2.37 -5.01
CA LEU A 43 -1.07 1.91 -3.92
C LEU A 43 -1.36 3.14 -3.08
N VAL A 44 -2.54 3.17 -2.49
CA VAL A 44 -3.15 4.18 -1.66
C VAL A 44 -3.72 3.35 -0.50
N VAL A 45 -3.41 3.75 0.73
CA VAL A 45 -4.02 3.17 1.92
C VAL A 45 -4.80 4.28 2.60
N ASP A 46 -5.95 3.92 3.17
CA ASP A 46 -6.75 4.77 4.02
C ASP A 46 -6.65 4.15 5.40
N ALA A 47 -5.88 4.79 6.29
CA ALA A 47 -5.63 4.34 7.65
C ALA A 47 -5.92 5.52 8.56
N ASP A 48 -6.44 5.25 9.76
CA ASP A 48 -6.82 6.29 10.71
C ASP A 48 -5.93 6.20 11.93
N ASN A 49 -4.63 6.28 11.68
CA ASN A 49 -3.53 6.04 12.59
C ASN A 49 -2.29 5.96 11.70
N ASP A 50 -1.34 5.08 12.01
CA ASP A 50 0.02 5.25 11.55
C ASP A 50 0.61 3.91 11.12
N ILE A 51 0.77 3.71 9.81
CA ILE A 51 1.27 2.45 9.29
C ILE A 51 2.06 2.59 8.01
N ARG A 52 2.32 3.79 7.47
CA ARG A 52 2.87 3.85 6.10
C ARG A 52 4.20 3.13 6.05
N ALA A 53 5.06 3.46 7.00
CA ALA A 53 6.34 2.81 7.22
C ALA A 53 6.16 1.28 7.37
N GLN A 54 5.06 0.88 8.02
CA GLN A 54 4.64 -0.51 8.08
C GLN A 54 4.33 -1.06 6.68
N VAL A 55 3.51 -0.36 5.90
CA VAL A 55 3.13 -0.80 4.57
C VAL A 55 4.39 -1.03 3.76
N GLU A 56 5.26 -0.03 3.74
CA GLU A 56 6.43 -0.06 2.88
C GLU A 56 7.38 -1.16 3.31
N SER A 57 7.62 -1.30 4.61
CA SER A 57 8.27 -2.48 5.16
C SER A 57 7.60 -3.74 4.62
N ALA A 58 6.26 -3.82 4.70
CA ALA A 58 5.53 -5.03 4.37
C ALA A 58 5.73 -5.41 2.90
N LEU A 59 5.52 -4.44 2.01
CA LEU A 59 5.75 -4.60 0.58
C LEU A 59 7.20 -4.97 0.30
N GLN A 60 8.15 -4.31 0.97
CA GLN A 60 9.55 -4.61 0.81
C GLN A 60 9.86 -6.05 1.25
N LYS A 61 9.24 -6.51 2.34
CA LYS A 61 9.36 -7.90 2.77
C LYS A 61 8.75 -8.83 1.71
N ALA A 62 7.55 -8.51 1.22
CA ALA A 62 6.86 -9.29 0.20
C ALA A 62 7.69 -9.38 -1.08
N GLY A 63 8.40 -8.29 -1.42
CA GLY A 63 9.40 -8.24 -2.48
C GLY A 63 9.07 -7.16 -3.51
N TYR A 64 8.68 -5.96 -3.05
CA TYR A 64 8.37 -4.82 -3.90
C TYR A 64 9.27 -3.62 -3.55
N SER A 65 9.32 -2.66 -4.48
CA SER A 65 10.22 -1.53 -4.49
C SER A 65 9.44 -0.22 -4.52
N LEU A 66 8.61 0.00 -3.49
CA LEU A 66 7.81 1.22 -3.42
C LEU A 66 8.58 2.43 -2.89
N ARG A 67 7.96 3.60 -2.97
CA ARG A 67 8.50 4.85 -2.45
C ARG A 67 7.31 5.72 -2.06
N ASP A 68 7.43 6.44 -0.94
CA ASP A 68 6.40 7.34 -0.41
C ASP A 68 5.97 8.38 -1.45
N GLU A 69 4.65 8.56 -1.58
CA GLU A 69 4.05 9.63 -2.35
C GLU A 69 3.16 10.49 -1.45
N GLN A 70 3.79 11.10 -0.44
CA GLN A 70 3.16 12.12 0.39
C GLN A 70 1.99 11.56 1.21
N ALA A 71 1.31 12.43 1.98
CA ALA A 71 0.24 12.03 2.88
C ALA A 71 -1.08 12.48 2.24
N ALA A 72 -1.37 11.93 1.06
CA ALA A 72 -2.40 12.37 0.13
C ALA A 72 -1.95 13.62 -0.63
N GLU A 73 -1.50 14.61 0.12
CA GLU A 73 -0.77 15.79 -0.31
C GLU A 73 0.49 15.86 0.57
ZN ZN B . 2.70 -9.87 -11.07
N SER A 1 -12.35 11.63 10.23
CA SER A 1 -11.34 12.03 9.28
C SER A 1 -10.40 10.84 9.10
N GLY A 2 -10.48 10.16 7.95
CA GLY A 2 -9.50 9.16 7.57
C GLY A 2 -8.22 9.85 7.11
N THR A 3 -7.21 9.07 6.70
CA THR A 3 -5.94 9.59 6.23
C THR A 3 -5.54 8.76 5.02
N ARG A 4 -5.40 9.43 3.86
CA ARG A 4 -5.07 8.77 2.61
C ARG A 4 -3.56 8.88 2.42
N TYR A 5 -2.89 7.76 2.15
CA TYR A 5 -1.46 7.74 1.93
C TYR A 5 -1.18 6.93 0.68
N SER A 6 -0.22 7.34 -0.15
CA SER A 6 0.14 6.61 -1.37
C SER A 6 1.55 6.06 -1.32
N TRP A 7 1.79 5.01 -2.13
CA TRP A 7 3.13 4.56 -2.48
C TRP A 7 3.16 4.35 -3.98
N LYS A 8 4.29 4.70 -4.61
CA LYS A 8 4.55 4.46 -6.01
C LYS A 8 5.41 3.21 -6.08
N VAL A 9 5.11 2.31 -7.01
CA VAL A 9 5.76 1.00 -7.09
C VAL A 9 6.43 0.79 -8.45
N SER A 10 7.11 -0.33 -8.61
CA SER A 10 7.68 -0.77 -9.86
C SER A 10 7.79 -2.29 -9.82
N GLY A 11 6.65 -2.98 -9.98
CA GLY A 11 6.61 -4.44 -9.87
C GLY A 11 5.19 -5.02 -9.93
N MET A 12 4.20 -4.33 -9.35
CA MET A 12 2.80 -4.79 -9.42
C MET A 12 2.24 -4.66 -10.83
N ASP A 13 1.70 -5.75 -11.37
CA ASP A 13 1.23 -5.84 -12.75
C ASP A 13 -0.01 -6.74 -12.92
N CYS A 14 -0.50 -7.38 -11.84
CA CYS A 14 -1.51 -8.43 -11.91
C CYS A 14 -2.50 -8.25 -10.77
N ALA A 15 -3.73 -8.72 -10.95
CA ALA A 15 -4.74 -8.71 -9.90
C ALA A 15 -4.38 -9.68 -8.78
N ALA A 16 -3.72 -10.80 -9.09
CA ALA A 16 -3.27 -11.73 -8.07
C ALA A 16 -2.23 -11.03 -7.18
N CYS A 17 -1.21 -10.43 -7.81
CA CYS A 17 -0.22 -9.59 -7.16
C CYS A 17 -0.95 -8.55 -6.30
N ALA A 18 -1.85 -7.77 -6.91
CA ALA A 18 -2.65 -6.80 -6.19
C ALA A 18 -3.28 -7.42 -4.94
N ARG A 19 -3.98 -8.55 -5.07
CA ARG A 19 -4.63 -9.12 -3.91
C ARG A 19 -3.62 -9.49 -2.82
N LYS A 20 -2.46 -10.02 -3.24
CA LYS A 20 -1.44 -10.35 -2.27
C LYS A 20 -0.94 -9.08 -1.58
N VAL A 21 -0.77 -7.99 -2.32
CA VAL A 21 -0.31 -6.71 -1.80
C VAL A 21 -1.35 -6.12 -0.86
N GLU A 22 -2.63 -6.10 -1.26
CA GLU A 22 -3.66 -5.49 -0.45
C GLU A 22 -3.73 -6.24 0.87
N ASN A 23 -3.64 -7.56 0.82
CA ASN A 23 -3.57 -8.38 2.02
C ASN A 23 -2.29 -8.13 2.81
N ALA A 24 -1.14 -8.05 2.13
CA ALA A 24 0.17 -7.80 2.74
C ALA A 24 0.14 -6.58 3.64
N VAL A 25 -0.56 -5.52 3.20
CA VAL A 25 -0.72 -4.34 4.02
C VAL A 25 -1.92 -4.47 4.97
N ARG A 26 -3.06 -4.98 4.50
CA ARG A 26 -4.29 -4.99 5.30
C ARG A 26 -4.10 -5.74 6.61
N GLN A 27 -3.26 -6.78 6.60
CA GLN A 27 -2.94 -7.55 7.78
C GLN A 27 -2.31 -6.74 8.91
N LEU A 28 -1.79 -5.53 8.65
CA LEU A 28 -1.07 -4.75 9.65
C LEU A 28 -1.96 -4.40 10.86
N ALA A 29 -2.84 -3.40 10.72
CA ALA A 29 -3.69 -2.85 11.77
C ALA A 29 -4.33 -1.52 11.32
N GLY A 30 -3.53 -0.44 11.32
CA GLY A 30 -3.94 0.94 11.03
C GLY A 30 -4.82 1.09 9.80
N VAL A 31 -4.49 0.32 8.75
CA VAL A 31 -5.11 0.39 7.44
C VAL A 31 -6.55 -0.14 7.50
N ASN A 32 -7.49 0.71 7.09
CA ASN A 32 -8.91 0.42 7.13
C ASN A 32 -9.37 0.00 5.75
N GLN A 33 -9.26 0.92 4.77
CA GLN A 33 -9.61 0.64 3.39
C GLN A 33 -8.30 0.71 2.60
N VAL A 34 -7.81 -0.45 2.19
CA VAL A 34 -6.65 -0.54 1.31
C VAL A 34 -7.13 -0.41 -0.13
N GLN A 35 -6.30 0.20 -0.99
CA GLN A 35 -6.54 0.28 -2.43
C GLN A 35 -5.19 0.23 -3.16
N VAL A 36 -4.80 -0.95 -3.62
CA VAL A 36 -3.60 -1.14 -4.43
C VAL A 36 -4.03 -1.13 -5.90
N LEU A 37 -3.63 -0.09 -6.65
CA LEU A 37 -3.94 0.02 -8.07
C LEU A 37 -2.70 -0.43 -8.85
N PHE A 38 -2.60 -1.75 -9.00
CA PHE A 38 -1.58 -2.37 -9.84
C PHE A 38 -1.69 -1.88 -11.28
N ALA A 39 -0.67 -2.17 -12.09
CA ALA A 39 -0.57 -1.73 -13.49
C ALA A 39 -0.29 -0.23 -13.54
N THR A 40 -1.20 0.59 -13.01
CA THR A 40 -1.00 2.03 -12.87
C THR A 40 -0.12 2.32 -11.64
N GLU A 41 0.99 1.57 -11.55
CA GLU A 41 2.05 1.54 -10.55
C GLU A 41 1.83 2.28 -9.21
N LYS A 42 0.68 2.15 -8.53
CA LYS A 42 0.53 2.83 -7.25
C LYS A 42 -0.42 2.12 -6.31
N LEU A 43 -0.30 2.49 -5.04
CA LEU A 43 -1.11 2.00 -3.98
C LEU A 43 -1.46 3.21 -3.15
N VAL A 44 -2.65 3.18 -2.53
CA VAL A 44 -3.30 4.12 -1.69
C VAL A 44 -3.81 3.31 -0.50
N VAL A 45 -3.65 3.86 0.69
CA VAL A 45 -4.05 3.30 1.96
C VAL A 45 -4.94 4.35 2.59
N ASP A 46 -6.09 3.96 3.11
CA ASP A 46 -6.91 4.82 3.95
C ASP A 46 -6.78 4.20 5.34
N ALA A 47 -6.03 4.87 6.21
CA ALA A 47 -5.69 4.39 7.54
C ALA A 47 -6.07 5.47 8.55
N ASP A 48 -6.59 5.04 9.71
CA ASP A 48 -7.02 5.96 10.76
C ASP A 48 -6.22 5.60 12.01
N ASN A 49 -4.90 5.63 11.84
CA ASN A 49 -3.89 5.52 12.89
C ASN A 49 -2.63 6.05 12.23
N ASP A 50 -1.77 5.14 11.76
CA ASP A 50 -0.58 5.38 10.98
C ASP A 50 0.12 4.04 10.85
N ILE A 51 0.46 3.65 9.62
CA ILE A 51 1.08 2.36 9.30
C ILE A 51 1.91 2.44 8.02
N ARG A 52 2.21 3.62 7.51
CA ARG A 52 2.78 3.77 6.16
C ARG A 52 4.14 3.10 6.11
N ALA A 53 4.97 3.46 7.09
CA ALA A 53 6.28 2.86 7.26
C ALA A 53 6.16 1.35 7.44
N GLN A 54 5.00 0.88 7.92
CA GLN A 54 4.65 -0.52 8.05
C GLN A 54 4.27 -1.12 6.69
N VAL A 55 3.44 -0.44 5.90
CA VAL A 55 3.05 -0.82 4.54
C VAL A 55 4.31 -1.06 3.73
N GLU A 56 5.16 -0.04 3.66
CA GLU A 56 6.33 -0.11 2.82
C GLU A 56 7.24 -1.24 3.26
N SER A 57 7.44 -1.40 4.57
CA SER A 57 8.08 -2.61 5.10
C SER A 57 7.40 -3.86 4.55
N ALA A 58 6.06 -3.92 4.62
CA ALA A 58 5.32 -5.13 4.28
C ALA A 58 5.54 -5.50 2.82
N LEU A 59 5.36 -4.52 1.93
CA LEU A 59 5.62 -4.67 0.51
C LEU A 59 7.07 -5.04 0.26
N GLN A 60 8.00 -4.40 0.96
CA GLN A 60 9.41 -4.70 0.84
C GLN A 60 9.70 -6.14 1.25
N LYS A 61 9.05 -6.65 2.30
CA LYS A 61 9.14 -8.05 2.68
C LYS A 61 8.53 -8.93 1.58
N ALA A 62 7.35 -8.57 1.07
CA ALA A 62 6.69 -9.30 0.01
C ALA A 62 7.54 -9.35 -1.26
N GLY A 63 8.28 -8.27 -1.53
CA GLY A 63 9.30 -8.20 -2.57
C GLY A 63 9.03 -7.11 -3.61
N TYR A 64 8.54 -5.95 -3.17
CA TYR A 64 8.32 -4.79 -4.02
C TYR A 64 9.23 -3.65 -3.57
N SER A 65 9.70 -2.85 -4.54
CA SER A 65 10.62 -1.75 -4.31
C SER A 65 9.86 -0.45 -4.51
N LEU A 66 8.90 -0.18 -3.61
CA LEU A 66 8.09 1.01 -3.68
C LEU A 66 8.80 2.22 -3.12
N ARG A 67 8.12 3.37 -3.11
CA ARG A 67 8.61 4.56 -2.45
C ARG A 67 7.42 5.31 -1.86
N ASP A 68 7.65 5.89 -0.68
CA ASP A 68 6.70 6.65 0.10
C ASP A 68 6.20 7.87 -0.68
N GLU A 69 4.88 7.92 -0.89
CA GLU A 69 4.19 9.13 -1.32
C GLU A 69 2.94 9.30 -0.48
N GLN A 70 3.14 9.47 0.84
CA GLN A 70 2.08 10.05 1.64
C GLN A 70 1.75 11.44 1.09
N ALA A 71 0.53 11.85 1.39
CA ALA A 71 0.00 13.13 0.95
C ALA A 71 -1.19 13.48 1.84
N ALA A 72 -2.20 12.61 1.82
CA ALA A 72 -3.45 12.85 2.50
C ALA A 72 -4.16 14.08 1.92
N GLU A 73 -5.32 14.42 2.48
CA GLU A 73 -6.23 15.44 2.01
C GLU A 73 -6.34 15.48 0.47
ZN ZN B . 2.70 -9.46 -11.14
N SER A 1 -13.36 10.17 6.77
CA SER A 1 -12.76 11.00 7.82
C SER A 1 -11.49 10.37 8.40
N GLY A 2 -10.54 10.01 7.54
CA GLY A 2 -9.27 9.40 7.91
C GLY A 2 -8.12 10.16 7.24
N THR A 3 -7.05 9.44 6.88
CA THR A 3 -5.97 9.96 6.07
C THR A 3 -5.91 9.10 4.82
N ARG A 4 -5.32 9.60 3.73
CA ARG A 4 -5.06 8.81 2.53
C ARG A 4 -3.56 8.91 2.26
N TYR A 5 -2.90 7.78 2.07
CA TYR A 5 -1.48 7.67 1.78
C TYR A 5 -1.33 6.92 0.47
N SER A 6 -0.29 7.21 -0.32
CA SER A 6 0.04 6.49 -1.54
C SER A 6 1.49 6.06 -1.50
N TRP A 7 1.80 5.03 -2.29
CA TRP A 7 3.17 4.70 -2.63
C TRP A 7 3.21 4.43 -4.11
N LYS A 8 4.31 4.82 -4.76
CA LYS A 8 4.58 4.48 -6.15
C LYS A 8 5.54 3.31 -6.11
N VAL A 9 5.35 2.34 -7.00
CA VAL A 9 6.11 1.10 -7.00
C VAL A 9 6.62 0.82 -8.42
N SER A 10 7.44 -0.21 -8.57
CA SER A 10 7.83 -0.75 -9.86
C SER A 10 7.80 -2.27 -9.69
N GLY A 11 6.68 -2.89 -10.05
CA GLY A 11 6.49 -4.33 -9.84
C GLY A 11 5.04 -4.76 -10.02
N MET A 12 4.11 -4.11 -9.31
CA MET A 12 2.70 -4.53 -9.28
C MET A 12 2.03 -4.51 -10.66
N ASP A 13 1.67 -5.69 -11.17
CA ASP A 13 1.40 -5.98 -12.57
C ASP A 13 0.16 -6.86 -12.81
N CYS A 14 -0.36 -7.54 -11.78
CA CYS A 14 -1.45 -8.52 -11.90
C CYS A 14 -2.46 -8.28 -10.78
N ALA A 15 -3.70 -8.75 -11.00
CA ALA A 15 -4.74 -8.71 -9.97
C ALA A 15 -4.42 -9.67 -8.82
N ALA A 16 -3.77 -10.80 -9.11
CA ALA A 16 -3.34 -11.72 -8.06
C ALA A 16 -2.33 -11.04 -7.15
N CYS A 17 -1.28 -10.47 -7.77
CA CYS A 17 -0.28 -9.63 -7.12
C CYS A 17 -1.00 -8.56 -6.29
N ALA A 18 -1.91 -7.81 -6.92
CA ALA A 18 -2.75 -6.84 -6.23
C ALA A 18 -3.38 -7.44 -4.97
N ARG A 19 -4.13 -8.54 -5.08
CA ARG A 19 -4.80 -9.11 -3.92
C ARG A 19 -3.79 -9.48 -2.83
N LYS A 20 -2.63 -10.05 -3.21
CA LYS A 20 -1.62 -10.38 -2.23
C LYS A 20 -1.08 -9.11 -1.56
N VAL A 21 -0.86 -8.04 -2.33
CA VAL A 21 -0.34 -6.79 -1.81
C VAL A 21 -1.36 -6.18 -0.86
N GLU A 22 -2.62 -6.02 -1.31
CA GLU A 22 -3.65 -5.42 -0.49
C GLU A 22 -3.82 -6.22 0.80
N ASN A 23 -3.79 -7.55 0.72
CA ASN A 23 -3.84 -8.39 1.91
C ASN A 23 -2.64 -8.15 2.81
N ALA A 24 -1.43 -8.21 2.23
CA ALA A 24 -0.16 -8.06 2.93
C ALA A 24 -0.09 -6.74 3.70
N VAL A 25 -0.72 -5.70 3.19
CA VAL A 25 -0.87 -4.46 3.97
C VAL A 25 -2.07 -4.54 4.91
N ARG A 26 -3.23 -5.03 4.45
CA ARG A 26 -4.45 -5.04 5.23
C ARG A 26 -4.25 -5.75 6.58
N GLN A 27 -3.42 -6.80 6.60
CA GLN A 27 -3.10 -7.54 7.81
C GLN A 27 -2.52 -6.69 8.94
N LEU A 28 -1.99 -5.49 8.66
CA LEU A 28 -1.22 -4.75 9.65
C LEU A 28 -2.06 -4.37 10.88
N ALA A 29 -2.96 -3.40 10.73
CA ALA A 29 -3.80 -2.83 11.78
C ALA A 29 -4.42 -1.50 11.33
N GLY A 30 -3.60 -0.44 11.30
CA GLY A 30 -3.99 0.94 11.01
C GLY A 30 -4.91 1.08 9.79
N VAL A 31 -4.58 0.32 8.75
CA VAL A 31 -5.22 0.34 7.45
C VAL A 31 -6.68 -0.11 7.54
N ASN A 32 -7.58 0.76 7.07
CA ASN A 32 -9.02 0.58 7.13
C ASN A 32 -9.52 0.22 5.74
N GLN A 33 -9.36 1.14 4.78
CA GLN A 33 -9.71 0.91 3.39
C GLN A 33 -8.40 0.86 2.61
N VAL A 34 -8.02 -0.34 2.18
CA VAL A 34 -6.89 -0.54 1.30
C VAL A 34 -7.37 -0.34 -0.15
N GLN A 35 -6.51 0.17 -1.03
CA GLN A 35 -6.80 0.31 -2.45
C GLN A 35 -5.48 0.23 -3.22
N VAL A 36 -5.13 -0.95 -3.75
CA VAL A 36 -3.92 -1.11 -4.51
C VAL A 36 -4.23 -1.07 -6.00
N LEU A 37 -3.83 -0.01 -6.71
CA LEU A 37 -4.04 0.08 -8.15
C LEU A 37 -2.75 -0.37 -8.81
N PHE A 38 -2.68 -1.68 -9.03
CA PHE A 38 -1.62 -2.31 -9.79
C PHE A 38 -1.67 -1.85 -11.25
N ALA A 39 -0.66 -2.21 -12.04
CA ALA A 39 -0.48 -1.80 -13.44
C ALA A 39 -0.14 -0.31 -13.48
N THR A 40 -1.07 0.55 -13.06
CA THR A 40 -0.83 1.97 -12.84
C THR A 40 -0.12 2.17 -11.50
N GLU A 41 0.95 1.39 -11.29
CA GLU A 41 1.90 1.29 -10.19
C GLU A 41 1.70 2.16 -8.92
N LYS A 42 0.50 2.17 -8.32
CA LYS A 42 0.20 3.13 -7.28
C LYS A 42 -0.72 2.45 -6.26
N LEU A 43 -0.20 2.26 -5.05
CA LEU A 43 -0.98 1.71 -3.97
C LEU A 43 -1.44 2.90 -3.16
N VAL A 44 -2.64 2.82 -2.57
CA VAL A 44 -3.29 3.78 -1.74
C VAL A 44 -3.77 3.01 -0.51
N VAL A 45 -3.61 3.63 0.64
CA VAL A 45 -4.00 3.13 1.93
C VAL A 45 -4.79 4.25 2.59
N ASP A 46 -5.98 3.94 3.11
CA ASP A 46 -6.70 4.83 4.01
C ASP A 46 -6.55 4.16 5.36
N ALA A 47 -5.76 4.78 6.25
CA ALA A 47 -5.47 4.28 7.58
C ALA A 47 -5.74 5.39 8.56
N ASP A 48 -6.34 5.03 9.70
CA ASP A 48 -6.73 5.98 10.72
C ASP A 48 -5.98 5.60 11.99
N ASN A 49 -4.66 5.53 11.85
CA ASN A 49 -3.69 5.39 12.93
C ASN A 49 -2.39 5.92 12.35
N ASP A 50 -1.60 5.03 11.74
CA ASP A 50 -0.35 5.24 11.02
C ASP A 50 0.26 3.85 10.86
N ILE A 51 0.56 3.46 9.62
CA ILE A 51 1.13 2.15 9.29
C ILE A 51 1.91 2.21 7.98
N ARG A 52 2.34 3.40 7.56
CA ARG A 52 2.90 3.56 6.21
C ARG A 52 4.24 2.85 6.18
N ALA A 53 5.06 3.17 7.17
CA ALA A 53 6.33 2.50 7.42
C ALA A 53 6.12 0.97 7.49
N GLN A 54 5.05 0.53 8.15
CA GLN A 54 4.64 -0.87 8.13
C GLN A 54 4.36 -1.36 6.70
N VAL A 55 3.55 -0.64 5.94
CA VAL A 55 3.18 -1.00 4.58
C VAL A 55 4.46 -1.18 3.76
N GLU A 56 5.30 -0.15 3.74
CA GLU A 56 6.50 -0.18 2.93
C GLU A 56 7.41 -1.31 3.38
N SER A 57 7.56 -1.49 4.71
CA SER A 57 8.25 -2.65 5.24
C SER A 57 7.61 -3.96 4.76
N ALA A 58 6.28 -4.01 4.64
CA ALA A 58 5.56 -5.21 4.26
C ALA A 58 5.81 -5.53 2.79
N LEU A 59 5.57 -4.55 1.91
CA LEU A 59 5.85 -4.66 0.48
C LEU A 59 7.31 -4.99 0.24
N GLN A 60 8.22 -4.33 0.95
CA GLN A 60 9.64 -4.59 0.84
C GLN A 60 9.94 -6.03 1.27
N LYS A 61 9.31 -6.51 2.35
CA LYS A 61 9.42 -7.91 2.73
C LYS A 61 8.91 -8.83 1.60
N ALA A 62 7.73 -8.52 1.05
CA ALA A 62 7.11 -9.32 0.01
C ALA A 62 7.96 -9.35 -1.26
N GLY A 63 8.62 -8.24 -1.57
CA GLY A 63 9.62 -8.12 -2.62
C GLY A 63 9.26 -7.05 -3.65
N TYR A 64 8.72 -5.92 -3.20
CA TYR A 64 8.45 -4.75 -4.02
C TYR A 64 9.37 -3.61 -3.62
N SER A 65 9.56 -2.65 -4.52
CA SER A 65 10.40 -1.49 -4.34
C SER A 65 9.52 -0.24 -4.43
N LEU A 66 8.70 0.00 -3.41
CA LEU A 66 7.89 1.21 -3.36
C LEU A 66 8.66 2.42 -2.84
N ARG A 67 8.06 3.59 -2.99
CA ARG A 67 8.53 4.82 -2.40
C ARG A 67 7.33 5.56 -1.82
N ASP A 68 7.48 6.07 -0.59
CA ASP A 68 6.51 6.87 0.14
C ASP A 68 6.04 8.07 -0.69
N GLU A 69 4.74 8.10 -0.99
CA GLU A 69 4.04 9.30 -1.42
C GLU A 69 2.77 9.48 -0.57
N GLN A 70 2.94 9.61 0.74
CA GLN A 70 1.91 10.24 1.56
C GLN A 70 1.54 11.62 1.04
N ALA A 71 0.47 12.15 1.63
CA ALA A 71 -0.10 13.44 1.29
C ALA A 71 -0.32 13.58 -0.23
N ALA A 72 -0.77 12.49 -0.86
CA ALA A 72 -1.07 12.46 -2.27
C ALA A 72 -2.20 13.44 -2.58
N GLU A 73 -2.04 14.25 -3.62
CA GLU A 73 -3.13 15.00 -4.22
C GLU A 73 -3.85 14.05 -5.18
ZN ZN B . 2.51 -10.16 -11.24
N SER A 1 -11.78 11.38 10.64
CA SER A 1 -10.49 11.85 10.18
C SER A 1 -9.62 10.67 9.75
N GLY A 2 -9.90 10.13 8.56
CA GLY A 2 -9.03 9.13 7.94
C GLY A 2 -7.73 9.78 7.49
N THR A 3 -6.78 8.97 7.03
CA THR A 3 -5.59 9.49 6.38
C THR A 3 -5.21 8.57 5.25
N ARG A 4 -5.31 9.09 4.02
CA ARG A 4 -4.94 8.35 2.84
C ARG A 4 -3.50 8.70 2.54
N TYR A 5 -2.67 7.68 2.63
CA TYR A 5 -1.30 7.69 2.18
C TYR A 5 -1.23 6.99 0.80
N SER A 6 -0.14 7.20 0.04
CA SER A 6 0.07 6.53 -1.23
C SER A 6 1.53 6.13 -1.38
N TRP A 7 1.76 5.15 -2.26
CA TRP A 7 3.07 4.71 -2.70
C TRP A 7 3.06 4.43 -4.18
N LYS A 8 4.20 4.69 -4.81
CA LYS A 8 4.44 4.48 -6.23
C LYS A 8 5.20 3.15 -6.33
N VAL A 9 4.63 2.13 -6.97
CA VAL A 9 5.11 0.74 -6.86
C VAL A 9 5.57 0.17 -8.20
N SER A 10 6.88 0.26 -8.46
CA SER A 10 7.44 -0.21 -9.71
C SER A 10 7.61 -1.72 -9.66
N GLY A 11 6.52 -2.45 -9.91
CA GLY A 11 6.55 -3.90 -9.95
C GLY A 11 5.18 -4.52 -10.16
N MET A 12 4.17 -4.03 -9.43
CA MET A 12 2.84 -4.64 -9.38
C MET A 12 2.15 -4.66 -10.75
N ASP A 13 1.82 -5.86 -11.22
CA ASP A 13 1.58 -6.20 -12.61
C ASP A 13 0.36 -7.13 -12.82
N CYS A 14 -0.13 -7.80 -11.77
CA CYS A 14 -1.22 -8.76 -11.86
C CYS A 14 -2.24 -8.48 -10.75
N ALA A 15 -3.49 -8.87 -10.99
CA ALA A 15 -4.54 -8.76 -9.99
C ALA A 15 -4.27 -9.68 -8.80
N ALA A 16 -3.63 -10.83 -9.03
CA ALA A 16 -3.26 -11.73 -7.94
C ALA A 16 -2.22 -11.06 -7.04
N CYS A 17 -1.19 -10.47 -7.67
CA CYS A 17 -0.17 -9.69 -7.01
C CYS A 17 -0.87 -8.59 -6.19
N ALA A 18 -1.74 -7.80 -6.84
CA ALA A 18 -2.57 -6.82 -6.16
C ALA A 18 -3.25 -7.41 -4.93
N ARG A 19 -4.03 -8.49 -5.08
CA ARG A 19 -4.77 -9.05 -3.97
C ARG A 19 -3.84 -9.47 -2.83
N LYS A 20 -2.69 -10.05 -3.16
CA LYS A 20 -1.73 -10.43 -2.14
C LYS A 20 -1.19 -9.18 -1.44
N VAL A 21 -0.92 -8.10 -2.18
CA VAL A 21 -0.42 -6.88 -1.59
C VAL A 21 -1.49 -6.26 -0.70
N GLU A 22 -2.70 -6.06 -1.22
CA GLU A 22 -3.77 -5.42 -0.47
C GLU A 22 -4.02 -6.21 0.82
N ASN A 23 -4.03 -7.54 0.74
CA ASN A 23 -4.13 -8.41 1.90
C ASN A 23 -2.96 -8.19 2.85
N ALA A 24 -1.74 -8.28 2.32
CA ALA A 24 -0.49 -8.18 3.08
C ALA A 24 -0.41 -6.87 3.86
N VAL A 25 -0.93 -5.77 3.31
CA VAL A 25 -1.04 -4.54 4.08
C VAL A 25 -2.26 -4.60 5.00
N ARG A 26 -3.42 -5.03 4.50
CA ARG A 26 -4.66 -5.02 5.27
C ARG A 26 -4.50 -5.75 6.60
N GLN A 27 -3.75 -6.85 6.61
CA GLN A 27 -3.49 -7.62 7.83
C GLN A 27 -2.82 -6.81 8.95
N LEU A 28 -2.19 -5.66 8.66
CA LEU A 28 -1.42 -4.93 9.65
C LEU A 28 -2.26 -4.52 10.86
N ALA A 29 -3.14 -3.52 10.69
CA ALA A 29 -4.06 -2.97 11.69
C ALA A 29 -4.57 -1.59 11.25
N GLY A 30 -3.66 -0.61 11.19
CA GLY A 30 -3.93 0.80 10.87
C GLY A 30 -4.88 0.99 9.69
N VAL A 31 -4.64 0.21 8.63
CA VAL A 31 -5.28 0.30 7.35
C VAL A 31 -6.75 -0.14 7.42
N ASN A 32 -7.63 0.77 7.03
CA ASN A 32 -9.07 0.57 7.00
C ASN A 32 -9.49 0.26 5.58
N GLN A 33 -9.23 1.19 4.67
CA GLN A 33 -9.59 1.06 3.26
C GLN A 33 -8.30 1.01 2.46
N VAL A 34 -7.98 -0.17 1.93
CA VAL A 34 -6.82 -0.37 1.08
C VAL A 34 -7.25 -0.25 -0.38
N GLN A 35 -6.42 0.38 -1.21
CA GLN A 35 -6.64 0.50 -2.65
C GLN A 35 -5.29 0.38 -3.34
N VAL A 36 -4.89 -0.84 -3.74
CA VAL A 36 -3.69 -1.06 -4.51
C VAL A 36 -4.07 -1.13 -5.99
N LEU A 37 -3.61 -0.17 -6.79
CA LEU A 37 -3.86 -0.10 -8.22
C LEU A 37 -2.58 -0.49 -8.95
N PHE A 38 -2.42 -1.80 -9.14
CA PHE A 38 -1.36 -2.40 -9.93
C PHE A 38 -1.46 -1.93 -11.38
N ALA A 39 -0.41 -2.19 -12.17
CA ALA A 39 -0.25 -1.76 -13.56
C ALA A 39 -0.03 -0.25 -13.62
N THR A 40 -0.95 0.52 -13.05
CA THR A 40 -0.87 1.96 -12.88
C THR A 40 0.18 2.37 -11.83
N GLU A 41 0.90 1.41 -11.22
CA GLU A 41 2.09 1.65 -10.43
C GLU A 41 1.76 2.46 -9.16
N LYS A 42 0.58 2.31 -8.53
CA LYS A 42 0.33 3.07 -7.32
C LYS A 42 -0.63 2.37 -6.38
N LEU A 43 -0.37 2.51 -5.09
CA LEU A 43 -1.15 1.96 -4.03
C LEU A 43 -1.48 3.10 -3.09
N VAL A 44 -2.71 3.16 -2.59
CA VAL A 44 -3.28 4.08 -1.65
C VAL A 44 -3.80 3.26 -0.48
N VAL A 45 -3.65 3.80 0.72
CA VAL A 45 -3.95 3.14 1.97
C VAL A 45 -4.59 4.20 2.85
N ASP A 46 -5.86 4.00 3.24
CA ASP A 46 -6.57 4.89 4.14
C ASP A 46 -6.48 4.25 5.50
N ALA A 47 -5.67 4.84 6.36
CA ALA A 47 -5.29 4.26 7.63
C ALA A 47 -5.53 5.26 8.74
N ASP A 48 -6.35 4.90 9.73
CA ASP A 48 -6.71 5.81 10.80
C ASP A 48 -5.86 5.45 12.01
N ASN A 49 -4.54 5.45 11.80
CA ASN A 49 -3.53 5.32 12.83
C ASN A 49 -2.25 5.86 12.20
N ASP A 50 -1.39 4.95 11.74
CA ASP A 50 -0.17 5.20 11.00
C ASP A 50 0.46 3.84 10.75
N ILE A 51 0.38 3.37 9.51
CA ILE A 51 0.97 2.09 9.13
C ILE A 51 1.72 2.18 7.81
N ARG A 52 1.65 3.25 7.03
CA ARG A 52 2.48 3.39 5.84
C ARG A 52 3.91 2.88 6.04
N ALA A 53 4.57 3.27 7.13
CA ALA A 53 5.93 2.84 7.41
C ALA A 53 6.00 1.32 7.65
N GLN A 54 4.90 0.72 8.12
CA GLN A 54 4.69 -0.71 8.10
C GLN A 54 4.47 -1.21 6.67
N VAL A 55 3.58 -0.59 5.89
CA VAL A 55 3.27 -1.00 4.54
C VAL A 55 4.56 -1.10 3.73
N GLU A 56 5.34 -0.03 3.74
CA GLU A 56 6.50 0.09 2.88
C GLU A 56 7.51 -0.99 3.23
N SER A 57 7.83 -1.10 4.52
CA SER A 57 8.57 -2.22 5.06
C SER A 57 7.97 -3.56 4.58
N ALA A 58 6.65 -3.70 4.67
CA ALA A 58 5.95 -4.97 4.43
C ALA A 58 6.05 -5.38 2.97
N LEU A 59 5.79 -4.45 2.06
CA LEU A 59 5.93 -4.65 0.62
C LEU A 59 7.38 -4.97 0.30
N GLN A 60 8.31 -4.21 0.87
CA GLN A 60 9.72 -4.49 0.64
C GLN A 60 10.04 -5.93 1.06
N LYS A 61 9.61 -6.30 2.27
CA LYS A 61 9.76 -7.65 2.80
C LYS A 61 9.12 -8.69 1.89
N ALA A 62 7.90 -8.44 1.43
CA ALA A 62 7.15 -9.31 0.53
C ALA A 62 7.86 -9.43 -0.83
N GLY A 63 8.59 -8.38 -1.22
CA GLY A 63 9.49 -8.39 -2.37
C GLY A 63 9.03 -7.40 -3.44
N TYR A 64 8.72 -6.17 -3.04
CA TYR A 64 8.34 -5.09 -3.94
C TYR A 64 9.28 -3.90 -3.74
N SER A 65 9.11 -2.87 -4.55
CA SER A 65 9.83 -1.62 -4.45
C SER A 65 8.83 -0.49 -4.65
N LEU A 66 8.16 -0.10 -3.55
CA LEU A 66 7.36 1.11 -3.50
C LEU A 66 8.21 2.34 -3.20
N ARG A 67 7.66 3.53 -3.43
CA ARG A 67 8.28 4.79 -3.07
C ARG A 67 7.26 5.63 -2.33
N ASP A 68 7.68 6.23 -1.22
CA ASP A 68 6.97 7.13 -0.32
C ASP A 68 6.18 8.19 -1.08
N GLU A 69 4.84 8.13 -0.97
CA GLU A 69 3.93 9.15 -1.48
C GLU A 69 2.92 9.48 -0.37
N GLN A 70 3.44 9.89 0.78
CA GLN A 70 2.60 10.48 1.82
C GLN A 70 2.03 11.80 1.31
N ALA A 71 0.88 12.20 1.87
CA ALA A 71 0.13 13.39 1.51
C ALA A 71 -0.42 13.30 0.08
N ALA A 72 -1.68 12.85 -0.05
CA ALA A 72 -2.40 12.78 -1.30
C ALA A 72 -2.26 14.01 -2.20
N GLU A 73 -2.40 15.19 -1.62
CA GLU A 73 -2.34 16.50 -2.23
C GLU A 73 -1.74 17.37 -1.13
ZN ZN B . 2.72 -10.30 -11.01
N SER A 1 -11.53 12.12 9.00
CA SER A 1 -12.03 10.90 8.38
C SER A 1 -11.03 9.75 8.48
N GLY A 2 -9.73 10.06 8.42
CA GLY A 2 -8.64 9.11 8.44
C GLY A 2 -7.42 9.83 7.87
N THR A 3 -6.36 9.08 7.49
CA THR A 3 -5.24 9.61 6.74
C THR A 3 -5.15 8.78 5.48
N ARG A 4 -5.06 9.43 4.33
CA ARG A 4 -4.75 8.75 3.10
C ARG A 4 -3.26 8.91 2.85
N TYR A 5 -2.57 7.80 2.64
CA TYR A 5 -1.19 7.76 2.21
C TYR A 5 -1.11 7.02 0.87
N SER A 6 -0.05 7.23 0.09
CA SER A 6 0.15 6.57 -1.21
C SER A 6 1.62 6.22 -1.40
N TRP A 7 1.82 5.19 -2.22
CA TRP A 7 3.10 4.69 -2.65
C TRP A 7 3.04 4.38 -4.13
N LYS A 8 4.10 4.72 -4.84
CA LYS A 8 4.31 4.37 -6.24
C LYS A 8 5.17 3.11 -6.22
N VAL A 9 4.78 2.07 -6.95
CA VAL A 9 5.32 0.72 -6.82
C VAL A 9 5.74 0.11 -8.16
N SER A 10 7.01 0.32 -8.51
CA SER A 10 7.54 -0.09 -9.81
C SER A 10 7.85 -1.58 -9.78
N GLY A 11 6.81 -2.42 -9.97
CA GLY A 11 6.95 -3.86 -9.95
C GLY A 11 5.62 -4.60 -10.14
N MET A 12 4.53 -4.07 -9.59
CA MET A 12 3.22 -4.72 -9.62
C MET A 12 2.65 -4.83 -11.04
N ASP A 13 2.29 -6.06 -11.44
CA ASP A 13 1.92 -6.42 -12.81
C ASP A 13 0.66 -7.29 -12.93
N CYS A 14 0.13 -7.84 -11.82
CA CYS A 14 -0.85 -8.91 -11.85
C CYS A 14 -1.96 -8.62 -10.82
N ALA A 15 -3.18 -9.03 -11.14
CA ALA A 15 -4.30 -8.94 -10.20
C ALA A 15 -4.01 -9.76 -8.94
N ALA A 16 -3.39 -10.94 -9.10
CA ALA A 16 -3.02 -11.77 -7.97
C ALA A 16 -2.06 -11.03 -7.05
N CYS A 17 -0.99 -10.45 -7.62
CA CYS A 17 -0.05 -9.58 -6.93
C CYS A 17 -0.83 -8.50 -6.19
N ALA A 18 -1.68 -7.76 -6.91
CA ALA A 18 -2.51 -6.72 -6.31
C ALA A 18 -3.25 -7.23 -5.08
N ARG A 19 -3.95 -8.36 -5.21
CA ARG A 19 -4.72 -8.90 -4.11
C ARG A 19 -3.82 -9.29 -2.95
N LYS A 20 -2.72 -9.98 -3.25
CA LYS A 20 -1.80 -10.44 -2.23
C LYS A 20 -1.23 -9.24 -1.48
N VAL A 21 -0.91 -8.16 -2.20
CA VAL A 21 -0.45 -6.92 -1.62
C VAL A 21 -1.55 -6.37 -0.72
N GLU A 22 -2.77 -6.17 -1.25
CA GLU A 22 -3.79 -5.50 -0.47
C GLU A 22 -4.07 -6.28 0.82
N ASN A 23 -4.09 -7.61 0.74
CA ASN A 23 -4.15 -8.48 1.89
C ASN A 23 -2.94 -8.26 2.83
N ALA A 24 -1.73 -8.35 2.27
CA ALA A 24 -0.47 -8.25 3.00
C ALA A 24 -0.34 -6.94 3.78
N VAL A 25 -0.96 -5.86 3.28
CA VAL A 25 -1.02 -4.60 4.01
C VAL A 25 -2.24 -4.59 4.94
N ARG A 26 -3.42 -5.05 4.47
CA ARG A 26 -4.65 -5.04 5.25
C ARG A 26 -4.48 -5.72 6.60
N GLN A 27 -3.70 -6.81 6.64
CA GLN A 27 -3.45 -7.56 7.85
C GLN A 27 -2.82 -6.75 8.99
N LEU A 28 -2.22 -5.58 8.71
CA LEU A 28 -1.47 -4.83 9.70
C LEU A 28 -2.32 -4.45 10.93
N ALA A 29 -3.20 -3.47 10.78
CA ALA A 29 -4.07 -2.88 11.81
C ALA A 29 -4.59 -1.50 11.40
N GLY A 30 -3.71 -0.49 11.41
CA GLY A 30 -3.99 0.91 11.12
C GLY A 30 -4.92 1.13 9.92
N VAL A 31 -4.71 0.31 8.89
CA VAL A 31 -5.35 0.39 7.60
C VAL A 31 -6.83 0.03 7.69
N ASN A 32 -7.68 0.94 7.21
CA ASN A 32 -9.12 0.79 7.18
C ASN A 32 -9.53 0.34 5.78
N GLN A 33 -9.12 1.10 4.76
CA GLN A 33 -9.36 0.77 3.37
C GLN A 33 -8.01 0.62 2.66
N VAL A 34 -7.91 -0.39 1.81
CA VAL A 34 -6.79 -0.65 0.95
C VAL A 34 -7.20 -0.33 -0.48
N GLN A 35 -6.29 0.26 -1.26
CA GLN A 35 -6.52 0.52 -2.66
C GLN A 35 -5.20 0.36 -3.42
N VAL A 36 -4.88 -0.88 -3.77
CA VAL A 36 -3.72 -1.27 -4.55
C VAL A 36 -4.14 -1.33 -6.02
N LEU A 37 -3.82 -0.29 -6.80
CA LEU A 37 -4.08 -0.26 -8.22
C LEU A 37 -2.77 -0.63 -8.92
N PHE A 38 -2.56 -1.94 -9.04
CA PHE A 38 -1.46 -2.52 -9.79
C PHE A 38 -1.52 -2.08 -11.25
N ALA A 39 -0.42 -2.28 -12.00
CA ALA A 39 -0.26 -1.87 -13.40
C ALA A 39 -0.13 -0.35 -13.51
N THR A 40 -1.08 0.39 -12.94
CA THR A 40 -1.01 1.84 -12.75
C THR A 40 0.08 2.24 -11.74
N GLU A 41 0.76 1.28 -11.12
CA GLU A 41 1.97 1.50 -10.34
C GLU A 41 1.69 2.26 -9.04
N LYS A 42 0.50 2.12 -8.42
CA LYS A 42 0.23 2.88 -7.20
C LYS A 42 -0.70 2.15 -6.26
N LEU A 43 -0.36 2.25 -4.98
CA LEU A 43 -1.12 1.76 -3.86
C LEU A 43 -1.40 2.97 -2.97
N VAL A 44 -2.64 3.07 -2.51
CA VAL A 44 -3.20 4.06 -1.64
C VAL A 44 -3.76 3.28 -0.46
N VAL A 45 -3.45 3.75 0.74
CA VAL A 45 -3.85 3.18 2.00
C VAL A 45 -4.59 4.27 2.75
N ASP A 46 -5.81 3.98 3.22
CA ASP A 46 -6.58 4.88 4.05
C ASP A 46 -6.53 4.27 5.44
N ALA A 47 -5.74 4.88 6.33
CA ALA A 47 -5.46 4.38 7.66
C ALA A 47 -5.75 5.49 8.66
N ASP A 48 -6.39 5.15 9.78
CA ASP A 48 -6.64 6.10 10.85
C ASP A 48 -5.83 5.69 12.08
N ASN A 49 -4.51 5.61 11.86
CA ASN A 49 -3.50 5.49 12.89
C ASN A 49 -2.21 5.96 12.23
N ASP A 50 -1.34 5.02 11.86
CA ASP A 50 -0.11 5.23 11.15
C ASP A 50 0.47 3.85 10.91
N ILE A 51 0.38 3.38 9.67
CA ILE A 51 0.94 2.10 9.26
C ILE A 51 1.67 2.16 7.94
N ARG A 52 1.64 3.28 7.20
CA ARG A 52 2.41 3.41 5.98
C ARG A 52 3.83 2.85 6.10
N ALA A 53 4.51 3.15 7.20
CA ALA A 53 5.86 2.67 7.46
C ALA A 53 5.89 1.16 7.73
N GLN A 54 4.76 0.59 8.19
CA GLN A 54 4.53 -0.84 8.13
C GLN A 54 4.28 -1.32 6.71
N VAL A 55 3.44 -0.63 5.94
CA VAL A 55 3.06 -1.04 4.60
C VAL A 55 4.30 -1.16 3.74
N GLU A 56 5.09 -0.09 3.69
CA GLU A 56 6.24 0.00 2.84
C GLU A 56 7.22 -1.14 3.15
N SER A 57 7.61 -1.24 4.42
CA SER A 57 8.33 -2.37 4.98
C SER A 57 7.70 -3.70 4.55
N ALA A 58 6.37 -3.82 4.65
CA ALA A 58 5.68 -5.07 4.36
C ALA A 58 5.84 -5.46 2.90
N LEU A 59 5.57 -4.52 1.99
CA LEU A 59 5.72 -4.67 0.55
C LEU A 59 7.17 -4.98 0.20
N GLN A 60 8.10 -4.27 0.82
CA GLN A 60 9.52 -4.48 0.61
C GLN A 60 9.88 -5.92 1.01
N LYS A 61 9.40 -6.37 2.17
CA LYS A 61 9.59 -7.74 2.62
C LYS A 61 8.92 -8.75 1.68
N ALA A 62 7.69 -8.46 1.22
CA ALA A 62 6.97 -9.31 0.28
C ALA A 62 7.72 -9.43 -1.05
N GLY A 63 8.33 -8.32 -1.49
CA GLY A 63 9.24 -8.28 -2.63
C GLY A 63 8.81 -7.26 -3.68
N TYR A 64 8.45 -6.04 -3.25
CA TYR A 64 8.10 -4.93 -4.13
C TYR A 64 9.04 -3.75 -3.87
N SER A 65 9.01 -2.77 -4.78
CA SER A 65 9.83 -1.58 -4.74
C SER A 65 8.91 -0.36 -4.76
N LEU A 66 8.27 -0.09 -3.64
CA LEU A 66 7.47 1.11 -3.43
C LEU A 66 8.30 2.32 -3.00
N ARG A 67 7.71 3.50 -3.10
CA ARG A 67 8.30 4.73 -2.61
C ARG A 67 7.18 5.68 -2.21
N ASP A 68 7.35 6.38 -1.08
CA ASP A 68 6.46 7.36 -0.46
C ASP A 68 5.98 8.43 -1.44
N GLU A 69 4.66 8.50 -1.64
CA GLU A 69 3.98 9.57 -2.37
C GLU A 69 3.14 10.43 -1.42
N GLN A 70 3.81 11.04 -0.44
CA GLN A 70 3.18 12.06 0.40
C GLN A 70 1.95 11.50 1.16
N ALA A 71 1.17 12.36 1.83
CA ALA A 71 0.06 11.95 2.69
C ALA A 71 -1.22 12.65 2.24
N ALA A 72 -1.57 12.46 0.96
CA ALA A 72 -2.62 13.19 0.28
C ALA A 72 -2.24 14.67 0.22
N GLU A 73 -1.22 14.94 -0.60
CA GLU A 73 -0.39 16.14 -0.50
C GLU A 73 0.35 16.11 0.85
ZN ZN B . 3.19 -9.97 -10.67
N SER A 1 -12.28 11.76 10.47
CA SER A 1 -10.82 11.74 10.49
C SER A 1 -10.39 10.54 9.64
N GLY A 2 -9.08 10.42 9.39
CA GLY A 2 -8.48 9.35 8.62
C GLY A 2 -7.24 9.93 7.94
N THR A 3 -6.35 9.08 7.45
CA THR A 3 -5.20 9.51 6.68
C THR A 3 -5.12 8.65 5.44
N ARG A 4 -5.16 9.31 4.29
CA ARG A 4 -5.03 8.66 3.00
C ARG A 4 -3.58 8.82 2.58
N TYR A 5 -2.83 7.73 2.59
CA TYR A 5 -1.45 7.69 2.15
C TYR A 5 -1.35 6.99 0.79
N SER A 6 -0.20 7.09 0.11
CA SER A 6 0.03 6.55 -1.22
C SER A 6 1.50 6.15 -1.39
N TRP A 7 1.72 5.09 -2.18
CA TRP A 7 3.02 4.59 -2.58
C TRP A 7 3.00 4.28 -4.06
N LYS A 8 4.12 4.58 -4.72
CA LYS A 8 4.36 4.22 -6.12
C LYS A 8 5.20 2.96 -6.12
N VAL A 9 4.76 1.89 -6.80
CA VAL A 9 5.40 0.59 -6.79
C VAL A 9 5.75 0.09 -8.19
N SER A 10 7.03 0.19 -8.58
CA SER A 10 7.50 -0.24 -9.88
C SER A 10 7.63 -1.77 -9.91
N GLY A 11 6.51 -2.48 -9.78
CA GLY A 11 6.50 -3.94 -9.72
C GLY A 11 5.11 -4.54 -9.93
N MET A 12 4.09 -4.04 -9.21
CA MET A 12 2.77 -4.66 -9.25
C MET A 12 2.13 -4.60 -10.65
N ASP A 13 1.81 -5.77 -11.18
CA ASP A 13 1.52 -6.03 -12.59
C ASP A 13 0.34 -6.99 -12.80
N CYS A 14 -0.16 -7.66 -11.75
CA CYS A 14 -1.19 -8.69 -11.83
C CYS A 14 -2.20 -8.46 -10.72
N ALA A 15 -3.45 -8.89 -10.94
CA ALA A 15 -4.47 -8.81 -9.92
C ALA A 15 -4.15 -9.74 -8.75
N ALA A 16 -3.43 -10.84 -8.99
CA ALA A 16 -3.00 -11.74 -7.92
C ALA A 16 -1.96 -11.06 -7.04
N CYS A 17 -0.95 -10.44 -7.68
CA CYS A 17 0.06 -9.62 -7.03
C CYS A 17 -0.65 -8.55 -6.20
N ALA A 18 -1.57 -7.81 -6.82
CA ALA A 18 -2.43 -6.88 -6.10
C ALA A 18 -3.09 -7.56 -4.90
N ARG A 19 -3.77 -8.69 -5.07
CA ARG A 19 -4.52 -9.27 -3.96
C ARG A 19 -3.59 -9.68 -2.82
N LYS A 20 -2.42 -10.21 -3.15
CA LYS A 20 -1.44 -10.55 -2.13
C LYS A 20 -1.00 -9.28 -1.42
N VAL A 21 -0.78 -8.19 -2.15
CA VAL A 21 -0.33 -6.94 -1.60
C VAL A 21 -1.42 -6.35 -0.71
N GLU A 22 -2.62 -6.15 -1.25
CA GLU A 22 -3.74 -5.60 -0.50
C GLU A 22 -3.94 -6.40 0.78
N ASN A 23 -3.85 -7.74 0.72
CA ASN A 23 -3.93 -8.58 1.90
C ASN A 23 -2.79 -8.26 2.86
N ALA A 24 -1.55 -8.37 2.38
CA ALA A 24 -0.33 -8.20 3.17
C ALA A 24 -0.31 -6.87 3.91
N VAL A 25 -0.85 -5.81 3.29
CA VAL A 25 -0.97 -4.52 3.95
C VAL A 25 -2.22 -4.52 4.83
N ARG A 26 -3.37 -4.98 4.33
CA ARG A 26 -4.63 -4.98 5.07
C ARG A 26 -4.51 -5.65 6.44
N GLN A 27 -3.75 -6.74 6.51
CA GLN A 27 -3.55 -7.48 7.76
C GLN A 27 -2.88 -6.65 8.87
N LEU A 28 -2.23 -5.52 8.55
CA LEU A 28 -1.41 -4.78 9.51
C LEU A 28 -2.21 -4.39 10.76
N ALA A 29 -3.12 -3.43 10.62
CA ALA A 29 -4.04 -2.91 11.65
C ALA A 29 -4.60 -1.54 11.22
N GLY A 30 -3.74 -0.52 11.21
CA GLY A 30 -4.05 0.88 10.88
C GLY A 30 -5.01 1.04 9.70
N VAL A 31 -4.77 0.26 8.65
CA VAL A 31 -5.46 0.32 7.38
C VAL A 31 -6.92 -0.09 7.53
N ASN A 32 -7.82 0.81 7.13
CA ASN A 32 -9.25 0.62 7.16
C ASN A 32 -9.71 0.19 5.77
N GLN A 33 -9.45 1.05 4.78
CA GLN A 33 -9.70 0.76 3.38
C GLN A 33 -8.34 0.66 2.71
N VAL A 34 -8.15 -0.41 1.92
CA VAL A 34 -6.94 -0.63 1.15
C VAL A 34 -7.31 -0.47 -0.32
N GLN A 35 -6.48 0.20 -1.11
CA GLN A 35 -6.73 0.41 -2.53
C GLN A 35 -5.41 0.35 -3.29
N VAL A 36 -5.01 -0.86 -3.70
CA VAL A 36 -3.78 -1.12 -4.41
C VAL A 36 -4.10 -1.18 -5.91
N LEU A 37 -3.75 -0.13 -6.68
CA LEU A 37 -3.98 -0.09 -8.11
C LEU A 37 -2.67 -0.48 -8.80
N PHE A 38 -2.51 -1.79 -8.98
CA PHE A 38 -1.45 -2.37 -9.77
C PHE A 38 -1.51 -1.88 -11.22
N ALA A 39 -0.45 -2.13 -11.99
CA ALA A 39 -0.31 -1.70 -13.39
C ALA A 39 -0.09 -0.19 -13.46
N THR A 40 -1.00 0.60 -12.90
CA THR A 40 -0.87 2.03 -12.74
C THR A 40 0.19 2.42 -11.68
N GLU A 41 0.87 1.45 -11.07
CA GLU A 41 2.02 1.67 -10.22
C GLU A 41 1.65 2.44 -8.95
N LYS A 42 0.46 2.27 -8.35
CA LYS A 42 0.10 3.14 -7.24
C LYS A 42 -0.87 2.46 -6.29
N LEU A 43 -0.45 2.38 -5.04
CA LEU A 43 -1.26 1.88 -3.95
C LEU A 43 -1.56 3.09 -3.07
N VAL A 44 -2.78 3.14 -2.54
CA VAL A 44 -3.35 4.09 -1.63
C VAL A 44 -3.93 3.29 -0.47
N VAL A 45 -3.65 3.78 0.73
CA VAL A 45 -4.05 3.19 2.00
C VAL A 45 -4.80 4.26 2.79
N ASP A 46 -6.03 3.97 3.21
CA ASP A 46 -6.78 4.84 4.10
C ASP A 46 -6.63 4.21 5.48
N ALA A 47 -5.74 4.76 6.29
CA ALA A 47 -5.42 4.25 7.61
C ALA A 47 -5.68 5.34 8.63
N ASP A 48 -6.52 5.06 9.63
CA ASP A 48 -6.83 6.03 10.67
C ASP A 48 -5.99 5.69 11.90
N ASN A 49 -4.69 5.68 11.66
CA ASN A 49 -3.63 5.53 12.64
C ASN A 49 -2.38 5.93 11.85
N ASP A 50 -1.42 5.02 11.67
CA ASP A 50 -0.19 5.27 10.97
C ASP A 50 0.50 3.94 10.78
N ILE A 51 0.32 3.36 9.59
CA ILE A 51 0.91 2.08 9.23
C ILE A 51 1.66 2.14 7.93
N ARG A 52 1.62 3.25 7.20
CA ARG A 52 2.37 3.41 5.95
C ARG A 52 3.80 2.87 6.05
N ALA A 53 4.56 3.26 7.07
CA ALA A 53 5.89 2.75 7.32
C ALA A 53 5.90 1.22 7.39
N GLN A 54 4.84 0.67 7.98
CA GLN A 54 4.55 -0.75 8.04
C GLN A 54 4.19 -1.30 6.64
N VAL A 55 3.39 -0.59 5.85
CA VAL A 55 3.06 -0.96 4.49
C VAL A 55 4.33 -1.08 3.66
N GLU A 56 5.15 -0.03 3.63
CA GLU A 56 6.37 -0.02 2.86
C GLU A 56 7.29 -1.15 3.32
N SER A 57 7.44 -1.31 4.64
CA SER A 57 8.09 -2.48 5.19
C SER A 57 7.49 -3.78 4.62
N ALA A 58 6.17 -3.88 4.57
CA ALA A 58 5.47 -5.11 4.19
C ALA A 58 5.74 -5.44 2.73
N LEU A 59 5.56 -4.46 1.86
CA LEU A 59 5.80 -4.59 0.43
C LEU A 59 7.27 -4.90 0.16
N GLN A 60 8.15 -4.15 0.81
CA GLN A 60 9.59 -4.36 0.66
C GLN A 60 9.96 -5.79 1.07
N LYS A 61 9.41 -6.27 2.20
CA LYS A 61 9.62 -7.64 2.65
C LYS A 61 9.02 -8.66 1.68
N ALA A 62 7.78 -8.42 1.23
CA ALA A 62 7.08 -9.28 0.28
C ALA A 62 7.88 -9.44 -1.01
N GLY A 63 8.53 -8.35 -1.44
CA GLY A 63 9.52 -8.36 -2.51
C GLY A 63 9.19 -7.33 -3.59
N TYR A 64 8.73 -6.14 -3.18
CA TYR A 64 8.48 -5.01 -4.05
C TYR A 64 9.52 -3.93 -3.79
N SER A 65 9.39 -2.79 -4.46
CA SER A 65 10.34 -1.70 -4.39
C SER A 65 9.58 -0.41 -4.64
N LEU A 66 8.72 -0.06 -3.69
CA LEU A 66 7.91 1.14 -3.76
C LEU A 66 8.67 2.38 -3.33
N ARG A 67 7.98 3.51 -3.36
CA ARG A 67 8.42 4.72 -2.70
C ARG A 67 7.17 5.46 -2.22
N ASP A 68 7.35 6.31 -1.21
CA ASP A 68 6.36 7.18 -0.64
C ASP A 68 5.88 8.19 -1.68
N GLU A 69 4.55 8.36 -1.80
CA GLU A 69 3.94 9.45 -2.55
C GLU A 69 3.25 10.40 -1.56
N GLN A 70 4.06 10.98 -0.67
CA GLN A 70 3.62 11.98 0.31
C GLN A 70 2.54 11.44 1.25
N ALA A 71 2.06 12.31 2.15
CA ALA A 71 1.01 12.01 3.10
C ALA A 71 -0.23 12.83 2.71
N ALA A 72 -1.01 12.30 1.77
CA ALA A 72 -2.31 12.84 1.39
C ALA A 72 -2.22 14.14 0.58
N GLU A 73 -1.44 14.13 -0.50
CA GLU A 73 -1.61 15.02 -1.63
C GLU A 73 -2.09 14.18 -2.82
ZN ZN B . 2.84 -10.16 -11.16
N SER A 1 -11.85 10.02 7.22
CA SER A 1 -11.09 11.21 7.52
C SER A 1 -9.91 10.87 8.42
N GLY A 2 -9.20 9.78 8.09
CA GLY A 2 -8.04 9.33 8.83
C GLY A 2 -6.79 9.92 8.18
N THR A 3 -6.04 9.12 7.44
CA THR A 3 -5.02 9.64 6.54
C THR A 3 -5.01 8.81 5.27
N ARG A 4 -5.01 9.50 4.13
CA ARG A 4 -4.88 8.88 2.83
C ARG A 4 -3.41 8.97 2.47
N TYR A 5 -2.77 7.82 2.35
CA TYR A 5 -1.38 7.71 1.94
C TYR A 5 -1.28 7.02 0.57
N SER A 6 -0.19 7.26 -0.18
CA SER A 6 0.15 6.57 -1.44
C SER A 6 1.60 6.11 -1.48
N TRP A 7 1.84 5.04 -2.25
CA TRP A 7 3.18 4.55 -2.58
C TRP A 7 3.26 4.10 -4.03
N LYS A 8 4.45 4.23 -4.63
CA LYS A 8 4.64 3.97 -6.06
C LYS A 8 5.20 2.57 -6.33
N VAL A 9 4.32 1.59 -6.49
CA VAL A 9 4.70 0.18 -6.39
C VAL A 9 4.94 -0.45 -7.77
N SER A 10 6.15 -0.24 -8.30
CA SER A 10 6.48 -0.64 -9.68
C SER A 10 6.33 -2.15 -9.91
N GLY A 11 6.48 -2.94 -8.85
CA GLY A 11 6.39 -4.39 -8.90
C GLY A 11 4.96 -4.92 -9.11
N MET A 12 3.92 -4.10 -8.95
CA MET A 12 2.54 -4.58 -9.02
C MET A 12 2.01 -4.64 -10.46
N ASP A 13 1.83 -5.86 -10.96
CA ASP A 13 1.71 -6.24 -12.35
C ASP A 13 0.38 -6.94 -12.69
N CYS A 14 -0.14 -7.77 -11.78
CA CYS A 14 -1.29 -8.65 -11.97
C CYS A 14 -2.32 -8.39 -10.87
N ALA A 15 -3.57 -8.80 -11.10
CA ALA A 15 -4.61 -8.71 -10.09
C ALA A 15 -4.35 -9.66 -8.93
N ALA A 16 -3.83 -10.87 -9.20
CA ALA A 16 -3.49 -11.82 -8.16
C ALA A 16 -2.43 -11.23 -7.23
N CYS A 17 -1.35 -10.72 -7.84
CA CYS A 17 -0.29 -9.97 -7.18
C CYS A 17 -0.92 -8.86 -6.34
N ALA A 18 -1.70 -7.98 -6.98
CA ALA A 18 -2.45 -6.92 -6.31
C ALA A 18 -3.17 -7.45 -5.09
N ARG A 19 -3.86 -8.58 -5.22
CA ARG A 19 -4.66 -9.09 -4.11
C ARG A 19 -3.79 -9.61 -2.96
N LYS A 20 -2.65 -10.23 -3.30
CA LYS A 20 -1.72 -10.62 -2.26
C LYS A 20 -1.31 -9.38 -1.47
N VAL A 21 -1.05 -8.27 -2.17
CA VAL A 21 -0.64 -7.04 -1.54
C VAL A 21 -1.77 -6.41 -0.75
N GLU A 22 -2.97 -6.28 -1.33
CA GLU A 22 -4.09 -5.64 -0.64
C GLU A 22 -4.28 -6.36 0.70
N ASN A 23 -4.18 -7.69 0.67
CA ASN A 23 -4.27 -8.50 1.86
C ASN A 23 -3.11 -8.22 2.81
N ALA A 24 -1.88 -8.34 2.31
CA ALA A 24 -0.65 -8.16 3.08
C ALA A 24 -0.63 -6.84 3.83
N VAL A 25 -1.15 -5.77 3.22
CA VAL A 25 -1.30 -4.50 3.92
C VAL A 25 -2.54 -4.54 4.82
N ARG A 26 -3.70 -4.96 4.30
CA ARG A 26 -4.96 -4.89 5.05
C ARG A 26 -4.85 -5.59 6.40
N GLN A 27 -4.15 -6.72 6.44
CA GLN A 27 -3.99 -7.52 7.64
C GLN A 27 -3.30 -6.79 8.79
N LEU A 28 -2.61 -5.66 8.55
CA LEU A 28 -1.79 -5.02 9.57
C LEU A 28 -2.61 -4.59 10.79
N ALA A 29 -3.42 -3.52 10.63
CA ALA A 29 -4.30 -2.93 11.65
C ALA A 29 -4.77 -1.55 11.20
N GLY A 30 -3.84 -0.58 11.15
CA GLY A 30 -4.07 0.84 10.87
C GLY A 30 -4.98 1.09 9.67
N VAL A 31 -4.82 0.28 8.62
CA VAL A 31 -5.48 0.42 7.34
C VAL A 31 -6.96 0.10 7.45
N ASN A 32 -7.81 1.05 7.03
CA ASN A 32 -9.24 0.93 7.07
C ASN A 32 -9.72 0.53 5.68
N GLN A 33 -9.33 1.32 4.68
CA GLN A 33 -9.63 1.05 3.28
C GLN A 33 -8.30 0.88 2.54
N VAL A 34 -8.10 -0.27 1.93
CA VAL A 34 -6.96 -0.55 1.08
C VAL A 34 -7.35 -0.26 -0.36
N GLN A 35 -6.38 0.16 -1.20
CA GLN A 35 -6.59 0.36 -2.62
C GLN A 35 -5.28 0.21 -3.39
N VAL A 36 -4.93 -1.02 -3.79
CA VAL A 36 -3.72 -1.32 -4.54
C VAL A 36 -4.05 -1.27 -6.03
N LEU A 37 -3.72 -0.17 -6.73
CA LEU A 37 -4.00 -0.03 -8.14
C LEU A 37 -2.74 -0.41 -8.91
N PHE A 38 -2.59 -1.72 -9.08
CA PHE A 38 -1.51 -2.30 -9.85
C PHE A 38 -1.51 -1.79 -11.30
N ALA A 39 -0.43 -2.06 -12.02
CA ALA A 39 -0.16 -1.63 -13.39
C ALA A 39 0.14 -0.14 -13.44
N THR A 40 -0.67 0.69 -12.78
CA THR A 40 -0.47 2.12 -12.69
C THR A 40 0.64 2.51 -11.71
N GLU A 41 1.30 1.54 -11.06
CA GLU A 41 2.39 1.77 -10.13
C GLU A 41 1.90 2.64 -8.96
N LYS A 42 0.74 2.38 -8.35
CA LYS A 42 0.32 3.23 -7.25
C LYS A 42 -0.69 2.53 -6.36
N LEU A 43 -0.37 2.49 -5.08
CA LEU A 43 -1.10 1.83 -4.06
C LEU A 43 -1.42 2.91 -3.06
N VAL A 44 -2.70 2.99 -2.67
CA VAL A 44 -3.28 3.93 -1.75
C VAL A 44 -3.79 3.13 -0.56
N VAL A 45 -3.68 3.76 0.60
CA VAL A 45 -4.13 3.22 1.86
C VAL A 45 -4.81 4.36 2.61
N ASP A 46 -6.05 4.14 3.05
CA ASP A 46 -6.75 5.03 3.95
C ASP A 46 -6.60 4.37 5.31
N ALA A 47 -5.68 4.90 6.11
CA ALA A 47 -5.31 4.34 7.39
C ALA A 47 -5.48 5.42 8.43
N ASP A 48 -6.12 5.07 9.55
CA ASP A 48 -6.34 6.01 10.64
C ASP A 48 -5.48 5.56 11.83
N ASN A 49 -4.18 5.45 11.55
CA ASN A 49 -3.11 5.21 12.50
C ASN A 49 -1.85 5.57 11.71
N ASP A 50 -0.86 4.68 11.58
CA ASP A 50 0.43 5.03 10.99
C ASP A 50 1.10 3.85 10.31
N ILE A 51 0.31 2.87 9.88
CA ILE A 51 0.87 1.66 9.31
C ILE A 51 1.66 1.89 8.03
N ARG A 52 1.47 2.99 7.30
CA ARG A 52 2.19 3.22 6.04
C ARG A 52 3.67 2.87 6.07
N ALA A 53 4.41 3.18 7.14
CA ALA A 53 5.81 2.81 7.25
C ALA A 53 5.93 1.29 7.36
N GLN A 54 4.99 0.68 8.08
CA GLN A 54 4.77 -0.75 8.16
C GLN A 54 4.51 -1.33 6.78
N VAL A 55 3.60 -0.74 6.02
CA VAL A 55 3.25 -1.15 4.67
C VAL A 55 4.49 -1.09 3.80
N GLU A 56 5.14 0.07 3.81
CA GLU A 56 6.31 0.33 3.01
C GLU A 56 7.35 -0.75 3.31
N SER A 57 7.76 -0.84 4.58
CA SER A 57 8.71 -1.85 5.02
C SER A 57 8.26 -3.24 4.60
N ALA A 58 6.98 -3.56 4.76
CA ALA A 58 6.42 -4.88 4.50
C ALA A 58 6.54 -5.21 3.02
N LEU A 59 6.16 -4.28 2.14
CA LEU A 59 6.26 -4.48 0.70
C LEU A 59 7.72 -4.57 0.29
N GLN A 60 8.54 -3.65 0.79
CA GLN A 60 9.96 -3.62 0.49
C GLN A 60 10.59 -4.97 0.89
N LYS A 61 10.22 -5.50 2.05
CA LYS A 61 10.61 -6.82 2.53
C LYS A 61 10.07 -7.94 1.62
N ALA A 62 8.77 -7.90 1.33
CA ALA A 62 8.10 -8.86 0.46
C ALA A 62 8.77 -8.93 -0.91
N GLY A 63 9.37 -7.81 -1.33
CA GLY A 63 10.27 -7.74 -2.48
C GLY A 63 9.65 -6.92 -3.60
N TYR A 64 8.79 -5.97 -3.25
CA TYR A 64 8.25 -5.00 -4.18
C TYR A 64 9.05 -3.71 -4.03
N SER A 65 8.82 -2.77 -4.95
CA SER A 65 9.55 -1.52 -5.02
C SER A 65 8.53 -0.40 -4.92
N LEU A 66 7.96 -0.22 -3.72
CA LEU A 66 7.23 0.99 -3.40
C LEU A 66 8.18 2.08 -2.91
N ARG A 67 7.67 3.31 -2.89
CA ARG A 67 8.22 4.37 -2.06
C ARG A 67 7.09 5.37 -1.84
N ASP A 68 7.12 6.08 -0.71
CA ASP A 68 6.07 6.91 -0.15
C ASP A 68 5.80 8.18 -0.96
N GLU A 69 4.74 8.16 -1.74
CA GLU A 69 4.21 9.35 -2.37
C GLU A 69 3.28 10.06 -1.40
N GLN A 70 3.88 10.48 -0.27
CA GLN A 70 3.31 11.38 0.70
C GLN A 70 2.03 10.86 1.38
N ALA A 71 1.58 11.62 2.38
CA ALA A 71 0.33 11.40 3.09
C ALA A 71 -0.80 12.16 2.38
N ALA A 72 -0.92 11.94 1.07
CA ALA A 72 -1.94 12.47 0.17
C ALA A 72 -1.39 12.48 -1.25
N GLU A 73 -2.30 12.67 -2.19
CA GLU A 73 -2.32 12.25 -3.59
C GLU A 73 -3.82 12.01 -3.82
ZN ZN B . 2.57 -10.44 -11.17
N SER A 1 -12.77 11.86 8.77
CA SER A 1 -11.67 12.43 7.99
C SER A 1 -10.98 11.34 7.18
N GLY A 2 -10.75 10.19 7.83
CA GLY A 2 -9.81 9.21 7.31
C GLY A 2 -8.41 9.81 7.35
N THR A 3 -7.48 9.12 6.70
CA THR A 3 -6.34 9.76 6.06
C THR A 3 -6.30 9.13 4.67
N ARG A 4 -5.49 9.67 3.77
CA ARG A 4 -5.12 8.97 2.55
C ARG A 4 -3.61 9.04 2.47
N TYR A 5 -2.98 7.93 2.15
CA TYR A 5 -1.54 7.84 1.94
C TYR A 5 -1.35 7.14 0.60
N SER A 6 -0.22 7.37 -0.09
CA SER A 6 0.09 6.70 -1.36
C SER A 6 1.54 6.23 -1.42
N TRP A 7 1.74 5.17 -2.21
CA TRP A 7 3.04 4.64 -2.57
C TRP A 7 3.08 4.37 -4.08
N LYS A 8 4.19 4.76 -4.69
CA LYS A 8 4.55 4.50 -6.08
C LYS A 8 5.47 3.29 -6.05
N VAL A 9 5.32 2.37 -7.00
CA VAL A 9 6.06 1.11 -7.01
C VAL A 9 6.60 0.79 -8.41
N SER A 10 7.39 -0.26 -8.51
CA SER A 10 7.91 -0.80 -9.75
C SER A 10 7.81 -2.32 -9.69
N GLY A 11 6.59 -2.87 -9.75
CA GLY A 11 6.42 -4.30 -9.55
C GLY A 11 4.97 -4.78 -9.77
N MET A 12 4.02 -4.15 -9.08
CA MET A 12 2.61 -4.55 -9.10
C MET A 12 2.01 -4.58 -10.51
N ASP A 13 1.75 -5.80 -11.01
CA ASP A 13 1.55 -6.13 -12.42
C ASP A 13 0.29 -6.97 -12.71
N CYS A 14 -0.23 -7.71 -11.73
CA CYS A 14 -1.32 -8.67 -11.89
C CYS A 14 -2.35 -8.44 -10.79
N ALA A 15 -3.59 -8.88 -11.02
CA ALA A 15 -4.65 -8.81 -10.02
C ALA A 15 -4.33 -9.72 -8.83
N ALA A 16 -3.77 -10.91 -9.09
CA ALA A 16 -3.38 -11.83 -8.02
C ALA A 16 -2.35 -11.15 -7.12
N CYS A 17 -1.25 -10.68 -7.73
CA CYS A 17 -0.21 -9.88 -7.10
C CYS A 17 -0.88 -8.76 -6.28
N ALA A 18 -1.75 -7.97 -6.91
CA ALA A 18 -2.48 -6.89 -6.27
C ALA A 18 -3.20 -7.38 -5.00
N ARG A 19 -4.03 -8.42 -5.09
CA ARG A 19 -4.74 -8.94 -3.94
C ARG A 19 -3.76 -9.37 -2.84
N LYS A 20 -2.64 -9.97 -3.24
CA LYS A 20 -1.60 -10.36 -2.31
C LYS A 20 -1.03 -9.12 -1.62
N VAL A 21 -0.80 -8.05 -2.37
CA VAL A 21 -0.26 -6.80 -1.86
C VAL A 21 -1.25 -6.20 -0.87
N GLU A 22 -2.51 -5.99 -1.30
CA GLU A 22 -3.47 -5.36 -0.41
C GLU A 22 -3.63 -6.20 0.85
N ASN A 23 -3.62 -7.53 0.73
CA ASN A 23 -3.69 -8.39 1.89
C ASN A 23 -2.48 -8.18 2.81
N ALA A 24 -1.27 -8.22 2.23
CA ALA A 24 -0.02 -8.04 2.94
C ALA A 24 -0.01 -6.74 3.75
N VAL A 25 -0.68 -5.70 3.25
CA VAL A 25 -0.89 -4.47 3.98
C VAL A 25 -2.05 -4.62 4.99
N ARG A 26 -3.21 -5.09 4.54
CA ARG A 26 -4.43 -5.10 5.31
C ARG A 26 -4.28 -5.88 6.61
N GLN A 27 -3.46 -6.95 6.58
CA GLN A 27 -3.13 -7.74 7.75
C GLN A 27 -2.49 -6.94 8.88
N LEU A 28 -1.98 -5.72 8.64
CA LEU A 28 -1.25 -4.97 9.66
C LEU A 28 -2.15 -4.64 10.86
N ALA A 29 -3.00 -3.61 10.73
CA ALA A 29 -3.88 -3.06 11.76
C ALA A 29 -4.42 -1.69 11.35
N GLY A 30 -3.54 -0.68 11.31
CA GLY A 30 -3.86 0.73 11.04
C GLY A 30 -4.78 0.91 9.83
N VAL A 31 -4.47 0.18 8.76
CA VAL A 31 -5.12 0.28 7.48
C VAL A 31 -6.58 -0.19 7.57
N ASN A 32 -7.49 0.67 7.13
CA ASN A 32 -8.93 0.42 7.13
C ASN A 32 -9.37 0.03 5.74
N GLN A 33 -9.22 0.96 4.78
CA GLN A 33 -9.49 0.73 3.38
C GLN A 33 -8.13 0.76 2.68
N VAL A 34 -7.83 -0.28 1.90
CA VAL A 34 -6.63 -0.33 1.09
C VAL A 34 -7.08 -0.35 -0.36
N GLN A 35 -6.43 0.46 -1.19
CA GLN A 35 -6.65 0.53 -2.62
C GLN A 35 -5.30 0.29 -3.29
N VAL A 36 -5.11 -0.93 -3.79
CA VAL A 36 -4.01 -1.30 -4.63
C VAL A 36 -4.49 -1.14 -6.07
N LEU A 37 -3.82 -0.31 -6.87
CA LEU A 37 -4.09 -0.17 -8.28
C LEU A 37 -2.79 -0.55 -9.01
N PHE A 38 -2.62 -1.87 -9.15
CA PHE A 38 -1.54 -2.45 -9.94
C PHE A 38 -1.63 -1.97 -11.39
N ALA A 39 -0.59 -2.23 -12.18
CA ALA A 39 -0.43 -1.79 -13.56
C ALA A 39 -0.19 -0.28 -13.59
N THR A 40 -1.12 0.53 -13.07
CA THR A 40 -0.94 1.96 -12.87
C THR A 40 -0.12 2.18 -11.57
N GLU A 41 1.01 1.48 -11.50
CA GLU A 41 2.04 1.40 -10.48
C GLU A 41 1.82 2.09 -9.11
N LYS A 42 0.66 1.97 -8.47
CA LYS A 42 0.46 2.63 -7.19
C LYS A 42 -0.56 1.97 -6.28
N LEU A 43 -0.45 2.33 -5.01
CA LEU A 43 -1.24 1.86 -3.93
C LEU A 43 -1.53 3.10 -3.09
N VAL A 44 -2.73 3.15 -2.52
CA VAL A 44 -3.34 4.16 -1.69
C VAL A 44 -3.84 3.41 -0.48
N VAL A 45 -3.61 3.97 0.70
CA VAL A 45 -4.00 3.38 1.97
C VAL A 45 -4.76 4.44 2.73
N ASP A 46 -5.91 4.06 3.29
CA ASP A 46 -6.71 4.89 4.16
C ASP A 46 -6.65 4.19 5.51
N ALA A 47 -5.90 4.78 6.43
CA ALA A 47 -5.65 4.27 7.76
C ALA A 47 -6.06 5.37 8.74
N ASP A 48 -6.61 4.95 9.88
CA ASP A 48 -6.98 5.86 10.97
C ASP A 48 -6.17 5.45 12.19
N ASN A 49 -4.84 5.45 11.98
CA ASN A 49 -3.81 5.34 12.99
C ASN A 49 -2.58 5.92 12.30
N ASP A 50 -1.72 5.05 11.75
CA ASP A 50 -0.52 5.35 11.00
C ASP A 50 0.22 4.03 10.85
N ILE A 51 0.54 3.62 9.63
CA ILE A 51 1.15 2.33 9.31
C ILE A 51 1.93 2.41 8.00
N ARG A 52 2.26 3.58 7.52
CA ARG A 52 2.81 3.73 6.15
C ARG A 52 4.19 3.10 6.10
N ALA A 53 4.99 3.43 7.11
CA ALA A 53 6.29 2.83 7.30
C ALA A 53 6.17 1.33 7.63
N GLN A 54 4.99 0.85 8.03
CA GLN A 54 4.69 -0.58 8.07
C GLN A 54 4.39 -1.11 6.67
N VAL A 55 3.54 -0.43 5.89
CA VAL A 55 3.15 -0.82 4.54
C VAL A 55 4.38 -1.02 3.68
N GLU A 56 5.23 0.00 3.66
CA GLU A 56 6.38 0.02 2.78
C GLU A 56 7.24 -1.19 3.05
N SER A 57 7.50 -1.43 4.33
CA SER A 57 8.21 -2.59 4.80
C SER A 57 7.46 -3.85 4.40
N ALA A 58 6.14 -3.88 4.57
CA ALA A 58 5.36 -5.09 4.28
C ALA A 58 5.57 -5.49 2.83
N LEU A 59 5.47 -4.51 1.94
CA LEU A 59 5.66 -4.67 0.50
C LEU A 59 7.12 -5.01 0.17
N GLN A 60 8.06 -4.33 0.82
CA GLN A 60 9.47 -4.58 0.63
C GLN A 60 9.81 -6.02 1.01
N LYS A 61 9.28 -6.51 2.13
CA LYS A 61 9.43 -7.90 2.54
C LYS A 61 8.71 -8.83 1.55
N ALA A 62 7.47 -8.47 1.14
CA ALA A 62 6.71 -9.26 0.18
C ALA A 62 7.48 -9.43 -1.14
N GLY A 63 8.18 -8.38 -1.56
CA GLY A 63 9.13 -8.40 -2.68
C GLY A 63 8.84 -7.31 -3.70
N TYR A 64 8.53 -6.10 -3.24
CA TYR A 64 8.35 -4.91 -4.05
C TYR A 64 9.44 -3.89 -3.70
N SER A 65 9.38 -2.70 -4.32
CA SER A 65 10.33 -1.64 -4.06
C SER A 65 9.58 -0.33 -4.21
N LEU A 66 8.67 -0.05 -3.28
CA LEU A 66 7.86 1.15 -3.36
C LEU A 66 8.62 2.37 -2.89
N ARG A 67 8.00 3.54 -3.01
CA ARG A 67 8.45 4.71 -2.30
C ARG A 67 7.23 5.53 -1.87
N ASP A 68 7.31 6.09 -0.66
CA ASP A 68 6.46 7.17 -0.16
C ASP A 68 6.06 8.15 -1.26
N GLU A 69 4.75 8.41 -1.37
CA GLU A 69 4.17 9.43 -2.22
C GLU A 69 3.36 10.38 -1.34
N GLN A 70 4.03 11.00 -0.36
CA GLN A 70 3.40 11.97 0.53
C GLN A 70 2.20 11.35 1.26
N ALA A 71 1.46 12.18 2.00
CA ALA A 71 0.37 11.74 2.85
C ALA A 71 -0.86 12.59 2.61
N ALA A 72 -1.46 12.43 1.42
CA ALA A 72 -2.55 13.25 0.91
C ALA A 72 -2.09 14.67 0.58
N GLU A 73 -2.19 15.01 -0.71
CA GLU A 73 -1.60 16.21 -1.29
C GLU A 73 -0.07 16.08 -1.25
ZN ZN B . 2.65 -10.30 -11.17
N SER A 1 -12.10 12.92 7.90
CA SER A 1 -12.69 11.58 7.83
C SER A 1 -11.63 10.55 8.22
N GLY A 2 -10.46 10.67 7.58
CA GLY A 2 -9.32 9.80 7.81
C GLY A 2 -8.15 10.34 6.97
N THR A 3 -7.01 9.65 7.00
CA THR A 3 -5.84 9.93 6.17
C THR A 3 -5.65 8.78 5.20
N ARG A 4 -5.65 9.12 3.91
CA ARG A 4 -5.12 8.26 2.89
C ARG A 4 -3.69 8.68 2.57
N TYR A 5 -2.80 7.70 2.49
CA TYR A 5 -1.44 7.83 1.98
C TYR A 5 -1.37 7.19 0.59
N SER A 6 -0.20 7.24 -0.07
CA SER A 6 0.03 6.56 -1.35
C SER A 6 1.50 6.18 -1.49
N TRP A 7 1.75 5.12 -2.26
CA TRP A 7 3.08 4.66 -2.65
C TRP A 7 3.08 4.33 -4.13
N LYS A 8 4.22 4.59 -4.79
CA LYS A 8 4.46 4.26 -6.19
C LYS A 8 5.30 2.99 -6.25
N VAL A 9 4.84 1.93 -6.90
CA VAL A 9 5.46 0.60 -6.82
C VAL A 9 5.88 0.03 -8.18
N SER A 10 7.17 0.13 -8.49
CA SER A 10 7.71 -0.43 -9.72
C SER A 10 7.82 -1.96 -9.53
N GLY A 11 6.72 -2.68 -9.76
CA GLY A 11 6.72 -4.14 -9.65
C GLY A 11 5.35 -4.80 -9.82
N MET A 12 4.28 -4.17 -9.33
CA MET A 12 2.96 -4.80 -9.32
C MET A 12 2.30 -4.79 -10.71
N ASP A 13 2.16 -5.97 -11.32
CA ASP A 13 1.73 -6.17 -12.70
C ASP A 13 0.46 -7.03 -12.86
N CYS A 14 -0.05 -7.66 -11.80
CA CYS A 14 -1.07 -8.71 -11.89
C CYS A 14 -2.13 -8.48 -10.82
N ALA A 15 -3.37 -8.88 -11.11
CA ALA A 15 -4.44 -8.82 -10.13
C ALA A 15 -4.14 -9.72 -8.93
N ALA A 16 -3.54 -10.89 -9.18
CA ALA A 16 -3.15 -11.80 -8.09
C ALA A 16 -2.15 -11.11 -7.16
N CYS A 17 -1.11 -10.51 -7.74
CA CYS A 17 -0.15 -9.68 -7.03
C CYS A 17 -0.90 -8.62 -6.23
N ALA A 18 -1.78 -7.86 -6.90
CA ALA A 18 -2.59 -6.85 -6.22
C ALA A 18 -3.31 -7.44 -5.01
N ARG A 19 -4.01 -8.57 -5.17
CA ARG A 19 -4.72 -9.19 -4.06
C ARG A 19 -3.77 -9.65 -2.95
N LYS A 20 -2.61 -10.17 -3.33
CA LYS A 20 -1.58 -10.52 -2.36
C LYS A 20 -1.22 -9.28 -1.55
N VAL A 21 -0.96 -8.17 -2.25
CA VAL A 21 -0.45 -6.94 -1.67
C VAL A 21 -1.52 -6.26 -0.81
N GLU A 22 -2.73 -6.09 -1.34
CA GLU A 22 -3.84 -5.49 -0.60
C GLU A 22 -4.01 -6.26 0.71
N ASN A 23 -3.98 -7.58 0.64
CA ASN A 23 -4.11 -8.42 1.82
C ASN A 23 -2.94 -8.20 2.76
N ALA A 24 -1.72 -8.29 2.24
CA ALA A 24 -0.48 -8.17 2.98
C ALA A 24 -0.38 -6.84 3.73
N VAL A 25 -0.95 -5.76 3.19
CA VAL A 25 -1.06 -4.52 3.93
C VAL A 25 -2.29 -4.57 4.87
N ARG A 26 -3.44 -5.02 4.37
CA ARG A 26 -4.69 -4.98 5.14
C ARG A 26 -4.56 -5.70 6.48
N GLN A 27 -3.77 -6.78 6.52
CA GLN A 27 -3.52 -7.54 7.74
C GLN A 27 -2.88 -6.71 8.86
N LEU A 28 -2.27 -5.56 8.56
CA LEU A 28 -1.43 -4.86 9.53
C LEU A 28 -2.20 -4.48 10.80
N ALA A 29 -3.10 -3.51 10.71
CA ALA A 29 -3.92 -2.95 11.80
C ALA A 29 -4.49 -1.58 11.41
N GLY A 30 -3.61 -0.56 11.36
CA GLY A 30 -3.92 0.83 11.01
C GLY A 30 -4.93 0.96 9.88
N VAL A 31 -4.68 0.18 8.81
CA VAL A 31 -5.36 0.29 7.54
C VAL A 31 -6.82 -0.15 7.63
N ASN A 32 -7.70 0.78 7.25
CA ASN A 32 -9.15 0.65 7.30
C ASN A 32 -9.67 0.28 5.92
N GLN A 33 -9.30 1.07 4.91
CA GLN A 33 -9.60 0.79 3.51
C GLN A 33 -8.25 0.71 2.80
N VAL A 34 -8.08 -0.31 1.95
CA VAL A 34 -6.89 -0.49 1.13
C VAL A 34 -7.30 -0.34 -0.33
N GLN A 35 -6.45 0.27 -1.17
CA GLN A 35 -6.67 0.38 -2.60
C GLN A 35 -5.31 0.29 -3.31
N VAL A 36 -4.91 -0.93 -3.69
CA VAL A 36 -3.68 -1.15 -4.43
C VAL A 36 -4.02 -1.23 -5.93
N LEU A 37 -3.66 -0.19 -6.69
CA LEU A 37 -3.92 -0.16 -8.13
C LEU A 37 -2.62 -0.56 -8.83
N PHE A 38 -2.49 -1.87 -9.04
CA PHE A 38 -1.42 -2.46 -9.82
C PHE A 38 -1.46 -1.98 -11.27
N ALA A 39 -0.44 -2.34 -12.05
CA ALA A 39 -0.26 -1.95 -13.44
C ALA A 39 0.09 -0.47 -13.50
N THR A 40 -0.85 0.40 -13.12
CA THR A 40 -0.61 1.84 -12.95
C THR A 40 0.09 2.10 -11.60
N GLU A 41 1.12 1.30 -11.32
CA GLU A 41 2.04 1.28 -10.18
C GLU A 41 1.73 2.18 -8.98
N LYS A 42 0.50 2.18 -8.42
CA LYS A 42 0.20 3.07 -7.30
C LYS A 42 -0.79 2.43 -6.37
N LEU A 43 -0.47 2.53 -5.09
CA LEU A 43 -1.25 1.99 -4.03
C LEU A 43 -1.57 3.16 -3.14
N VAL A 44 -2.79 3.19 -2.61
CA VAL A 44 -3.35 4.12 -1.67
C VAL A 44 -3.90 3.27 -0.52
N VAL A 45 -3.74 3.77 0.70
CA VAL A 45 -4.16 3.10 1.92
C VAL A 45 -4.74 4.19 2.81
N ASP A 46 -5.94 3.96 3.33
CA ASP A 46 -6.62 4.83 4.28
C ASP A 46 -6.40 4.21 5.64
N ALA A 47 -5.58 4.83 6.48
CA ALA A 47 -5.17 4.26 7.75
C ALA A 47 -5.05 5.31 8.83
N ASP A 48 -5.93 5.18 9.82
CA ASP A 48 -6.22 6.25 10.73
C ASP A 48 -5.62 5.90 12.08
N ASN A 49 -4.31 5.67 12.03
CA ASN A 49 -3.43 5.47 13.17
C ASN A 49 -2.06 5.97 12.73
N ASP A 50 -1.44 5.19 11.82
CA ASP A 50 -0.19 5.35 11.10
C ASP A 50 0.35 3.94 10.88
N ILE A 51 0.43 3.53 9.62
CA ILE A 51 1.00 2.25 9.21
C ILE A 51 1.70 2.30 7.87
N ARG A 52 1.65 3.37 7.09
CA ARG A 52 2.40 3.47 5.84
C ARG A 52 3.84 2.97 5.97
N ALA A 53 4.51 3.31 7.07
CA ALA A 53 5.86 2.84 7.32
C ALA A 53 5.91 1.33 7.61
N GLN A 54 4.80 0.73 8.06
CA GLN A 54 4.59 -0.70 8.00
C GLN A 54 4.34 -1.17 6.57
N VAL A 55 3.43 -0.52 5.82
CA VAL A 55 3.06 -0.91 4.47
C VAL A 55 4.31 -1.05 3.60
N GLU A 56 5.10 0.02 3.57
CA GLU A 56 6.27 0.09 2.73
C GLU A 56 7.22 -1.04 3.08
N SER A 57 7.45 -1.26 4.37
CA SER A 57 8.24 -2.37 4.85
C SER A 57 7.60 -3.69 4.42
N ALA A 58 6.27 -3.80 4.48
CA ALA A 58 5.55 -5.02 4.16
C ALA A 58 5.75 -5.39 2.70
N LEU A 59 5.53 -4.43 1.80
CA LEU A 59 5.81 -4.56 0.39
C LEU A 59 7.28 -4.93 0.18
N GLN A 60 8.19 -4.23 0.85
CA GLN A 60 9.61 -4.49 0.69
C GLN A 60 9.97 -5.91 1.13
N LYS A 61 9.39 -6.38 2.24
CA LYS A 61 9.56 -7.73 2.76
C LYS A 61 8.97 -8.75 1.78
N ALA A 62 7.77 -8.49 1.28
CA ALA A 62 7.09 -9.33 0.29
C ALA A 62 7.93 -9.43 -1.00
N GLY A 63 8.55 -8.31 -1.40
CA GLY A 63 9.55 -8.26 -2.46
C GLY A 63 9.18 -7.23 -3.53
N TYR A 64 8.77 -6.03 -3.13
CA TYR A 64 8.46 -4.92 -4.02
C TYR A 64 9.37 -3.73 -3.74
N SER A 65 9.39 -2.77 -4.67
CA SER A 65 10.16 -1.54 -4.59
C SER A 65 9.19 -0.37 -4.72
N LEU A 66 8.54 -0.06 -3.60
CA LEU A 66 7.71 1.15 -3.49
C LEU A 66 8.52 2.38 -3.15
N ARG A 67 7.87 3.55 -3.22
CA ARG A 67 8.36 4.75 -2.60
C ARG A 67 7.18 5.64 -2.21
N ASP A 68 7.30 6.33 -1.08
CA ASP A 68 6.26 7.18 -0.50
C ASP A 68 5.82 8.29 -1.44
N GLU A 69 4.51 8.48 -1.55
CA GLU A 69 3.90 9.58 -2.27
C GLU A 69 3.02 10.43 -1.35
N GLN A 70 3.64 10.93 -0.28
CA GLN A 70 3.15 11.99 0.59
C GLN A 70 1.96 11.52 1.44
N ALA A 71 1.87 12.08 2.65
CA ALA A 71 0.81 11.77 3.58
C ALA A 71 -0.47 12.52 3.16
N ALA A 72 -1.07 12.06 2.06
CA ALA A 72 -2.28 12.63 1.50
C ALA A 72 -1.99 13.96 0.76
N GLU A 73 -1.67 13.85 -0.52
CA GLU A 73 -1.63 14.95 -1.47
C GLU A 73 -2.50 14.54 -2.66
ZN ZN B . 2.97 -9.85 -10.88
N SER A 1 -13.86 11.69 7.07
CA SER A 1 -12.58 11.69 6.36
C SER A 1 -11.55 10.83 7.09
N GLY A 2 -10.41 10.60 6.45
CA GLY A 2 -9.32 9.81 6.96
C GLY A 2 -8.03 10.26 6.27
N THR A 3 -6.98 9.47 6.41
CA THR A 3 -5.60 9.82 6.15
C THR A 3 -5.18 8.97 4.97
N ARG A 4 -5.10 9.60 3.79
CA ARG A 4 -4.88 8.87 2.57
C ARG A 4 -3.39 8.95 2.29
N TYR A 5 -2.72 7.81 2.39
CA TYR A 5 -1.32 7.71 2.04
C TYR A 5 -1.20 6.94 0.74
N SER A 6 -0.10 7.11 0.02
CA SER A 6 0.11 6.50 -1.28
C SER A 6 1.55 6.05 -1.43
N TRP A 7 1.77 5.01 -2.22
CA TRP A 7 3.08 4.49 -2.58
C TRP A 7 3.13 4.25 -4.07
N LYS A 8 4.26 4.64 -4.69
CA LYS A 8 4.61 4.33 -6.06
C LYS A 8 5.55 3.15 -5.99
N VAL A 9 5.47 2.25 -6.96
CA VAL A 9 6.23 1.01 -7.02
C VAL A 9 6.84 0.85 -8.42
N SER A 10 7.60 -0.22 -8.63
CA SER A 10 8.12 -0.60 -9.94
C SER A 10 7.70 -2.04 -10.32
N GLY A 11 6.76 -2.61 -9.57
CA GLY A 11 6.26 -3.97 -9.76
C GLY A 11 4.75 -3.93 -10.01
N MET A 12 3.98 -4.64 -9.17
CA MET A 12 2.52 -4.69 -9.22
C MET A 12 1.96 -4.82 -10.64
N ASP A 13 2.16 -5.99 -11.22
CA ASP A 13 1.98 -6.36 -12.61
C ASP A 13 0.83 -7.33 -12.84
N CYS A 14 0.23 -7.91 -11.80
CA CYS A 14 -0.83 -8.92 -11.89
C CYS A 14 -1.91 -8.61 -10.86
N ALA A 15 -3.15 -9.03 -11.15
CA ALA A 15 -4.25 -8.93 -10.19
C ALA A 15 -3.96 -9.76 -8.95
N ALA A 16 -3.39 -10.96 -9.12
CA ALA A 16 -3.02 -11.80 -7.99
C ALA A 16 -2.00 -11.08 -7.10
N CYS A 17 -0.98 -10.47 -7.73
CA CYS A 17 0.00 -9.63 -7.06
C CYS A 17 -0.72 -8.53 -6.30
N ALA A 18 -1.56 -7.74 -7.00
CA ALA A 18 -2.37 -6.69 -6.40
C ALA A 18 -3.08 -7.21 -5.16
N ARG A 19 -3.69 -8.38 -5.26
CA ARG A 19 -4.44 -8.93 -4.14
C ARG A 19 -3.50 -9.35 -3.00
N LYS A 20 -2.37 -9.97 -3.34
CA LYS A 20 -1.36 -10.33 -2.36
C LYS A 20 -0.90 -9.07 -1.63
N VAL A 21 -0.74 -7.97 -2.35
CA VAL A 21 -0.35 -6.69 -1.80
C VAL A 21 -1.46 -6.19 -0.88
N GLU A 22 -2.71 -6.13 -1.37
CA GLU A 22 -3.77 -5.52 -0.58
C GLU A 22 -3.89 -6.30 0.73
N ASN A 23 -3.78 -7.62 0.65
CA ASN A 23 -3.79 -8.50 1.80
C ASN A 23 -2.58 -8.26 2.70
N ALA A 24 -1.37 -8.16 2.11
CA ALA A 24 -0.13 -7.91 2.83
C ALA A 24 -0.20 -6.64 3.67
N VAL A 25 -0.84 -5.60 3.14
CA VAL A 25 -0.99 -4.34 3.88
C VAL A 25 -2.22 -4.43 4.81
N ARG A 26 -3.35 -4.93 4.31
CA ARG A 26 -4.61 -4.98 5.05
C ARG A 26 -4.43 -5.69 6.40
N GLN A 27 -3.67 -6.79 6.39
CA GLN A 27 -3.45 -7.59 7.59
C GLN A 27 -2.77 -6.82 8.72
N LEU A 28 -2.16 -5.65 8.48
CA LEU A 28 -1.35 -4.97 9.48
C LEU A 28 -2.13 -4.70 10.76
N ALA A 29 -3.12 -3.80 10.71
CA ALA A 29 -4.02 -3.39 11.79
C ALA A 29 -4.62 -2.02 11.47
N GLY A 30 -3.75 -1.00 11.43
CA GLY A 30 -4.08 0.40 11.22
C GLY A 30 -5.10 0.62 10.10
N VAL A 31 -4.82 -0.01 8.96
CA VAL A 31 -5.50 0.23 7.72
C VAL A 31 -7.00 -0.06 7.79
N ASN A 32 -7.78 0.93 7.37
CA ASN A 32 -9.24 0.90 7.39
C ASN A 32 -9.75 0.47 6.03
N GLN A 33 -9.21 1.06 4.96
CA GLN A 33 -9.52 0.64 3.60
C GLN A 33 -8.22 0.59 2.80
N VAL A 34 -8.06 -0.47 2.02
CA VAL A 34 -6.97 -0.66 1.07
C VAL A 34 -7.44 -0.23 -0.32
N GLN A 35 -6.53 0.34 -1.11
CA GLN A 35 -6.75 0.59 -2.52
C GLN A 35 -5.43 0.39 -3.25
N VAL A 36 -5.14 -0.87 -3.63
CA VAL A 36 -3.99 -1.21 -4.43
C VAL A 36 -4.42 -1.22 -5.90
N LEU A 37 -3.95 -0.24 -6.68
CA LEU A 37 -4.23 -0.17 -8.10
C LEU A 37 -2.95 -0.53 -8.85
N PHE A 38 -2.74 -1.84 -8.99
CA PHE A 38 -1.68 -2.40 -9.80
C PHE A 38 -1.84 -1.97 -11.27
N ALA A 39 -0.80 -2.20 -12.08
CA ALA A 39 -0.72 -1.85 -13.50
C ALA A 39 -0.60 -0.32 -13.68
N THR A 40 -1.53 0.42 -13.11
CA THR A 40 -1.46 1.87 -12.94
C THR A 40 -0.30 2.25 -12.01
N GLU A 41 0.22 1.28 -11.24
CA GLU A 41 1.47 1.40 -10.51
C GLU A 41 1.32 2.33 -9.30
N LYS A 42 0.19 2.28 -8.59
CA LYS A 42 0.09 2.97 -7.33
C LYS A 42 -0.82 2.24 -6.36
N LEU A 43 -0.55 2.46 -5.09
CA LEU A 43 -1.28 1.90 -4.00
C LEU A 43 -1.58 3.09 -3.10
N VAL A 44 -2.78 3.10 -2.54
CA VAL A 44 -3.34 4.06 -1.63
C VAL A 44 -3.87 3.24 -0.45
N VAL A 45 -3.67 3.79 0.73
CA VAL A 45 -4.07 3.19 1.98
C VAL A 45 -4.77 4.29 2.78
N ASP A 46 -5.96 3.96 3.29
CA ASP A 46 -6.73 4.84 4.15
C ASP A 46 -6.52 4.26 5.55
N ALA A 47 -5.65 4.89 6.35
CA ALA A 47 -5.23 4.35 7.63
C ALA A 47 -5.09 5.44 8.67
N ASP A 48 -5.96 5.42 9.66
CA ASP A 48 -6.21 6.57 10.51
C ASP A 48 -5.61 6.32 11.87
N ASN A 49 -4.31 6.08 11.83
CA ASN A 49 -3.48 5.78 12.98
C ASN A 49 -2.05 5.97 12.48
N ASP A 50 -1.35 4.89 12.14
CA ASP A 50 -0.01 4.99 11.59
C ASP A 50 0.49 3.62 11.15
N ILE A 51 0.41 3.33 9.86
CA ILE A 51 0.88 2.06 9.32
C ILE A 51 1.56 2.15 7.99
N ARG A 52 1.46 3.24 7.23
CA ARG A 52 2.23 3.40 6.00
C ARG A 52 3.69 2.95 6.15
N ALA A 53 4.33 3.30 7.28
CA ALA A 53 5.69 2.90 7.58
C ALA A 53 5.80 1.38 7.86
N GLN A 54 4.70 0.75 8.26
CA GLN A 54 4.53 -0.70 8.15
C GLN A 54 4.34 -1.14 6.70
N VAL A 55 3.47 -0.48 5.93
CA VAL A 55 3.11 -0.88 4.58
C VAL A 55 4.37 -1.00 3.73
N GLU A 56 5.16 0.08 3.74
CA GLU A 56 6.36 0.18 2.93
C GLU A 56 7.28 -1.00 3.23
N SER A 57 7.61 -1.18 4.50
CA SER A 57 8.35 -2.33 5.00
C SER A 57 7.68 -3.65 4.55
N ALA A 58 6.36 -3.74 4.64
CA ALA A 58 5.61 -4.96 4.37
C ALA A 58 5.75 -5.36 2.90
N LEU A 59 5.55 -4.39 2.00
CA LEU A 59 5.73 -4.57 0.57
C LEU A 59 7.19 -4.89 0.26
N GLN A 60 8.12 -4.19 0.89
CA GLN A 60 9.53 -4.47 0.74
C GLN A 60 9.84 -5.91 1.14
N LYS A 61 9.27 -6.38 2.24
CA LYS A 61 9.42 -7.76 2.71
C LYS A 61 8.75 -8.75 1.74
N ALA A 62 7.54 -8.42 1.28
CA ALA A 62 6.79 -9.24 0.33
C ALA A 62 7.57 -9.41 -0.98
N GLY A 63 8.22 -8.34 -1.43
CA GLY A 63 9.16 -8.34 -2.54
C GLY A 63 8.81 -7.30 -3.60
N TYR A 64 8.50 -6.07 -3.17
CA TYR A 64 8.28 -4.93 -4.04
C TYR A 64 9.30 -3.84 -3.69
N SER A 65 9.45 -2.84 -4.57
CA SER A 65 10.36 -1.72 -4.36
C SER A 65 9.57 -0.43 -4.46
N LEU A 66 8.73 -0.15 -3.45
CA LEU A 66 7.94 1.06 -3.43
C LEU A 66 8.72 2.28 -2.91
N ARG A 67 8.04 3.42 -2.88
CA ARG A 67 8.53 4.63 -2.26
C ARG A 67 7.32 5.47 -1.88
N ASP A 68 7.42 6.18 -0.76
CA ASP A 68 6.39 7.08 -0.26
C ASP A 68 5.95 8.06 -1.34
N GLU A 69 4.64 8.19 -1.55
CA GLU A 69 4.03 9.21 -2.38
C GLU A 69 3.12 10.09 -1.53
N GLN A 70 3.73 10.75 -0.55
CA GLN A 70 3.11 11.76 0.28
C GLN A 70 2.00 11.16 1.16
N ALA A 71 1.47 12.01 2.04
CA ALA A 71 0.38 11.73 2.95
C ALA A 71 -0.65 12.82 2.70
N ALA A 72 -1.72 12.49 1.99
CA ALA A 72 -2.84 13.42 1.86
C ALA A 72 -3.57 13.47 3.21
N GLU A 73 -3.69 14.69 3.73
CA GLU A 73 -4.24 15.07 5.01
C GLU A 73 -5.32 16.10 4.66
ZN ZN B . 3.09 -10.27 -10.89
N SER A 1 -12.48 10.83 8.06
CA SER A 1 -11.43 11.83 7.94
C SER A 1 -10.09 11.24 8.42
N GLY A 2 -9.73 10.09 7.82
CA GLY A 2 -8.62 9.28 8.27
C GLY A 2 -7.29 9.87 7.80
N THR A 3 -6.44 9.08 7.15
CA THR A 3 -5.29 9.60 6.48
C THR A 3 -5.10 8.76 5.23
N ARG A 4 -5.08 9.43 4.08
CA ARG A 4 -4.88 8.81 2.79
C ARG A 4 -3.39 8.93 2.57
N TYR A 5 -2.69 7.82 2.68
CA TYR A 5 -1.30 7.74 2.27
C TYR A 5 -1.24 7.05 0.93
N SER A 6 -0.23 7.33 0.10
CA SER A 6 0.00 6.60 -1.14
C SER A 6 1.47 6.23 -1.27
N TRP A 7 1.71 5.17 -2.04
CA TRP A 7 3.00 4.65 -2.45
C TRP A 7 2.97 4.40 -3.94
N LYS A 8 4.11 4.66 -4.57
CA LYS A 8 4.34 4.41 -5.98
C LYS A 8 5.28 3.23 -6.02
N VAL A 9 4.99 2.24 -6.86
CA VAL A 9 5.74 0.99 -6.92
C VAL A 9 6.42 0.85 -8.28
N SER A 10 7.12 -0.27 -8.48
CA SER A 10 7.57 -0.67 -9.80
C SER A 10 7.69 -2.20 -9.75
N GLY A 11 6.66 -2.91 -10.23
CA GLY A 11 6.63 -4.36 -10.21
C GLY A 11 5.22 -4.92 -10.37
N MET A 12 4.26 -4.41 -9.58
CA MET A 12 2.92 -4.98 -9.47
C MET A 12 2.14 -4.93 -10.79
N ASP A 13 1.82 -6.12 -11.30
CA ASP A 13 1.61 -6.46 -12.70
C ASP A 13 0.32 -7.25 -12.94
N CYS A 14 -0.16 -8.01 -11.96
CA CYS A 14 -1.29 -8.91 -12.04
C CYS A 14 -2.28 -8.59 -10.93
N ALA A 15 -3.56 -8.87 -11.15
CA ALA A 15 -4.59 -8.74 -10.13
C ALA A 15 -4.29 -9.66 -8.94
N ALA A 16 -3.75 -10.87 -9.20
CA ALA A 16 -3.36 -11.78 -8.14
C ALA A 16 -2.33 -11.11 -7.23
N CYS A 17 -1.24 -10.63 -7.83
CA CYS A 17 -0.17 -9.89 -7.18
C CYS A 17 -0.78 -8.73 -6.38
N ALA A 18 -1.58 -7.88 -7.05
CA ALA A 18 -2.29 -6.78 -6.47
C ALA A 18 -3.03 -7.20 -5.20
N ARG A 19 -3.79 -8.30 -5.29
CA ARG A 19 -4.56 -8.74 -4.15
C ARG A 19 -3.64 -9.25 -3.04
N LYS A 20 -2.57 -9.96 -3.42
CA LYS A 20 -1.60 -10.41 -2.44
C LYS A 20 -1.06 -9.20 -1.67
N VAL A 21 -0.84 -8.09 -2.37
CA VAL A 21 -0.41 -6.84 -1.77
C VAL A 21 -1.49 -6.28 -0.87
N GLU A 22 -2.73 -6.17 -1.37
CA GLU A 22 -3.80 -5.54 -0.59
C GLU A 22 -3.94 -6.29 0.73
N ASN A 23 -3.90 -7.62 0.65
CA ASN A 23 -3.95 -8.54 1.78
C ASN A 23 -2.75 -8.32 2.70
N ALA A 24 -1.55 -8.30 2.12
CA ALA A 24 -0.31 -8.10 2.86
C ALA A 24 -0.35 -6.83 3.71
N VAL A 25 -0.98 -5.78 3.18
CA VAL A 25 -1.16 -4.53 3.92
C VAL A 25 -2.35 -4.62 4.88
N ARG A 26 -3.51 -5.07 4.41
CA ARG A 26 -4.75 -4.98 5.17
C ARG A 26 -4.62 -5.69 6.52
N GLN A 27 -3.84 -6.77 6.56
CA GLN A 27 -3.62 -7.55 7.77
C GLN A 27 -2.94 -6.78 8.90
N LEU A 28 -2.29 -5.63 8.62
CA LEU A 28 -1.48 -4.94 9.61
C LEU A 28 -2.28 -4.52 10.85
N ALA A 29 -3.11 -3.47 10.72
CA ALA A 29 -3.92 -2.88 11.79
C ALA A 29 -4.47 -1.51 11.37
N GLY A 30 -3.59 -0.50 11.32
CA GLY A 30 -3.88 0.89 10.97
C GLY A 30 -4.85 1.01 9.79
N VAL A 31 -4.58 0.24 8.73
CA VAL A 31 -5.26 0.32 7.46
C VAL A 31 -6.72 -0.14 7.57
N ASN A 32 -7.61 0.76 7.20
CA ASN A 32 -9.05 0.56 7.23
C ASN A 32 -9.52 0.18 5.85
N GLN A 33 -9.19 1.00 4.84
CA GLN A 33 -9.40 0.70 3.44
C GLN A 33 -8.02 0.67 2.79
N VAL A 34 -7.74 -0.37 2.01
CA VAL A 34 -6.56 -0.45 1.17
C VAL A 34 -7.04 -0.37 -0.28
N GLN A 35 -6.25 0.25 -1.15
CA GLN A 35 -6.53 0.31 -2.57
C GLN A 35 -5.20 0.16 -3.32
N VAL A 36 -4.94 -1.05 -3.81
CA VAL A 36 -3.77 -1.37 -4.64
C VAL A 36 -4.20 -1.28 -6.10
N LEU A 37 -3.74 -0.25 -6.81
CA LEU A 37 -3.91 -0.14 -8.24
C LEU A 37 -2.60 -0.54 -8.89
N PHE A 38 -2.46 -1.86 -9.10
CA PHE A 38 -1.37 -2.44 -9.87
C PHE A 38 -1.43 -1.95 -11.33
N ALA A 39 -0.41 -2.27 -12.12
CA ALA A 39 -0.26 -1.83 -13.50
C ALA A 39 -0.01 -0.32 -13.55
N THR A 40 -0.99 0.49 -13.14
CA THR A 40 -0.82 1.92 -12.90
C THR A 40 -0.16 2.12 -11.53
N GLU A 41 0.98 1.44 -11.35
CA GLU A 41 1.88 1.29 -10.22
C GLU A 41 1.66 2.16 -8.96
N LYS A 42 0.49 2.14 -8.32
CA LYS A 42 0.27 2.92 -7.11
C LYS A 42 -0.70 2.24 -6.18
N LEU A 43 -0.47 2.42 -4.89
CA LEU A 43 -1.19 1.82 -3.82
C LEU A 43 -1.46 2.95 -2.84
N VAL A 44 -2.72 3.11 -2.44
CA VAL A 44 -3.28 4.10 -1.55
C VAL A 44 -3.81 3.32 -0.37
N VAL A 45 -3.66 3.88 0.82
CA VAL A 45 -4.15 3.29 2.06
C VAL A 45 -4.82 4.40 2.86
N ASP A 46 -6.04 4.12 3.31
CA ASP A 46 -6.77 4.95 4.24
C ASP A 46 -6.58 4.27 5.59
N ALA A 47 -5.69 4.84 6.42
CA ALA A 47 -5.37 4.31 7.72
C ALA A 47 -5.60 5.40 8.75
N ASP A 48 -6.47 5.11 9.72
CA ASP A 48 -6.87 6.12 10.69
C ASP A 48 -6.00 5.88 11.94
N ASN A 49 -4.67 5.90 11.74
CA ASN A 49 -3.66 5.79 12.80
C ASN A 49 -2.32 6.28 12.27
N ASP A 50 -1.74 5.48 11.36
CA ASP A 50 -0.43 5.55 10.72
C ASP A 50 0.15 4.15 10.73
N ILE A 51 0.37 3.61 9.54
CA ILE A 51 1.05 2.34 9.33
C ILE A 51 1.86 2.34 8.04
N ARG A 52 1.93 3.45 7.30
CA ARG A 52 2.58 3.49 5.99
C ARG A 52 4.00 2.95 6.04
N ALA A 53 4.73 3.22 7.11
CA ALA A 53 6.07 2.71 7.29
C ALA A 53 6.04 1.19 7.55
N GLN A 54 4.96 0.68 8.18
CA GLN A 54 4.67 -0.74 8.19
C GLN A 54 4.37 -1.24 6.77
N VAL A 55 3.50 -0.56 6.02
CA VAL A 55 3.16 -0.94 4.66
C VAL A 55 4.42 -1.13 3.85
N GLU A 56 5.26 -0.10 3.83
CA GLU A 56 6.39 -0.02 2.93
C GLU A 56 7.41 -1.10 3.30
N SER A 57 7.70 -1.23 4.59
CA SER A 57 8.50 -2.34 5.11
C SER A 57 7.90 -3.69 4.69
N ALA A 58 6.57 -3.82 4.78
CA ALA A 58 5.89 -5.09 4.52
C ALA A 58 5.99 -5.45 3.05
N LEU A 59 5.71 -4.48 2.17
CA LEU A 59 5.83 -4.63 0.73
C LEU A 59 7.26 -4.92 0.34
N GLN A 60 8.22 -4.24 0.96
CA GLN A 60 9.62 -4.51 0.74
C GLN A 60 9.96 -5.94 1.15
N LYS A 61 9.44 -6.41 2.28
CA LYS A 61 9.55 -7.80 2.70
C LYS A 61 8.96 -8.74 1.65
N ALA A 62 7.74 -8.45 1.19
CA ALA A 62 7.04 -9.26 0.21
C ALA A 62 7.81 -9.30 -1.11
N GLY A 63 8.45 -8.18 -1.47
CA GLY A 63 9.39 -8.08 -2.58
C GLY A 63 8.92 -7.05 -3.61
N TYR A 64 8.45 -5.88 -3.16
CA TYR A 64 8.02 -4.79 -4.01
C TYR A 64 8.83 -3.53 -3.69
N SER A 65 9.06 -2.70 -4.72
CA SER A 65 10.01 -1.61 -4.70
C SER A 65 9.24 -0.29 -4.64
N LEU A 66 8.56 -0.06 -3.51
CA LEU A 66 7.78 1.15 -3.34
C LEU A 66 8.58 2.37 -2.91
N ARG A 67 7.92 3.52 -2.96
CA ARG A 67 8.42 4.74 -2.38
C ARG A 67 7.24 5.62 -1.98
N ASP A 68 7.42 6.43 -0.93
CA ASP A 68 6.46 7.40 -0.43
C ASP A 68 5.82 8.18 -1.57
N GLU A 69 4.49 8.31 -1.52
CA GLU A 69 3.74 9.20 -2.38
C GLU A 69 2.78 10.03 -1.52
N GLN A 70 3.36 10.64 -0.49
CA GLN A 70 2.81 11.69 0.36
C GLN A 70 1.58 11.27 1.19
N ALA A 71 1.49 11.89 2.38
CA ALA A 71 0.40 11.71 3.32
C ALA A 71 -0.71 12.70 2.98
N ALA A 72 -1.45 12.40 1.91
CA ALA A 72 -2.57 13.18 1.45
C ALA A 72 -2.15 14.60 1.05
N GLU A 73 -3.09 15.54 1.17
CA GLU A 73 -2.96 16.97 1.00
C GLU A 73 -3.87 17.55 2.08
ZN ZN B . 2.64 -10.63 -11.25
N SER A 1 -12.21 11.74 8.17
CA SER A 1 -12.53 10.61 7.30
C SER A 1 -11.52 9.48 7.50
N GLY A 2 -10.25 9.85 7.66
CA GLY A 2 -9.13 8.94 7.84
C GLY A 2 -7.88 9.69 7.41
N THR A 3 -6.87 9.00 6.89
CA THR A 3 -5.81 9.65 6.14
C THR A 3 -5.42 8.75 4.97
N ARG A 4 -5.42 9.33 3.77
CA ARG A 4 -5.19 8.62 2.53
C ARG A 4 -3.73 8.80 2.17
N TYR A 5 -2.96 7.75 2.40
CA TYR A 5 -1.55 7.68 2.09
C TYR A 5 -1.34 6.96 0.76
N SER A 6 -0.20 7.18 0.08
CA SER A 6 0.07 6.59 -1.24
C SER A 6 1.52 6.09 -1.33
N TRP A 7 1.75 5.07 -2.15
CA TRP A 7 3.07 4.59 -2.53
C TRP A 7 3.13 4.38 -4.04
N LYS A 8 4.24 4.76 -4.66
CA LYS A 8 4.55 4.43 -6.04
C LYS A 8 5.43 3.20 -6.00
N VAL A 9 5.18 2.25 -6.90
CA VAL A 9 5.90 0.99 -6.99
C VAL A 9 6.60 0.90 -8.34
N SER A 10 7.27 -0.23 -8.59
CA SER A 10 7.80 -0.59 -9.89
C SER A 10 7.75 -2.11 -9.96
N GLY A 11 6.54 -2.67 -10.12
CA GLY A 11 6.34 -4.10 -9.92
C GLY A 11 4.90 -4.57 -10.12
N MET A 12 3.95 -3.97 -9.41
CA MET A 12 2.57 -4.47 -9.34
C MET A 12 1.84 -4.40 -10.68
N ASP A 13 1.50 -5.58 -11.21
CA ASP A 13 1.23 -5.86 -12.61
C ASP A 13 0.01 -6.76 -12.83
N CYS A 14 -0.48 -7.48 -11.80
CA CYS A 14 -1.51 -8.49 -11.91
C CYS A 14 -2.52 -8.31 -10.77
N ALA A 15 -3.75 -8.77 -10.99
CA ALA A 15 -4.78 -8.77 -9.97
C ALA A 15 -4.41 -9.69 -8.81
N ALA A 16 -3.75 -10.82 -9.08
CA ALA A 16 -3.30 -11.73 -8.04
C ALA A 16 -2.25 -11.04 -7.15
N CYS A 17 -1.25 -10.45 -7.80
CA CYS A 17 -0.22 -9.64 -7.15
C CYS A 17 -0.90 -8.59 -6.27
N ALA A 18 -1.79 -7.78 -6.87
CA ALA A 18 -2.62 -6.83 -6.13
C ALA A 18 -3.26 -7.47 -4.91
N ARG A 19 -4.04 -8.54 -5.07
CA ARG A 19 -4.70 -9.21 -3.96
C ARG A 19 -3.69 -9.52 -2.86
N LYS A 20 -2.53 -10.08 -3.22
CA LYS A 20 -1.55 -10.43 -2.21
C LYS A 20 -1.06 -9.18 -1.50
N VAL A 21 -0.83 -8.11 -2.25
CA VAL A 21 -0.37 -6.85 -1.69
C VAL A 21 -1.42 -6.32 -0.71
N GLU A 22 -2.68 -6.24 -1.14
CA GLU A 22 -3.70 -5.69 -0.26
C GLU A 22 -3.88 -6.56 0.96
N ASN A 23 -3.75 -7.89 0.84
CA ASN A 23 -3.71 -8.79 1.98
C ASN A 23 -2.49 -8.52 2.88
N ALA A 24 -1.31 -8.37 2.26
CA ALA A 24 -0.04 -8.13 2.93
C ALA A 24 -0.09 -6.86 3.76
N VAL A 25 -0.81 -5.86 3.26
CA VAL A 25 -1.04 -4.61 3.97
C VAL A 25 -2.19 -4.76 4.97
N ARG A 26 -3.35 -5.26 4.54
CA ARG A 26 -4.56 -5.25 5.33
C ARG A 26 -4.41 -6.06 6.61
N GLN A 27 -3.57 -7.11 6.58
CA GLN A 27 -3.25 -7.89 7.76
C GLN A 27 -2.60 -7.07 8.89
N LEU A 28 -2.04 -5.89 8.61
CA LEU A 28 -1.29 -5.16 9.63
C LEU A 28 -2.17 -4.78 10.83
N ALA A 29 -3.05 -3.78 10.65
CA ALA A 29 -3.99 -3.27 11.64
C ALA A 29 -4.54 -1.91 11.19
N GLY A 30 -3.64 -0.93 11.07
CA GLY A 30 -3.96 0.47 10.83
C GLY A 30 -4.89 0.68 9.63
N VAL A 31 -4.57 0.01 8.53
CA VAL A 31 -5.28 0.10 7.27
C VAL A 31 -6.75 -0.26 7.45
N ASN A 32 -7.65 0.65 7.04
CA ASN A 32 -9.09 0.45 7.10
C ASN A 32 -9.55 -0.02 5.73
N GLN A 33 -9.23 0.78 4.70
CA GLN A 33 -9.45 0.45 3.30
C GLN A 33 -8.08 0.55 2.65
N VAL A 34 -7.71 -0.45 1.85
CA VAL A 34 -6.52 -0.40 1.01
C VAL A 34 -6.97 -0.47 -0.43
N GLN A 35 -6.32 0.30 -1.29
CA GLN A 35 -6.56 0.35 -2.72
C GLN A 35 -5.22 0.19 -3.41
N VAL A 36 -4.99 -1.00 -3.95
CA VAL A 36 -3.82 -1.30 -4.76
C VAL A 36 -4.25 -1.16 -6.21
N LEU A 37 -3.64 -0.22 -6.95
CA LEU A 37 -3.91 -0.01 -8.34
C LEU A 37 -2.66 -0.44 -9.11
N PHE A 38 -2.54 -1.76 -9.25
CA PHE A 38 -1.55 -2.39 -10.09
C PHE A 38 -1.71 -1.88 -11.53
N ALA A 39 -0.68 -2.07 -12.37
CA ALA A 39 -0.62 -1.66 -13.77
C ALA A 39 -0.47 -0.13 -13.90
N THR A 40 -1.37 0.64 -13.26
CA THR A 40 -1.17 2.07 -13.04
C THR A 40 0.02 2.29 -12.09
N GLU A 41 0.34 1.27 -11.28
CA GLU A 41 1.60 1.17 -10.56
C GLU A 41 1.59 2.10 -9.34
N LYS A 42 0.48 2.11 -8.60
CA LYS A 42 0.41 2.80 -7.33
C LYS A 42 -0.43 2.04 -6.32
N LEU A 43 -0.21 2.31 -5.04
CA LEU A 43 -0.97 1.80 -3.93
C LEU A 43 -1.39 3.05 -3.15
N VAL A 44 -2.56 3.00 -2.53
CA VAL A 44 -3.18 3.99 -1.69
C VAL A 44 -3.77 3.23 -0.52
N VAL A 45 -3.68 3.82 0.66
CA VAL A 45 -4.02 3.24 1.94
C VAL A 45 -4.78 4.28 2.73
N ASP A 46 -6.00 3.93 3.16
CA ASP A 46 -6.81 4.77 4.02
C ASP A 46 -6.63 4.19 5.42
N ALA A 47 -5.77 4.83 6.21
CA ALA A 47 -5.38 4.37 7.53
C ALA A 47 -5.54 5.53 8.50
N ASP A 48 -6.50 5.40 9.42
CA ASP A 48 -6.89 6.48 10.32
C ASP A 48 -6.10 6.33 11.62
N ASN A 49 -4.78 6.34 11.46
CA ASN A 49 -3.77 6.02 12.48
C ASN A 49 -2.46 6.03 11.70
N ASP A 50 -1.54 5.09 11.94
CA ASP A 50 -0.16 5.31 11.54
C ASP A 50 0.56 4.01 11.21
N ILE A 51 0.65 3.72 9.91
CA ILE A 51 1.15 2.45 9.42
C ILE A 51 1.91 2.57 8.10
N ARG A 52 2.09 3.76 7.55
CA ARG A 52 2.64 3.87 6.19
C ARG A 52 4.01 3.20 6.10
N ALA A 53 4.89 3.48 7.05
CA ALA A 53 6.18 2.83 7.07
C ALA A 53 6.02 1.31 7.29
N GLN A 54 4.98 0.90 8.04
CA GLN A 54 4.62 -0.51 8.14
C GLN A 54 4.27 -1.07 6.77
N VAL A 55 3.42 -0.38 6.01
CA VAL A 55 3.05 -0.75 4.67
C VAL A 55 4.29 -0.85 3.78
N GLU A 56 5.06 0.24 3.74
CA GLU A 56 6.20 0.42 2.89
C GLU A 56 7.17 -0.74 3.15
N SER A 57 7.50 -0.94 4.43
CA SER A 57 8.30 -2.07 4.90
C SER A 57 7.65 -3.41 4.53
N ALA A 58 6.34 -3.55 4.70
CA ALA A 58 5.62 -4.79 4.48
C ALA A 58 5.74 -5.20 3.02
N LEU A 59 5.46 -4.26 2.11
CA LEU A 59 5.62 -4.46 0.68
C LEU A 59 7.09 -4.74 0.36
N GLN A 60 8.00 -3.92 0.90
CA GLN A 60 9.41 -4.11 0.64
C GLN A 60 9.85 -5.53 1.03
N LYS A 61 9.43 -6.01 2.20
CA LYS A 61 9.82 -7.32 2.70
C LYS A 61 9.01 -8.45 2.04
N ALA A 62 7.75 -8.17 1.64
CA ALA A 62 6.95 -9.11 0.86
C ALA A 62 7.61 -9.39 -0.48
N GLY A 63 8.15 -8.33 -1.11
CA GLY A 63 9.02 -8.43 -2.27
C GLY A 63 8.67 -7.43 -3.36
N TYR A 64 8.43 -6.17 -2.98
CA TYR A 64 8.24 -5.06 -3.89
C TYR A 64 9.35 -4.03 -3.66
N SER A 65 9.34 -2.92 -4.40
CA SER A 65 10.29 -1.85 -4.20
C SER A 65 9.63 -0.50 -4.45
N LEU A 66 8.66 -0.17 -3.60
CA LEU A 66 7.96 1.10 -3.65
C LEU A 66 8.72 2.25 -2.98
N ARG A 67 8.10 3.43 -2.99
CA ARG A 67 8.59 4.64 -2.36
C ARG A 67 7.37 5.43 -1.87
N ASP A 68 7.41 5.93 -0.63
CA ASP A 68 6.38 6.79 -0.06
C ASP A 68 6.02 7.97 -0.96
N GLU A 69 4.75 8.07 -1.34
CA GLU A 69 4.18 9.20 -2.07
C GLU A 69 3.37 10.05 -1.10
N GLN A 70 4.08 10.73 -0.20
CA GLN A 70 3.50 11.70 0.70
C GLN A 70 2.47 11.03 1.63
N ALA A 71 1.86 11.85 2.49
CA ALA A 71 0.89 11.39 3.45
C ALA A 71 -0.40 12.20 3.28
N ALA A 72 -1.18 11.89 2.24
CA ALA A 72 -2.39 12.61 1.87
C ALA A 72 -2.08 13.99 1.29
N GLU A 73 -1.87 14.01 -0.03
CA GLU A 73 -1.70 15.21 -0.84
C GLU A 73 -0.33 15.84 -0.56
ZN ZN B . 2.50 -10.04 -11.33
N SER A 1 -13.59 11.58 8.92
CA SER A 1 -12.16 11.56 9.10
C SER A 1 -11.60 10.63 8.01
N GLY A 2 -10.60 9.80 8.31
CA GLY A 2 -9.87 9.06 7.30
C GLY A 2 -8.63 9.86 6.90
N THR A 3 -7.52 9.16 6.67
CA THR A 3 -6.30 9.74 6.14
C THR A 3 -5.80 8.77 5.09
N ARG A 4 -5.55 9.31 3.90
CA ARG A 4 -5.09 8.55 2.76
C ARG A 4 -3.58 8.72 2.67
N TYR A 5 -2.88 7.70 2.21
CA TYR A 5 -1.45 7.70 1.94
C TYR A 5 -1.23 6.92 0.65
N SER A 6 -0.28 7.32 -0.22
CA SER A 6 0.07 6.53 -1.40
C SER A 6 1.51 6.00 -1.33
N TRP A 7 1.79 4.97 -2.14
CA TRP A 7 3.14 4.54 -2.47
C TRP A 7 3.26 4.39 -3.97
N LYS A 8 4.43 4.73 -4.52
CA LYS A 8 4.74 4.55 -5.93
C LYS A 8 5.68 3.35 -5.99
N VAL A 9 5.49 2.43 -6.93
CA VAL A 9 6.21 1.18 -7.02
C VAL A 9 6.87 1.04 -8.40
N SER A 10 7.54 -0.08 -8.65
CA SER A 10 8.05 -0.46 -9.97
C SER A 10 7.72 -1.95 -10.22
N GLY A 11 6.52 -2.35 -9.81
CA GLY A 11 6.02 -3.71 -9.89
C GLY A 11 4.49 -3.64 -9.97
N MET A 12 3.80 -4.42 -9.14
CA MET A 12 2.35 -4.58 -9.16
C MET A 12 1.79 -4.70 -10.58
N ASP A 13 1.96 -5.88 -11.16
CA ASP A 13 1.68 -6.22 -12.54
C ASP A 13 0.41 -7.05 -12.74
N CYS A 14 -0.11 -7.71 -11.68
CA CYS A 14 -1.20 -8.68 -11.77
C CYS A 14 -2.24 -8.40 -10.69
N ALA A 15 -3.48 -8.86 -10.92
CA ALA A 15 -4.56 -8.78 -9.95
C ALA A 15 -4.30 -9.72 -8.77
N ALA A 16 -3.68 -10.88 -9.00
CA ALA A 16 -3.31 -11.80 -7.93
C ALA A 16 -2.31 -11.11 -7.00
N CYS A 17 -1.25 -10.56 -7.60
CA CYS A 17 -0.26 -9.75 -6.94
C CYS A 17 -0.97 -8.66 -6.15
N ALA A 18 -1.79 -7.83 -6.80
CA ALA A 18 -2.59 -6.81 -6.16
C ALA A 18 -3.29 -7.35 -4.92
N ARG A 19 -4.10 -8.41 -5.06
CA ARG A 19 -4.85 -8.93 -3.93
C ARG A 19 -3.92 -9.37 -2.80
N LYS A 20 -2.78 -9.98 -3.13
CA LYS A 20 -1.80 -10.35 -2.13
C LYS A 20 -1.22 -9.11 -1.46
N VAL A 21 -0.92 -8.04 -2.22
CA VAL A 21 -0.37 -6.82 -1.66
C VAL A 21 -1.40 -6.23 -0.69
N GLU A 22 -2.64 -6.01 -1.16
CA GLU A 22 -3.64 -5.38 -0.31
C GLU A 22 -3.89 -6.22 0.94
N ASN A 23 -3.96 -7.55 0.81
CA ASN A 23 -4.06 -8.43 1.96
C ASN A 23 -2.87 -8.26 2.91
N ALA A 24 -1.65 -8.37 2.35
CA ALA A 24 -0.39 -8.34 3.07
C ALA A 24 -0.23 -7.05 3.87
N VAL A 25 -0.74 -5.92 3.36
CA VAL A 25 -0.80 -4.72 4.17
C VAL A 25 -2.01 -4.75 5.11
N ARG A 26 -3.18 -5.18 4.64
CA ARG A 26 -4.40 -5.13 5.44
C ARG A 26 -4.22 -5.85 6.78
N GLN A 27 -3.49 -6.96 6.77
CA GLN A 27 -3.20 -7.72 7.98
C GLN A 27 -2.49 -6.93 9.09
N LEU A 28 -1.88 -5.77 8.78
CA LEU A 28 -1.06 -5.05 9.76
C LEU A 28 -1.87 -4.67 11.01
N ALA A 29 -2.77 -3.69 10.88
CA ALA A 29 -3.62 -3.15 11.94
C ALA A 29 -4.31 -1.87 11.48
N GLY A 30 -3.55 -0.77 11.44
CA GLY A 30 -4.03 0.59 11.19
C GLY A 30 -4.89 0.71 9.92
N VAL A 31 -4.50 0.00 8.85
CA VAL A 31 -5.08 0.15 7.54
C VAL A 31 -6.56 -0.27 7.55
N ASN A 32 -7.44 0.67 7.17
CA ASN A 32 -8.89 0.50 7.30
C ASN A 32 -9.44 0.06 5.95
N GLN A 33 -9.19 0.88 4.92
CA GLN A 33 -9.46 0.53 3.53
C GLN A 33 -8.10 0.60 2.83
N VAL A 34 -7.93 -0.18 1.76
CA VAL A 34 -6.70 -0.28 1.01
C VAL A 34 -7.09 -0.37 -0.46
N GLN A 35 -6.27 0.19 -1.34
CA GLN A 35 -6.51 0.27 -2.76
C GLN A 35 -5.15 0.22 -3.44
N VAL A 36 -4.76 -0.97 -3.89
CA VAL A 36 -3.49 -1.16 -4.56
C VAL A 36 -3.74 -1.17 -6.07
N LEU A 37 -3.43 -0.05 -6.76
CA LEU A 37 -3.82 0.13 -8.13
C LEU A 37 -2.63 -0.30 -8.98
N PHE A 38 -2.55 -1.62 -9.12
CA PHE A 38 -1.60 -2.29 -9.97
C PHE A 38 -1.78 -1.82 -11.43
N ALA A 39 -0.75 -2.05 -12.25
CA ALA A 39 -0.65 -1.61 -13.65
C ALA A 39 -0.42 -0.10 -13.72
N THR A 40 -1.30 0.69 -13.08
CA THR A 40 -1.08 2.12 -12.86
C THR A 40 0.14 2.37 -11.95
N GLU A 41 0.61 1.33 -11.25
CA GLU A 41 1.90 1.32 -10.57
C GLU A 41 1.87 2.23 -9.34
N LYS A 42 0.75 2.24 -8.60
CA LYS A 42 0.69 2.93 -7.33
C LYS A 42 -0.27 2.27 -6.37
N LEU A 43 -0.07 2.48 -5.07
CA LEU A 43 -0.90 1.97 -4.01
C LEU A 43 -1.39 3.20 -3.24
N VAL A 44 -2.54 3.06 -2.60
CA VAL A 44 -3.28 4.01 -1.82
C VAL A 44 -3.77 3.18 -0.63
N VAL A 45 -3.66 3.76 0.55
CA VAL A 45 -3.99 3.17 1.83
C VAL A 45 -4.81 4.22 2.55
N ASP A 46 -5.92 3.82 3.18
CA ASP A 46 -6.72 4.68 4.02
C ASP A 46 -6.54 4.17 5.44
N ALA A 47 -5.72 4.88 6.21
CA ALA A 47 -5.30 4.48 7.54
C ALA A 47 -5.36 5.69 8.46
N ASP A 48 -6.36 5.70 9.32
CA ASP A 48 -6.67 6.83 10.18
C ASP A 48 -5.96 6.64 11.52
N ASN A 49 -4.63 6.52 11.41
CA ASN A 49 -3.69 6.17 12.46
C ASN A 49 -2.34 6.13 11.77
N ASP A 50 -1.57 5.03 11.81
CA ASP A 50 -0.20 5.13 11.32
C ASP A 50 0.45 3.79 11.02
N ILE A 51 0.63 3.49 9.73
CA ILE A 51 1.07 2.19 9.26
C ILE A 51 1.78 2.28 7.92
N ARG A 52 2.26 3.46 7.54
CA ARG A 52 2.80 3.66 6.20
C ARG A 52 4.11 2.91 6.11
N ALA A 53 4.99 3.19 7.06
CA ALA A 53 6.25 2.49 7.21
C ALA A 53 6.00 0.98 7.36
N GLN A 54 4.88 0.61 7.99
CA GLN A 54 4.45 -0.77 8.08
C GLN A 54 4.11 -1.33 6.68
N VAL A 55 3.30 -0.61 5.91
CA VAL A 55 2.93 -0.95 4.55
C VAL A 55 4.21 -1.16 3.74
N GLU A 56 5.09 -0.15 3.73
CA GLU A 56 6.26 -0.19 2.89
C GLU A 56 7.23 -1.28 3.34
N SER A 57 7.41 -1.48 4.66
CA SER A 57 8.11 -2.66 5.16
C SER A 57 7.48 -3.92 4.58
N ALA A 58 6.14 -4.00 4.58
CA ALA A 58 5.43 -5.22 4.19
C ALA A 58 5.66 -5.50 2.71
N LEU A 59 5.48 -4.49 1.85
CA LEU A 59 5.75 -4.59 0.43
C LEU A 59 7.21 -4.94 0.18
N GLN A 60 8.13 -4.29 0.88
CA GLN A 60 9.54 -4.52 0.71
C GLN A 60 9.90 -5.96 1.08
N LYS A 61 9.31 -6.47 2.17
CA LYS A 61 9.44 -7.87 2.55
C LYS A 61 8.85 -8.80 1.49
N ALA A 62 7.63 -8.51 1.05
CA ALA A 62 6.91 -9.31 0.07
C ALA A 62 7.65 -9.36 -1.27
N GLY A 63 8.30 -8.26 -1.64
CA GLY A 63 9.21 -8.18 -2.78
C GLY A 63 8.80 -7.09 -3.77
N TYR A 64 8.47 -5.88 -3.29
CA TYR A 64 8.13 -4.73 -4.11
C TYR A 64 9.02 -3.56 -3.73
N SER A 65 9.41 -2.76 -4.72
CA SER A 65 10.33 -1.65 -4.59
C SER A 65 9.55 -0.35 -4.57
N LEU A 66 8.77 -0.15 -3.51
CA LEU A 66 7.98 1.06 -3.36
C LEU A 66 8.78 2.25 -2.84
N ARG A 67 8.17 3.44 -2.92
CA ARG A 67 8.68 4.64 -2.29
C ARG A 67 7.52 5.44 -1.71
N ASP A 68 7.82 6.09 -0.58
CA ASP A 68 6.90 6.75 0.32
C ASP A 68 6.25 7.99 -0.29
N GLU A 69 4.91 7.97 -0.45
CA GLU A 69 4.16 8.96 -1.21
C GLU A 69 2.92 9.42 -0.43
N GLN A 70 3.14 10.02 0.74
CA GLN A 70 2.05 10.64 1.49
C GLN A 70 1.51 11.85 0.73
N ALA A 71 0.22 12.15 0.98
CA ALA A 71 -0.49 13.25 0.37
C ALA A 71 -1.79 13.49 1.13
N ALA A 72 -2.58 12.43 1.29
CA ALA A 72 -3.84 12.43 2.02
C ALA A 72 -4.91 13.21 1.28
N GLU A 73 -4.79 14.53 1.23
CA GLU A 73 -5.45 15.31 0.20
C GLU A 73 -4.67 15.15 -1.11
ZN ZN B . 2.73 -9.91 -10.78
N SER A 1 -11.13 14.02 9.62
CA SER A 1 -11.24 13.05 8.54
C SER A 1 -10.31 11.85 8.81
N GLY A 2 -10.37 10.85 7.94
CA GLY A 2 -9.35 9.80 7.91
C GLY A 2 -8.08 10.34 7.24
N THR A 3 -7.08 9.48 7.07
CA THR A 3 -5.78 9.80 6.52
C THR A 3 -5.52 8.85 5.37
N ARG A 4 -5.38 9.44 4.18
CA ARG A 4 -4.98 8.72 3.00
C ARG A 4 -3.48 8.90 2.83
N TYR A 5 -2.78 7.80 2.56
CA TYR A 5 -1.39 7.75 2.16
C TYR A 5 -1.28 7.04 0.81
N SER A 6 -0.14 7.15 0.13
CA SER A 6 0.07 6.54 -1.17
C SER A 6 1.53 6.17 -1.40
N TRP A 7 1.76 5.13 -2.19
CA TRP A 7 3.07 4.67 -2.61
C TRP A 7 3.04 4.38 -4.11
N LYS A 8 4.13 4.68 -4.81
CA LYS A 8 4.35 4.28 -6.20
C LYS A 8 5.21 3.03 -6.14
N VAL A 9 4.96 2.06 -7.04
CA VAL A 9 5.59 0.75 -6.97
C VAL A 9 5.99 0.19 -8.34
N SER A 10 7.31 0.17 -8.59
CA SER A 10 7.84 -0.42 -9.81
C SER A 10 7.79 -1.95 -9.71
N GLY A 11 6.59 -2.53 -9.82
CA GLY A 11 6.45 -3.98 -9.73
C GLY A 11 5.07 -4.50 -10.12
N MET A 12 4.01 -4.02 -9.46
CA MET A 12 2.71 -4.70 -9.50
C MET A 12 2.09 -4.73 -10.89
N ASP A 13 1.87 -5.95 -11.38
CA ASP A 13 1.63 -6.31 -12.76
C ASP A 13 0.35 -7.13 -12.97
N CYS A 14 -0.16 -7.80 -11.93
CA CYS A 14 -1.29 -8.73 -11.98
C CYS A 14 -2.29 -8.40 -10.88
N ALA A 15 -3.56 -8.74 -11.11
CA ALA A 15 -4.61 -8.63 -10.11
C ALA A 15 -4.31 -9.54 -8.91
N ALA A 16 -3.76 -10.74 -9.16
CA ALA A 16 -3.37 -11.65 -8.09
C ALA A 16 -2.35 -10.96 -7.18
N CYS A 17 -1.28 -10.43 -7.79
CA CYS A 17 -0.24 -9.67 -7.13
C CYS A 17 -0.90 -8.54 -6.32
N ALA A 18 -1.73 -7.72 -6.96
CA ALA A 18 -2.48 -6.66 -6.32
C ALA A 18 -3.22 -7.16 -5.07
N ARG A 19 -3.98 -8.26 -5.19
CA ARG A 19 -4.72 -8.82 -4.09
C ARG A 19 -3.77 -9.28 -2.98
N LYS A 20 -2.65 -9.90 -3.34
CA LYS A 20 -1.68 -10.38 -2.38
C LYS A 20 -1.15 -9.18 -1.58
N VAL A 21 -0.83 -8.10 -2.29
CA VAL A 21 -0.34 -6.87 -1.68
C VAL A 21 -1.39 -6.32 -0.74
N GLU A 22 -2.61 -6.08 -1.26
CA GLU A 22 -3.62 -5.43 -0.45
C GLU A 22 -3.82 -6.23 0.84
N ASN A 23 -3.81 -7.56 0.71
CA ASN A 23 -3.94 -8.46 1.85
C ASN A 23 -2.78 -8.26 2.82
N ALA A 24 -1.55 -8.34 2.28
CA ALA A 24 -0.31 -8.22 3.02
C ALA A 24 -0.24 -6.92 3.81
N VAL A 25 -0.85 -5.83 3.31
CA VAL A 25 -0.96 -4.60 4.09
C VAL A 25 -2.19 -4.62 5.01
N ARG A 26 -3.34 -5.12 4.53
CA ARG A 26 -4.58 -5.09 5.29
C ARG A 26 -4.43 -5.81 6.63
N GLN A 27 -3.62 -6.87 6.64
CA GLN A 27 -3.31 -7.60 7.87
C GLN A 27 -2.66 -6.75 8.96
N LEU A 28 -2.12 -5.56 8.67
CA LEU A 28 -1.31 -4.83 9.63
C LEU A 28 -2.10 -4.48 10.90
N ALA A 29 -3.05 -3.55 10.80
CA ALA A 29 -3.90 -3.01 11.87
C ALA A 29 -4.52 -1.68 11.47
N GLY A 30 -3.70 -0.62 11.42
CA GLY A 30 -4.08 0.76 11.14
C GLY A 30 -5.00 0.94 9.93
N VAL A 31 -4.79 0.12 8.90
CA VAL A 31 -5.39 0.26 7.60
C VAL A 31 -6.86 -0.14 7.61
N ASN A 32 -7.71 0.78 7.13
CA ASN A 32 -9.15 0.65 7.14
C ASN A 32 -9.63 0.29 5.75
N GLN A 33 -9.32 1.13 4.76
CA GLN A 33 -9.64 0.89 3.36
C GLN A 33 -8.32 0.86 2.61
N VAL A 34 -7.98 -0.28 2.00
CA VAL A 34 -6.80 -0.41 1.17
C VAL A 34 -7.25 -0.33 -0.29
N GLN A 35 -6.43 0.27 -1.17
CA GLN A 35 -6.69 0.34 -2.59
C GLN A 35 -5.36 0.22 -3.34
N VAL A 36 -5.07 -0.99 -3.84
CA VAL A 36 -3.87 -1.27 -4.62
C VAL A 36 -4.26 -1.22 -6.10
N LEU A 37 -3.76 -0.22 -6.84
CA LEU A 37 -3.99 -0.09 -8.26
C LEU A 37 -2.69 -0.47 -8.98
N PHE A 38 -2.51 -1.78 -9.14
CA PHE A 38 -1.44 -2.34 -9.94
C PHE A 38 -1.54 -1.85 -11.39
N ALA A 39 -0.51 -2.15 -12.19
CA ALA A 39 -0.38 -1.72 -13.58
C ALA A 39 -0.11 -0.22 -13.64
N THR A 40 -1.04 0.60 -13.14
CA THR A 40 -0.82 2.03 -12.93
C THR A 40 -0.04 2.24 -11.62
N GLU A 41 1.06 1.49 -11.48
CA GLU A 41 2.06 1.43 -10.41
C GLU A 41 1.79 2.21 -9.11
N LYS A 42 0.60 2.12 -8.49
CA LYS A 42 0.39 2.76 -7.20
C LYS A 42 -0.49 1.98 -6.25
N LEU A 43 -0.34 2.32 -4.98
CA LEU A 43 -1.12 1.82 -3.89
C LEU A 43 -1.50 3.05 -3.07
N VAL A 44 -2.73 3.06 -2.55
CA VAL A 44 -3.36 4.05 -1.74
C VAL A 44 -3.87 3.27 -0.54
N VAL A 45 -3.65 3.84 0.64
CA VAL A 45 -4.02 3.25 1.92
C VAL A 45 -4.77 4.34 2.69
N ASP A 46 -5.96 4.02 3.21
CA ASP A 46 -6.69 4.90 4.09
C ASP A 46 -6.56 4.24 5.45
N ALA A 47 -5.75 4.84 6.32
CA ALA A 47 -5.30 4.21 7.55
C ALA A 47 -5.25 5.23 8.66
N ASP A 48 -6.13 5.05 9.63
CA ASP A 48 -6.42 6.09 10.60
C ASP A 48 -5.81 5.68 11.93
N ASN A 49 -4.49 5.47 11.86
CA ASN A 49 -3.61 5.26 13.00
C ASN A 49 -2.26 5.83 12.58
N ASP A 50 -1.52 5.01 11.80
CA ASP A 50 -0.19 5.20 11.25
C ASP A 50 0.31 3.81 10.92
N ILE A 51 0.37 3.45 9.64
CA ILE A 51 0.89 2.17 9.19
C ILE A 51 1.68 2.26 7.90
N ARG A 52 1.67 3.37 7.16
CA ARG A 52 2.44 3.47 5.92
C ARG A 52 3.86 2.93 6.06
N ALA A 53 4.53 3.26 7.17
CA ALA A 53 5.87 2.77 7.45
C ALA A 53 5.88 1.24 7.57
N GLN A 54 4.81 0.67 8.14
CA GLN A 54 4.55 -0.76 8.10
C GLN A 54 4.28 -1.25 6.68
N VAL A 55 3.49 -0.53 5.90
CA VAL A 55 3.17 -0.91 4.52
C VAL A 55 4.46 -1.02 3.71
N GLU A 56 5.26 0.04 3.68
CA GLU A 56 6.49 0.07 2.90
C GLU A 56 7.42 -1.05 3.35
N SER A 57 7.61 -1.19 4.66
CA SER A 57 8.30 -2.34 5.22
C SER A 57 7.69 -3.66 4.71
N ALA A 58 6.36 -3.76 4.67
CA ALA A 58 5.66 -5.00 4.36
C ALA A 58 5.86 -5.38 2.90
N LEU A 59 5.65 -4.42 2.00
CA LEU A 59 5.88 -4.59 0.57
C LEU A 59 7.34 -4.93 0.31
N GLN A 60 8.25 -4.19 0.95
CA GLN A 60 9.67 -4.44 0.81
C GLN A 60 10.01 -5.86 1.25
N LYS A 61 9.47 -6.28 2.40
CA LYS A 61 9.67 -7.61 2.96
C LYS A 61 9.03 -8.69 2.06
N ALA A 62 7.84 -8.41 1.51
CA ALA A 62 7.13 -9.30 0.61
C ALA A 62 7.92 -9.50 -0.68
N GLY A 63 8.49 -8.42 -1.22
CA GLY A 63 9.41 -8.43 -2.34
C GLY A 63 9.03 -7.42 -3.41
N TYR A 64 8.76 -6.17 -3.02
CA TYR A 64 8.52 -5.06 -3.92
C TYR A 64 9.52 -3.93 -3.64
N SER A 65 9.50 -2.91 -4.49
CA SER A 65 10.34 -1.72 -4.36
C SER A 65 9.51 -0.49 -4.62
N LEU A 66 8.69 -0.11 -3.64
CA LEU A 66 7.91 1.12 -3.68
C LEU A 66 8.69 2.35 -3.24
N ARG A 67 8.01 3.49 -3.29
CA ARG A 67 8.44 4.72 -2.66
C ARG A 67 7.19 5.49 -2.27
N ASP A 68 7.22 6.15 -1.11
CA ASP A 68 6.21 7.08 -0.63
C ASP A 68 5.83 8.10 -1.70
N GLU A 69 4.53 8.38 -1.83
CA GLU A 69 3.98 9.50 -2.58
C GLU A 69 3.07 10.33 -1.68
N GLN A 70 3.66 10.84 -0.60
CA GLN A 70 3.05 11.77 0.34
C GLN A 70 1.85 11.19 1.09
N ALA A 71 1.44 11.94 2.11
CA ALA A 71 0.31 11.63 2.97
C ALA A 71 -0.89 12.47 2.54
N ALA A 72 -1.47 12.15 1.38
CA ALA A 72 -2.58 12.88 0.79
C ALA A 72 -2.21 14.31 0.38
N GLU A 73 -1.99 14.50 -0.92
CA GLU A 73 -2.52 15.69 -1.56
C GLU A 73 -4.04 15.59 -1.49
ZN ZN B . 2.60 -10.45 -11.15
N SER A 1 -13.61 9.59 5.96
CA SER A 1 -12.41 10.36 5.71
C SER A 1 -11.51 10.12 6.93
N GLY A 2 -10.19 10.00 6.72
CA GLY A 2 -9.24 9.71 7.78
C GLY A 2 -7.89 10.31 7.40
N THR A 3 -7.07 9.57 6.67
CA THR A 3 -5.95 10.12 5.92
C THR A 3 -5.86 9.30 4.65
N ARG A 4 -5.38 9.89 3.54
CA ARG A 4 -4.99 9.12 2.36
C ARG A 4 -3.47 9.08 2.35
N TYR A 5 -2.90 7.88 2.35
CA TYR A 5 -1.49 7.67 2.05
C TYR A 5 -1.37 7.01 0.68
N SER A 6 -0.28 7.24 -0.07
CA SER A 6 0.03 6.54 -1.31
C SER A 6 1.52 6.25 -1.45
N TRP A 7 1.85 5.21 -2.23
CA TRP A 7 3.20 4.89 -2.67
C TRP A 7 3.15 4.43 -4.12
N LYS A 8 4.29 4.60 -4.81
CA LYS A 8 4.47 4.20 -6.19
C LYS A 8 5.18 2.86 -6.20
N VAL A 9 4.52 1.81 -6.69
CA VAL A 9 5.05 0.44 -6.67
C VAL A 9 5.63 0.10 -8.04
N SER A 10 6.41 -0.99 -8.14
CA SER A 10 7.10 -1.38 -9.39
C SER A 10 6.90 -2.85 -9.79
N GLY A 11 6.69 -3.74 -8.82
CA GLY A 11 6.47 -5.18 -9.06
C GLY A 11 5.01 -5.52 -9.43
N MET A 12 4.23 -4.48 -9.70
CA MET A 12 2.79 -4.54 -9.94
C MET A 12 2.54 -4.85 -11.42
N ASP A 13 2.10 -6.07 -11.72
CA ASP A 13 1.94 -6.54 -13.08
C ASP A 13 0.92 -7.68 -13.16
N CYS A 14 0.17 -7.91 -12.07
CA CYS A 14 -0.53 -9.14 -11.83
C CYS A 14 -1.73 -8.83 -10.92
N ALA A 15 -2.95 -9.24 -11.30
CA ALA A 15 -4.09 -9.09 -10.40
C ALA A 15 -3.87 -9.88 -9.10
N ALA A 16 -3.05 -10.93 -9.18
CA ALA A 16 -2.57 -11.66 -8.02
C ALA A 16 -1.61 -10.80 -7.18
N CYS A 17 -0.81 -9.93 -7.82
CA CYS A 17 0.04 -8.97 -7.12
C CYS A 17 -0.88 -8.01 -6.39
N ALA A 18 -1.84 -7.42 -7.10
CA ALA A 18 -2.83 -6.54 -6.48
C ALA A 18 -3.39 -7.16 -5.19
N ARG A 19 -3.95 -8.36 -5.30
CA ARG A 19 -4.52 -9.05 -4.16
C ARG A 19 -3.48 -9.34 -3.09
N LYS A 20 -2.31 -9.88 -3.46
CA LYS A 20 -1.28 -10.20 -2.49
C LYS A 20 -0.87 -8.94 -1.72
N VAL A 21 -0.67 -7.84 -2.43
CA VAL A 21 -0.25 -6.58 -1.86
C VAL A 21 -1.34 -6.08 -0.91
N GLU A 22 -2.59 -6.01 -1.39
CA GLU A 22 -3.64 -5.43 -0.56
C GLU A 22 -3.83 -6.29 0.69
N ASN A 23 -3.66 -7.61 0.57
CA ASN A 23 -3.71 -8.53 1.70
C ASN A 23 -2.52 -8.30 2.63
N ALA A 24 -1.31 -8.23 2.08
CA ALA A 24 -0.06 -7.99 2.80
C ALA A 24 -0.18 -6.72 3.66
N VAL A 25 -0.84 -5.71 3.11
CA VAL A 25 -1.11 -4.48 3.83
C VAL A 25 -2.26 -4.66 4.83
N ARG A 26 -3.43 -5.09 4.34
CA ARG A 26 -4.66 -5.10 5.12
C ARG A 26 -4.50 -5.88 6.42
N GLN A 27 -3.73 -6.97 6.37
CA GLN A 27 -3.48 -7.80 7.54
C GLN A 27 -2.79 -7.06 8.69
N LEU A 28 -2.16 -5.91 8.45
CA LEU A 28 -1.31 -5.27 9.45
C LEU A 28 -2.08 -4.92 10.73
N ALA A 29 -2.97 -3.92 10.66
CA ALA A 29 -3.82 -3.42 11.74
C ALA A 29 -4.32 -2.01 11.40
N GLY A 30 -3.37 -1.06 11.31
CA GLY A 30 -3.60 0.36 11.06
C GLY A 30 -4.64 0.64 9.98
N VAL A 31 -4.45 -0.01 8.85
CA VAL A 31 -5.17 0.23 7.62
C VAL A 31 -6.64 -0.10 7.77
N ASN A 32 -7.51 0.83 7.36
CA ASN A 32 -8.95 0.60 7.33
C ASN A 32 -9.30 0.08 5.95
N GLN A 33 -8.91 0.84 4.92
CA GLN A 33 -9.26 0.56 3.53
C GLN A 33 -7.97 0.56 2.71
N VAL A 34 -7.81 -0.47 1.88
CA VAL A 34 -6.76 -0.61 0.91
C VAL A 34 -7.29 -0.17 -0.44
N GLN A 35 -6.45 0.46 -1.26
CA GLN A 35 -6.75 0.74 -2.66
C GLN A 35 -5.45 0.53 -3.44
N VAL A 36 -5.21 -0.72 -3.88
CA VAL A 36 -4.01 -1.10 -4.60
C VAL A 36 -4.36 -1.15 -6.09
N LEU A 37 -3.95 -0.11 -6.83
CA LEU A 37 -4.20 -0.02 -8.26
C LEU A 37 -2.93 -0.46 -8.98
N PHE A 38 -2.82 -1.79 -9.15
CA PHE A 38 -1.80 -2.39 -9.99
C PHE A 38 -1.99 -1.94 -11.45
N ALA A 39 -1.00 -2.24 -12.30
CA ALA A 39 -0.89 -1.74 -13.66
C ALA A 39 -0.63 -0.23 -13.66
N THR A 40 -1.53 0.58 -13.09
CA THR A 40 -1.37 2.02 -12.93
C THR A 40 -0.41 2.40 -11.79
N GLU A 41 0.48 1.48 -11.39
CA GLU A 41 1.70 1.79 -10.65
C GLU A 41 1.48 2.43 -9.28
N LYS A 42 0.32 2.24 -8.62
CA LYS A 42 0.17 2.89 -7.32
C LYS A 42 -0.72 2.17 -6.33
N LEU A 43 -0.37 2.35 -5.07
CA LEU A 43 -1.07 1.83 -3.92
C LEU A 43 -1.44 3.04 -3.08
N VAL A 44 -2.64 3.04 -2.52
CA VAL A 44 -3.18 3.97 -1.56
C VAL A 44 -3.69 3.15 -0.40
N VAL A 45 -3.48 3.68 0.81
CA VAL A 45 -4.04 3.16 2.04
C VAL A 45 -4.72 4.29 2.78
N ASP A 46 -5.91 4.01 3.32
CA ASP A 46 -6.63 4.89 4.19
C ASP A 46 -6.63 4.25 5.57
N ALA A 47 -5.79 4.77 6.45
CA ALA A 47 -5.57 4.31 7.81
C ALA A 47 -5.86 5.47 8.77
N ASP A 48 -6.47 5.17 9.92
CA ASP A 48 -6.84 6.17 10.92
C ASP A 48 -5.98 5.98 12.17
N ASN A 49 -4.67 6.07 11.97
CA ASN A 49 -3.64 5.95 12.98
C ASN A 49 -2.36 6.16 12.19
N ASP A 50 -1.45 5.19 12.07
CA ASP A 50 -0.33 5.33 11.18
C ASP A 50 0.40 4.03 11.00
N ILE A 51 0.75 3.72 9.74
CA ILE A 51 1.35 2.46 9.38
C ILE A 51 2.12 2.53 8.08
N ARG A 52 2.38 3.69 7.48
CA ARG A 52 2.92 3.65 6.11
C ARG A 52 4.29 2.99 6.10
N ALA A 53 5.10 3.34 7.09
CA ALA A 53 6.37 2.69 7.34
C ALA A 53 6.17 1.18 7.43
N GLN A 54 5.12 0.76 8.14
CA GLN A 54 4.65 -0.61 8.24
C GLN A 54 4.35 -1.18 6.85
N VAL A 55 3.54 -0.48 6.06
CA VAL A 55 3.16 -0.91 4.73
C VAL A 55 4.43 -1.12 3.91
N GLU A 56 5.33 -0.13 3.92
CA GLU A 56 6.40 -0.10 2.98
C GLU A 56 7.43 -1.18 3.34
N SER A 57 7.67 -1.32 4.64
CA SER A 57 8.30 -2.51 5.20
C SER A 57 7.61 -3.80 4.72
N ALA A 58 6.27 -3.85 4.75
CA ALA A 58 5.53 -5.06 4.44
C ALA A 58 5.74 -5.44 2.97
N LEU A 59 5.51 -4.49 2.07
CA LEU A 59 5.73 -4.66 0.65
C LEU A 59 7.18 -5.02 0.36
N GLN A 60 8.12 -4.33 0.99
CA GLN A 60 9.53 -4.61 0.82
C GLN A 60 9.82 -6.06 1.22
N LYS A 61 9.25 -6.52 2.34
CA LYS A 61 9.38 -7.90 2.78
C LYS A 61 8.70 -8.87 1.80
N ALA A 62 7.51 -8.51 1.30
CA ALA A 62 6.77 -9.32 0.34
C ALA A 62 7.51 -9.45 -0.98
N GLY A 63 8.23 -8.39 -1.38
CA GLY A 63 9.14 -8.38 -2.52
C GLY A 63 8.75 -7.33 -3.56
N TYR A 64 8.39 -6.12 -3.11
CA TYR A 64 8.12 -4.97 -3.95
C TYR A 64 9.08 -3.84 -3.55
N SER A 65 9.08 -2.75 -4.33
CA SER A 65 9.98 -1.62 -4.15
C SER A 65 9.19 -0.32 -4.28
N LEU A 66 8.38 -0.02 -3.26
CA LEU A 66 7.61 1.22 -3.18
C LEU A 66 8.41 2.39 -2.62
N ARG A 67 7.83 3.58 -2.72
CA ARG A 67 8.36 4.80 -2.14
C ARG A 67 7.19 5.75 -1.88
N ASP A 68 7.24 6.43 -0.73
CA ASP A 68 6.28 7.42 -0.25
C ASP A 68 5.86 8.40 -1.35
N GLU A 69 4.55 8.61 -1.46
CA GLU A 69 3.95 9.70 -2.21
C GLU A 69 3.10 10.56 -1.27
N GLN A 70 3.77 11.06 -0.23
CA GLN A 70 3.38 12.16 0.61
C GLN A 70 2.10 11.86 1.41
N ALA A 71 1.64 12.83 2.20
CA ALA A 71 0.61 12.62 3.19
C ALA A 71 -0.69 13.15 2.62
N ALA A 72 -1.21 12.46 1.60
CA ALA A 72 -2.29 12.95 0.75
C ALA A 72 -1.77 14.06 -0.16
N GLU A 73 -1.34 15.17 0.42
CA GLU A 73 -0.53 16.18 -0.24
C GLU A 73 0.93 15.87 0.12
ZN ZN B . 3.79 -8.27 -9.99
N SER A 1 -12.48 11.76 5.57
CA SER A 1 -11.90 10.45 5.83
C SER A 1 -10.78 10.56 6.88
N GLY A 2 -10.16 9.43 7.24
CA GLY A 2 -9.08 9.38 8.21
C GLY A 2 -7.81 10.02 7.65
N THR A 3 -6.92 9.21 7.09
CA THR A 3 -5.83 9.73 6.26
C THR A 3 -5.54 8.76 5.14
N ARG A 4 -5.56 9.25 3.90
CA ARG A 4 -5.08 8.48 2.78
C ARG A 4 -3.63 8.84 2.53
N TYR A 5 -2.83 7.79 2.50
CA TYR A 5 -1.44 7.74 2.08
C TYR A 5 -1.34 7.08 0.69
N SER A 6 -0.19 7.20 0.00
CA SER A 6 0.05 6.58 -1.30
C SER A 6 1.50 6.16 -1.47
N TRP A 7 1.72 5.12 -2.28
CA TRP A 7 3.04 4.61 -2.64
C TRP A 7 3.05 4.22 -4.13
N LYS A 8 4.14 4.54 -4.83
CA LYS A 8 4.44 4.19 -6.22
C LYS A 8 5.41 3.03 -6.18
N VAL A 9 5.17 2.00 -7.01
CA VAL A 9 5.74 0.68 -6.82
C VAL A 9 6.13 0.05 -8.15
N SER A 10 7.43 0.07 -8.47
CA SER A 10 7.92 -0.53 -9.70
C SER A 10 7.85 -2.06 -9.58
N GLY A 11 6.67 -2.63 -9.83
CA GLY A 11 6.48 -4.08 -9.74
C GLY A 11 5.04 -4.54 -9.98
N MET A 12 4.05 -3.85 -9.39
CA MET A 12 2.69 -4.39 -9.34
C MET A 12 2.02 -4.47 -10.73
N ASP A 13 1.77 -5.70 -11.17
CA ASP A 13 1.58 -6.12 -12.55
C ASP A 13 0.26 -6.89 -12.77
N CYS A 14 -0.16 -7.69 -11.79
CA CYS A 14 -1.28 -8.63 -11.88
C CYS A 14 -2.26 -8.39 -10.73
N ALA A 15 -3.51 -8.82 -10.93
CA ALA A 15 -4.51 -8.77 -9.88
C ALA A 15 -4.18 -9.75 -8.76
N ALA A 16 -3.53 -10.88 -9.06
CA ALA A 16 -3.09 -11.83 -8.05
C ALA A 16 -2.07 -11.16 -7.13
N CYS A 17 -1.05 -10.56 -7.74
CA CYS A 17 -0.04 -9.73 -7.09
C CYS A 17 -0.75 -8.69 -6.21
N ALA A 18 -1.66 -7.93 -6.81
CA ALA A 18 -2.48 -6.96 -6.09
C ALA A 18 -3.20 -7.56 -4.89
N ARG A 19 -3.88 -8.71 -5.03
CA ARG A 19 -4.52 -9.38 -3.93
C ARG A 19 -3.53 -9.70 -2.83
N LYS A 20 -2.33 -10.18 -3.18
CA LYS A 20 -1.34 -10.47 -2.16
C LYS A 20 -0.96 -9.16 -1.45
N VAL A 21 -0.84 -8.06 -2.20
CA VAL A 21 -0.47 -6.78 -1.63
C VAL A 21 -1.57 -6.29 -0.70
N GLU A 22 -2.84 -6.26 -1.15
CA GLU A 22 -3.90 -5.80 -0.26
C GLU A 22 -3.92 -6.63 1.02
N ASN A 23 -3.67 -7.94 0.91
CA ASN A 23 -3.63 -8.82 2.06
C ASN A 23 -2.51 -8.42 3.01
N ALA A 24 -1.31 -8.29 2.43
CA ALA A 24 -0.06 -8.00 3.12
C ALA A 24 -0.16 -6.70 3.89
N VAL A 25 -0.83 -5.69 3.34
CA VAL A 25 -1.06 -4.45 4.05
C VAL A 25 -2.27 -4.58 4.99
N ARG A 26 -3.40 -5.10 4.52
CA ARG A 26 -4.65 -5.07 5.28
C ARG A 26 -4.51 -5.75 6.64
N GLN A 27 -3.68 -6.80 6.71
CA GLN A 27 -3.42 -7.54 7.93
C GLN A 27 -2.77 -6.70 9.04
N LEU A 28 -2.21 -5.52 8.73
CA LEU A 28 -1.40 -4.77 9.70
C LEU A 28 -2.20 -4.36 10.93
N ALA A 29 -3.09 -3.38 10.80
CA ALA A 29 -3.89 -2.77 11.86
C ALA A 29 -4.49 -1.43 11.41
N GLY A 30 -3.63 -0.39 11.36
CA GLY A 30 -3.97 1.00 11.05
C GLY A 30 -4.89 1.16 9.83
N VAL A 31 -4.63 0.34 8.81
CA VAL A 31 -5.23 0.43 7.49
C VAL A 31 -6.68 -0.05 7.51
N ASN A 32 -7.58 0.82 7.06
CA ASN A 32 -9.02 0.62 7.09
C ASN A 32 -9.52 0.27 5.69
N GLN A 33 -9.16 1.09 4.70
CA GLN A 33 -9.49 0.85 3.30
C GLN A 33 -8.17 0.79 2.54
N VAL A 34 -8.04 -0.13 1.59
CA VAL A 34 -6.87 -0.27 0.74
C VAL A 34 -7.32 0.01 -0.69
N GLN A 35 -6.45 0.61 -1.49
CA GLN A 35 -6.69 0.81 -2.91
C GLN A 35 -5.38 0.55 -3.65
N VAL A 36 -5.20 -0.70 -4.08
CA VAL A 36 -4.07 -1.16 -4.86
C VAL A 36 -4.48 -1.09 -6.34
N LEU A 37 -3.86 -0.20 -7.12
CA LEU A 37 -4.10 -0.09 -8.54
C LEU A 37 -2.78 -0.40 -9.25
N PHE A 38 -2.51 -1.70 -9.31
CA PHE A 38 -1.43 -2.27 -10.10
C PHE A 38 -1.55 -1.79 -11.55
N ALA A 39 -0.46 -1.89 -12.32
CA ALA A 39 -0.40 -1.46 -13.73
C ALA A 39 -0.47 0.07 -13.91
N THR A 40 -0.91 0.82 -12.90
CA THR A 40 -0.73 2.26 -12.81
C THR A 40 0.29 2.62 -11.73
N GLU A 41 1.05 1.62 -11.26
CA GLU A 41 2.04 1.71 -10.22
C GLU A 41 1.63 2.66 -9.10
N LYS A 42 0.47 2.40 -8.47
CA LYS A 42 0.23 2.99 -7.18
C LYS A 42 -0.64 2.11 -6.30
N LEU A 43 -0.35 2.25 -5.02
CA LEU A 43 -1.08 1.79 -3.89
C LEU A 43 -1.46 3.07 -3.14
N VAL A 44 -2.59 3.07 -2.44
CA VAL A 44 -3.16 4.07 -1.60
C VAL A 44 -3.73 3.28 -0.43
N VAL A 45 -3.54 3.81 0.77
CA VAL A 45 -3.97 3.20 2.02
C VAL A 45 -4.67 4.29 2.82
N ASP A 46 -5.93 4.05 3.21
CA ASP A 46 -6.69 4.94 4.08
C ASP A 46 -6.61 4.30 5.45
N ALA A 47 -5.94 5.00 6.37
CA ALA A 47 -5.58 4.45 7.67
C ALA A 47 -5.83 5.48 8.76
N ASP A 48 -6.26 5.00 9.93
CA ASP A 48 -6.61 5.85 11.06
C ASP A 48 -5.78 5.42 12.28
N ASN A 49 -4.45 5.47 12.13
CA ASN A 49 -3.49 5.24 13.22
C ASN A 49 -2.12 5.74 12.79
N ASP A 50 -1.66 5.16 11.68
CA ASP A 50 -0.36 5.24 11.02
C ASP A 50 0.22 3.83 10.98
N ILE A 51 0.44 3.33 9.77
CA ILE A 51 1.10 2.08 9.51
C ILE A 51 1.95 2.24 8.24
N ARG A 52 2.25 3.46 7.79
CA ARG A 52 2.77 3.56 6.41
C ARG A 52 4.09 2.83 6.33
N ALA A 53 4.98 3.15 7.27
CA ALA A 53 6.26 2.50 7.40
C ALA A 53 6.08 0.97 7.49
N GLN A 54 5.03 0.53 8.19
CA GLN A 54 4.60 -0.86 8.21
C GLN A 54 4.29 -1.37 6.80
N VAL A 55 3.47 -0.64 6.05
CA VAL A 55 3.09 -1.01 4.70
C VAL A 55 4.32 -1.15 3.81
N GLU A 56 5.11 -0.08 3.71
CA GLU A 56 6.31 -0.09 2.88
C GLU A 56 7.25 -1.21 3.29
N SER A 57 7.47 -1.39 4.60
CA SER A 57 8.18 -2.56 5.09
C SER A 57 7.54 -3.82 4.52
N ALA A 58 6.22 -3.96 4.63
CA ALA A 58 5.52 -5.19 4.28
C ALA A 58 5.71 -5.52 2.79
N LEU A 59 5.47 -4.52 1.93
CA LEU A 59 5.73 -4.61 0.51
C LEU A 59 7.18 -5.01 0.26
N GLN A 60 8.12 -4.37 0.96
CA GLN A 60 9.53 -4.64 0.78
C GLN A 60 9.88 -6.08 1.20
N LYS A 61 9.31 -6.57 2.31
CA LYS A 61 9.47 -7.97 2.72
C LYS A 61 8.88 -8.89 1.66
N ALA A 62 7.67 -8.59 1.18
CA ALA A 62 6.99 -9.37 0.15
C ALA A 62 7.83 -9.43 -1.13
N GLY A 63 8.51 -8.33 -1.45
CA GLY A 63 9.54 -8.25 -2.48
C GLY A 63 9.23 -7.20 -3.54
N TYR A 64 8.65 -6.08 -3.12
CA TYR A 64 8.37 -4.94 -3.99
C TYR A 64 9.35 -3.81 -3.71
N SER A 65 9.44 -2.85 -4.64
CA SER A 65 10.25 -1.65 -4.53
C SER A 65 9.31 -0.46 -4.67
N LEU A 66 8.63 -0.14 -3.56
CA LEU A 66 7.81 1.04 -3.47
C LEU A 66 8.59 2.29 -3.07
N ARG A 67 7.92 3.44 -3.16
CA ARG A 67 8.34 4.65 -2.52
C ARG A 67 7.11 5.49 -2.20
N ASP A 68 7.16 6.25 -1.11
CA ASP A 68 6.15 7.18 -0.66
C ASP A 68 5.71 8.13 -1.78
N GLU A 69 4.40 8.39 -1.84
CA GLU A 69 3.79 9.45 -2.62
C GLU A 69 2.97 10.36 -1.69
N GLN A 70 3.64 10.90 -0.68
CA GLN A 70 3.07 11.87 0.23
C GLN A 70 1.87 11.29 1.00
N ALA A 71 1.27 12.13 1.84
CA ALA A 71 0.07 11.89 2.60
C ALA A 71 -0.83 13.03 2.16
N ALA A 72 -1.98 12.71 1.57
CA ALA A 72 -2.88 13.75 1.09
C ALA A 72 -3.44 14.55 2.27
N GLU A 73 -3.89 13.82 3.31
CA GLU A 73 -4.54 14.37 4.49
C GLU A 73 -5.75 15.24 4.08
ZN ZN B . 2.71 -10.22 -11.20
N SER A 1 -13.66 11.29 6.36
CA SER A 1 -12.46 11.27 5.54
C SER A 1 -11.23 10.97 6.41
N GLY A 2 -10.69 9.76 6.31
CA GLY A 2 -9.46 9.40 6.98
C GLY A 2 -8.26 10.01 6.27
N THR A 3 -7.07 9.54 6.62
CA THR A 3 -5.83 9.89 5.97
C THR A 3 -5.54 8.78 4.98
N ARG A 4 -5.57 9.16 3.70
CA ARG A 4 -5.11 8.32 2.65
C ARG A 4 -3.66 8.68 2.40
N TYR A 5 -2.82 7.67 2.35
CA TYR A 5 -1.43 7.74 1.94
C TYR A 5 -1.31 7.02 0.59
N SER A 6 -0.20 7.23 -0.14
CA SER A 6 0.05 6.55 -1.40
C SER A 6 1.53 6.18 -1.53
N TRP A 7 1.80 5.12 -2.28
CA TRP A 7 3.14 4.70 -2.67
C TRP A 7 3.17 4.40 -4.16
N LYS A 8 4.30 4.69 -4.80
CA LYS A 8 4.59 4.39 -6.19
C LYS A 8 5.58 3.25 -6.21
N VAL A 9 5.25 2.18 -6.93
CA VAL A 9 5.94 0.91 -6.87
C VAL A 9 6.43 0.52 -8.27
N SER A 10 7.06 -0.64 -8.39
CA SER A 10 7.66 -1.10 -9.62
C SER A 10 7.67 -2.64 -9.59
N GLY A 11 6.49 -3.27 -9.74
CA GLY A 11 6.38 -4.72 -9.65
C GLY A 11 4.94 -5.24 -9.59
N MET A 12 4.00 -4.44 -9.08
CA MET A 12 2.59 -4.84 -9.03
C MET A 12 1.97 -4.80 -10.43
N ASP A 13 2.16 -5.88 -11.19
CA ASP A 13 1.70 -6.01 -12.59
C ASP A 13 0.44 -6.88 -12.79
N CYS A 14 -0.07 -7.55 -11.75
CA CYS A 14 -1.08 -8.59 -11.88
C CYS A 14 -2.15 -8.39 -10.81
N ALA A 15 -3.40 -8.75 -11.10
CA ALA A 15 -4.47 -8.71 -10.12
C ALA A 15 -4.20 -9.65 -8.95
N ALA A 16 -3.56 -10.79 -9.21
CA ALA A 16 -3.18 -11.72 -8.16
C ALA A 16 -2.19 -11.05 -7.20
N CYS A 17 -1.12 -10.45 -7.76
CA CYS A 17 -0.16 -9.65 -7.02
C CYS A 17 -0.92 -8.60 -6.21
N ALA A 18 -1.77 -7.82 -6.88
CA ALA A 18 -2.62 -6.82 -6.25
C ALA A 18 -3.34 -7.40 -5.05
N ARG A 19 -4.04 -8.52 -5.20
CA ARG A 19 -4.78 -9.13 -4.11
C ARG A 19 -3.85 -9.55 -2.98
N LYS A 20 -2.70 -10.13 -3.31
CA LYS A 20 -1.76 -10.58 -2.30
C LYS A 20 -1.24 -9.37 -1.51
N VAL A 21 -0.96 -8.27 -2.21
CA VAL A 21 -0.49 -7.05 -1.61
C VAL A 21 -1.59 -6.45 -0.74
N GLU A 22 -2.78 -6.19 -1.30
CA GLU A 22 -3.85 -5.58 -0.55
C GLU A 22 -4.07 -6.36 0.74
N ASN A 23 -4.03 -7.70 0.67
CA ASN A 23 -4.20 -8.54 1.83
C ASN A 23 -3.05 -8.35 2.81
N ALA A 24 -1.81 -8.52 2.33
CA ALA A 24 -0.59 -8.43 3.12
C ALA A 24 -0.50 -7.09 3.86
N VAL A 25 -0.94 -6.00 3.24
CA VAL A 25 -0.98 -4.70 3.89
C VAL A 25 -2.23 -4.63 4.79
N ARG A 26 -3.41 -5.00 4.28
CA ARG A 26 -4.67 -4.93 5.03
C ARG A 26 -4.57 -5.62 6.40
N GLN A 27 -3.92 -6.78 6.45
CA GLN A 27 -3.77 -7.56 7.68
C GLN A 27 -3.03 -6.80 8.79
N LEU A 28 -2.29 -5.72 8.49
CA LEU A 28 -1.40 -5.08 9.45
C LEU A 28 -2.11 -4.74 10.77
N ALA A 29 -3.08 -3.82 10.73
CA ALA A 29 -3.96 -3.38 11.81
C ALA A 29 -4.53 -2.00 11.46
N GLY A 30 -3.63 -1.01 11.36
CA GLY A 30 -3.93 0.39 11.11
C GLY A 30 -4.98 0.62 10.02
N VAL A 31 -4.77 -0.07 8.90
CA VAL A 31 -5.43 0.19 7.65
C VAL A 31 -6.95 0.00 7.75
N ASN A 32 -7.69 1.01 7.31
CA ASN A 32 -9.14 1.07 7.37
C ASN A 32 -9.68 0.54 6.06
N GLN A 33 -9.19 1.10 4.95
CA GLN A 33 -9.54 0.71 3.60
C GLN A 33 -8.24 0.63 2.81
N VAL A 34 -8.18 -0.30 1.86
CA VAL A 34 -7.01 -0.56 1.05
C VAL A 34 -7.43 -0.42 -0.42
N GLN A 35 -6.61 0.25 -1.23
CA GLN A 35 -6.92 0.47 -2.63
C GLN A 35 -5.60 0.42 -3.42
N VAL A 36 -5.22 -0.78 -3.85
CA VAL A 36 -3.99 -0.99 -4.59
C VAL A 36 -4.30 -1.05 -6.08
N LEU A 37 -3.91 -0.01 -6.83
CA LEU A 37 -4.14 0.06 -8.26
C LEU A 37 -2.84 -0.33 -8.95
N PHE A 38 -2.62 -1.65 -8.97
CA PHE A 38 -1.56 -2.29 -9.72
C PHE A 38 -1.62 -1.88 -11.19
N ALA A 39 -0.54 -2.08 -11.95
CA ALA A 39 -0.41 -1.74 -13.37
C ALA A 39 -0.33 -0.24 -13.62
N THR A 40 -1.08 0.57 -12.85
CA THR A 40 -0.90 2.01 -12.75
C THR A 40 0.10 2.34 -11.63
N GLU A 41 0.96 1.40 -11.25
CA GLU A 41 2.02 1.52 -10.28
C GLU A 41 1.74 2.47 -9.12
N LYS A 42 0.58 2.33 -8.47
CA LYS A 42 0.39 2.98 -7.20
C LYS A 42 -0.47 2.15 -6.27
N LEU A 43 -0.22 2.29 -4.96
CA LEU A 43 -1.06 1.75 -3.94
C LEU A 43 -1.45 2.93 -3.07
N VAL A 44 -2.72 3.01 -2.70
CA VAL A 44 -3.28 3.96 -1.76
C VAL A 44 -3.84 3.15 -0.61
N VAL A 45 -3.60 3.66 0.58
CA VAL A 45 -3.99 3.05 1.85
C VAL A 45 -4.67 4.13 2.65
N ASP A 46 -5.88 3.84 3.16
CA ASP A 46 -6.57 4.71 4.09
C ASP A 46 -6.30 4.15 5.47
N ALA A 47 -5.68 4.95 6.33
CA ALA A 47 -5.32 4.49 7.67
C ALA A 47 -5.22 5.67 8.62
N ASP A 48 -5.90 5.57 9.75
CA ASP A 48 -6.07 6.69 10.67
C ASP A 48 -5.40 6.35 11.99
N ASN A 49 -4.10 6.07 11.90
CA ASN A 49 -3.29 5.76 13.06
C ASN A 49 -1.87 5.92 12.56
N ASP A 50 -1.20 4.83 12.18
CA ASP A 50 0.03 4.91 11.42
C ASP A 50 0.45 3.52 11.00
N ILE A 51 0.35 3.23 9.70
CA ILE A 51 0.87 1.98 9.17
C ILE A 51 1.60 2.13 7.86
N ARG A 52 1.48 3.21 7.09
CA ARG A 52 2.26 3.40 5.88
C ARG A 52 3.71 2.90 5.98
N ALA A 53 4.41 3.26 7.04
CA ALA A 53 5.77 2.81 7.27
C ALA A 53 5.83 1.28 7.42
N GLN A 54 4.80 0.72 8.06
CA GLN A 54 4.51 -0.71 8.08
C GLN A 54 4.25 -1.27 6.67
N VAL A 55 3.40 -0.60 5.89
CA VAL A 55 3.06 -1.03 4.55
C VAL A 55 4.33 -1.13 3.72
N GLU A 56 5.16 -0.08 3.76
CA GLU A 56 6.28 0.03 2.85
C GLU A 56 7.34 -0.98 3.24
N SER A 57 7.60 -1.09 4.54
CA SER A 57 8.31 -2.21 5.13
C SER A 57 7.75 -3.55 4.62
N ALA A 58 6.42 -3.73 4.65
CA ALA A 58 5.79 -5.01 4.33
C ALA A 58 6.04 -5.37 2.87
N LEU A 59 5.71 -4.43 1.98
CA LEU A 59 5.96 -4.54 0.54
C LEU A 59 7.43 -4.82 0.27
N GLN A 60 8.32 -4.07 0.91
CA GLN A 60 9.74 -4.27 0.76
C GLN A 60 10.11 -5.71 1.14
N LYS A 61 9.63 -6.18 2.28
CA LYS A 61 9.88 -7.55 2.72
C LYS A 61 9.27 -8.59 1.77
N ALA A 62 8.06 -8.33 1.28
CA ALA A 62 7.38 -9.19 0.32
C ALA A 62 8.17 -9.28 -0.98
N GLY A 63 8.76 -8.16 -1.41
CA GLY A 63 9.71 -8.08 -2.51
C GLY A 63 9.28 -7.07 -3.56
N TYR A 64 8.85 -5.87 -3.13
CA TYR A 64 8.50 -4.77 -3.99
C TYR A 64 9.39 -3.56 -3.69
N SER A 65 9.47 -2.62 -4.63
CA SER A 65 10.28 -1.41 -4.54
C SER A 65 9.34 -0.22 -4.66
N LEU A 66 8.63 0.08 -3.57
CA LEU A 66 7.81 1.27 -3.44
C LEU A 66 8.60 2.49 -3.02
N ARG A 67 7.98 3.67 -3.16
CA ARG A 67 8.38 4.83 -2.41
C ARG A 67 7.14 5.68 -2.11
N ASP A 68 7.17 6.37 -0.95
CA ASP A 68 6.20 7.34 -0.49
C ASP A 68 5.78 8.32 -1.60
N GLU A 69 4.47 8.52 -1.75
CA GLU A 69 3.85 9.61 -2.49
C GLU A 69 3.05 10.47 -1.50
N GLN A 70 3.74 10.93 -0.44
CA GLN A 70 3.26 11.84 0.57
C GLN A 70 2.01 11.35 1.32
N ALA A 71 1.64 12.08 2.37
CA ALA A 71 0.47 11.80 3.18
C ALA A 71 -0.65 12.73 2.76
N ALA A 72 -1.22 12.44 1.58
CA ALA A 72 -2.27 13.24 0.97
C ALA A 72 -1.90 14.71 0.71
N GLU A 73 -1.23 14.94 -0.41
CA GLU A 73 -1.69 16.01 -1.29
C GLU A 73 -2.86 15.45 -2.11
ZN ZN B . 2.93 -9.52 -10.86
N SER A 1 -11.71 12.58 9.74
CA SER A 1 -11.15 12.60 8.39
C SER A 1 -10.14 11.47 8.21
N GLY A 2 -10.41 10.54 7.29
CA GLY A 2 -9.52 9.44 7.00
C GLY A 2 -8.21 9.95 6.39
N THR A 3 -7.10 9.31 6.71
CA THR A 3 -5.78 9.65 6.22
C THR A 3 -5.45 8.70 5.09
N ARG A 4 -5.45 9.22 3.87
CA ARG A 4 -5.05 8.44 2.73
C ARG A 4 -3.58 8.69 2.55
N TYR A 5 -2.82 7.61 2.47
CA TYR A 5 -1.43 7.60 2.11
C TYR A 5 -1.28 6.86 0.79
N SER A 6 -0.12 6.98 0.13
CA SER A 6 0.10 6.47 -1.21
C SER A 6 1.55 6.01 -1.38
N TRP A 7 1.79 4.99 -2.21
CA TRP A 7 3.13 4.51 -2.55
C TRP A 7 3.24 4.25 -4.05
N LYS A 8 4.42 4.55 -4.62
CA LYS A 8 4.76 4.34 -6.03
C LYS A 8 5.57 3.07 -6.13
N VAL A 9 5.03 2.04 -6.78
CA VAL A 9 5.71 0.76 -6.92
C VAL A 9 6.38 0.67 -8.28
N SER A 10 6.99 -0.47 -8.57
CA SER A 10 7.50 -0.81 -9.89
C SER A 10 7.59 -2.34 -9.89
N GLY A 11 6.51 -3.03 -10.27
CA GLY A 11 6.47 -4.48 -10.16
C GLY A 11 5.07 -5.06 -10.05
N MET A 12 4.14 -4.38 -9.37
CA MET A 12 2.80 -4.91 -9.16
C MET A 12 2.02 -4.90 -10.47
N ASP A 13 1.98 -6.06 -11.12
CA ASP A 13 1.67 -6.29 -12.52
C ASP A 13 0.42 -7.13 -12.77
N CYS A 14 -0.06 -7.88 -11.76
CA CYS A 14 -1.18 -8.81 -11.87
C CYS A 14 -2.19 -8.51 -10.77
N ALA A 15 -3.46 -8.78 -11.04
CA ALA A 15 -4.51 -8.68 -10.03
C ALA A 15 -4.26 -9.67 -8.88
N ALA A 16 -3.64 -10.82 -9.15
CA ALA A 16 -3.28 -11.77 -8.11
C ALA A 16 -2.27 -11.15 -7.15
N CYS A 17 -1.20 -10.59 -7.72
CA CYS A 17 -0.17 -9.86 -7.00
C CYS A 17 -0.86 -8.76 -6.19
N ALA A 18 -1.68 -7.93 -6.85
CA ALA A 18 -2.49 -6.91 -6.22
C ALA A 18 -3.24 -7.46 -5.00
N ARG A 19 -3.99 -8.56 -5.18
CA ARG A 19 -4.74 -9.18 -4.11
C ARG A 19 -3.82 -9.56 -2.95
N LYS A 20 -2.68 -10.18 -3.26
CA LYS A 20 -1.79 -10.61 -2.19
C LYS A 20 -1.31 -9.39 -1.41
N VAL A 21 -0.97 -8.31 -2.14
CA VAL A 21 -0.53 -7.07 -1.54
C VAL A 21 -1.64 -6.46 -0.68
N GLU A 22 -2.86 -6.34 -1.21
CA GLU A 22 -3.92 -5.65 -0.50
C GLU A 22 -4.20 -6.41 0.79
N ASN A 23 -4.19 -7.75 0.71
CA ASN A 23 -4.39 -8.64 1.85
C ASN A 23 -3.23 -8.45 2.83
N ALA A 24 -1.99 -8.44 2.33
CA ALA A 24 -0.77 -8.28 3.11
C ALA A 24 -0.77 -6.97 3.89
N VAL A 25 -1.22 -5.86 3.29
CA VAL A 25 -1.33 -4.61 4.03
C VAL A 25 -2.56 -4.62 4.92
N ARG A 26 -3.72 -5.07 4.41
CA ARG A 26 -5.00 -4.97 5.12
C ARG A 26 -4.90 -5.59 6.51
N GLN A 27 -4.24 -6.74 6.60
CA GLN A 27 -4.06 -7.46 7.85
C GLN A 27 -3.28 -6.69 8.93
N LEU A 28 -2.57 -5.60 8.60
CA LEU A 28 -1.71 -4.92 9.57
C LEU A 28 -2.49 -4.48 10.81
N ALA A 29 -3.39 -3.48 10.67
CA ALA A 29 -4.28 -2.92 11.68
C ALA A 29 -4.77 -1.53 11.27
N GLY A 30 -3.85 -0.55 11.24
CA GLY A 30 -4.08 0.86 10.93
C GLY A 30 -5.01 1.10 9.75
N VAL A 31 -4.85 0.29 8.70
CA VAL A 31 -5.53 0.42 7.44
C VAL A 31 -7.03 0.14 7.59
N ASN A 32 -7.84 1.10 7.15
CA ASN A 32 -9.30 1.01 7.19
C ASN A 32 -9.74 0.47 5.83
N GLN A 33 -9.34 1.19 4.77
CA GLN A 33 -9.69 0.90 3.39
C GLN A 33 -8.38 0.79 2.63
N VAL A 34 -8.19 -0.32 1.92
CA VAL A 34 -7.03 -0.56 1.09
C VAL A 34 -7.43 -0.28 -0.37
N GLN A 35 -6.51 0.28 -1.18
CA GLN A 35 -6.76 0.51 -2.59
C GLN A 35 -5.44 0.41 -3.36
N VAL A 36 -5.03 -0.81 -3.73
CA VAL A 36 -3.80 -1.05 -4.48
C VAL A 36 -4.11 -1.08 -5.97
N LEU A 37 -3.74 -0.02 -6.71
CA LEU A 37 -3.95 0.05 -8.15
C LEU A 37 -2.62 -0.34 -8.81
N PHE A 38 -2.45 -1.66 -8.89
CA PHE A 38 -1.38 -2.31 -9.65
C PHE A 38 -1.47 -1.90 -11.12
N ALA A 39 -0.40 -2.11 -11.90
CA ALA A 39 -0.29 -1.81 -13.33
C ALA A 39 -0.20 -0.30 -13.60
N THR A 40 -1.00 0.50 -12.89
CA THR A 40 -0.81 1.93 -12.75
C THR A 40 0.10 2.25 -11.55
N GLU A 41 0.80 1.23 -11.02
CA GLU A 41 1.92 1.38 -10.10
C GLU A 41 1.70 2.27 -8.88
N LYS A 42 0.47 2.31 -8.33
CA LYS A 42 0.13 3.21 -7.26
C LYS A 42 -0.76 2.48 -6.27
N LEU A 43 -0.32 2.37 -5.02
CA LEU A 43 -1.18 1.88 -3.97
C LEU A 43 -1.54 3.08 -3.13
N VAL A 44 -2.80 3.16 -2.67
CA VAL A 44 -3.34 4.08 -1.71
C VAL A 44 -3.91 3.24 -0.57
N VAL A 45 -3.63 3.67 0.64
CA VAL A 45 -4.03 3.05 1.88
C VAL A 45 -4.70 4.14 2.72
N ASP A 46 -5.96 3.96 3.10
CA ASP A 46 -6.70 4.90 3.92
C ASP A 46 -6.64 4.35 5.34
N ALA A 47 -5.69 4.85 6.11
CA ALA A 47 -5.24 4.25 7.36
C ALA A 47 -5.16 5.29 8.46
N ASP A 48 -5.88 5.05 9.55
CA ASP A 48 -5.96 5.99 10.66
C ASP A 48 -5.34 5.37 11.90
N ASN A 49 -4.08 4.99 11.72
CA ASN A 49 -3.08 4.88 12.76
C ASN A 49 -1.82 5.44 12.10
N ASP A 50 -0.86 4.59 11.69
CA ASP A 50 0.35 5.05 11.04
C ASP A 50 1.05 3.90 10.31
N ILE A 51 0.27 2.91 9.85
CA ILE A 51 0.84 1.71 9.28
C ILE A 51 1.61 1.95 8.00
N ARG A 52 1.43 3.08 7.30
CA ARG A 52 2.10 3.33 6.03
C ARG A 52 3.60 2.96 6.02
N ALA A 53 4.33 3.24 7.11
CA ALA A 53 5.73 2.87 7.21
C ALA A 53 5.86 1.35 7.32
N GLN A 54 4.92 0.72 8.05
CA GLN A 54 4.76 -0.72 8.04
C GLN A 54 4.47 -1.24 6.65
N VAL A 55 3.61 -0.57 5.88
CA VAL A 55 3.31 -0.99 4.53
C VAL A 55 4.57 -0.89 3.69
N GLU A 56 5.25 0.26 3.73
CA GLU A 56 6.45 0.51 2.97
C GLU A 56 7.47 -0.60 3.28
N SER A 57 7.75 -0.81 4.57
CA SER A 57 8.62 -1.90 5.00
C SER A 57 8.10 -3.26 4.51
N ALA A 58 6.80 -3.55 4.68
CA ALA A 58 6.22 -4.86 4.42
C ALA A 58 6.29 -5.20 2.94
N LEU A 59 5.89 -4.28 2.08
CA LEU A 59 6.00 -4.43 0.64
C LEU A 59 7.47 -4.55 0.25
N GLN A 60 8.32 -3.68 0.79
CA GLN A 60 9.73 -3.76 0.50
C GLN A 60 10.29 -5.15 0.86
N LYS A 61 9.87 -5.69 2.00
CA LYS A 61 10.24 -7.04 2.44
C LYS A 61 9.64 -8.12 1.55
N ALA A 62 8.35 -7.99 1.23
CA ALA A 62 7.61 -8.94 0.39
C ALA A 62 8.28 -9.04 -0.98
N GLY A 63 8.83 -7.93 -1.47
CA GLY A 63 9.75 -7.90 -2.59
C GLY A 63 9.26 -6.96 -3.68
N TYR A 64 8.66 -5.82 -3.29
CA TYR A 64 8.27 -4.76 -4.19
C TYR A 64 9.18 -3.57 -3.98
N SER A 65 9.07 -2.56 -4.84
CA SER A 65 9.93 -1.38 -4.83
C SER A 65 9.07 -0.15 -4.66
N LEU A 66 8.36 -0.09 -3.54
CA LEU A 66 7.55 1.07 -3.20
C LEU A 66 8.37 2.19 -2.60
N ARG A 67 7.79 3.40 -2.63
CA ARG A 67 8.29 4.54 -1.91
C ARG A 67 7.11 5.48 -1.69
N ASP A 68 7.06 6.14 -0.53
CA ASP A 68 5.96 7.02 -0.12
C ASP A 68 5.67 8.18 -1.07
N GLU A 69 4.51 8.13 -1.74
CA GLU A 69 3.93 9.21 -2.51
C GLU A 69 3.14 10.14 -1.60
N GLN A 70 3.85 10.75 -0.67
CA GLN A 70 3.38 11.85 0.17
C GLN A 70 2.31 11.41 1.17
N ALA A 71 2.36 12.01 2.35
CA ALA A 71 1.46 11.67 3.44
C ALA A 71 0.11 12.37 3.24
N ALA A 72 -0.65 11.99 2.20
CA ALA A 72 -1.92 12.59 1.84
C ALA A 72 -1.74 13.90 1.05
N GLU A 73 -1.80 13.78 -0.28
CA GLU A 73 -2.15 14.83 -1.23
C GLU A 73 -3.22 14.15 -2.09
ZN ZN B . 2.66 -10.52 -11.08
N SER A 1 -11.50 12.63 7.81
CA SER A 1 -11.91 11.27 8.14
C SER A 1 -10.65 10.52 8.60
N GLY A 2 -10.22 9.48 7.86
CA GLY A 2 -8.91 8.86 8.07
C GLY A 2 -7.83 9.74 7.46
N THR A 3 -6.78 9.15 6.88
CA THR A 3 -5.81 9.90 6.08
C THR A 3 -5.39 9.01 4.93
N ARG A 4 -5.34 9.60 3.74
CA ARG A 4 -5.08 8.87 2.53
C ARG A 4 -3.58 8.91 2.31
N TYR A 5 -2.95 7.76 2.42
CA TYR A 5 -1.54 7.62 2.09
C TYR A 5 -1.38 6.95 0.73
N SER A 6 -0.32 7.28 -0.01
CA SER A 6 -0.04 6.72 -1.34
C SER A 6 1.44 6.29 -1.49
N TRP A 7 1.69 5.26 -2.32
CA TRP A 7 3.02 4.77 -2.70
C TRP A 7 3.05 4.48 -4.19
N LYS A 8 4.22 4.65 -4.80
CA LYS A 8 4.49 4.26 -6.17
C LYS A 8 5.18 2.91 -6.12
N VAL A 9 4.61 1.88 -6.77
CA VAL A 9 5.04 0.50 -6.63
C VAL A 9 5.47 -0.09 -7.97
N SER A 10 6.74 0.11 -8.31
CA SER A 10 7.28 -0.32 -9.59
C SER A 10 7.55 -1.83 -9.54
N GLY A 11 6.51 -2.62 -9.80
CA GLY A 11 6.58 -4.07 -9.70
C GLY A 11 5.20 -4.74 -9.76
N MET A 12 4.13 -4.06 -9.32
CA MET A 12 2.80 -4.65 -9.33
C MET A 12 2.18 -4.60 -10.72
N ASP A 13 1.92 -5.78 -11.31
CA ASP A 13 1.47 -5.95 -12.69
C ASP A 13 0.19 -6.79 -12.84
N CYS A 14 -0.28 -7.46 -11.77
CA CYS A 14 -1.34 -8.46 -11.84
C CYS A 14 -2.34 -8.24 -10.72
N ALA A 15 -3.59 -8.66 -10.93
CA ALA A 15 -4.62 -8.63 -9.90
C ALA A 15 -4.28 -9.59 -8.76
N ALA A 16 -3.63 -10.72 -9.05
CA ALA A 16 -3.17 -11.63 -8.01
C ALA A 16 -2.16 -10.93 -7.12
N CYS A 17 -1.15 -10.30 -7.74
CA CYS A 17 -0.13 -9.51 -7.08
C CYS A 17 -0.81 -8.45 -6.21
N ALA A 18 -1.73 -7.68 -6.80
CA ALA A 18 -2.56 -6.73 -6.08
C ALA A 18 -3.22 -7.35 -4.86
N ARG A 19 -3.91 -8.49 -5.03
CA ARG A 19 -4.60 -9.10 -3.91
C ARG A 19 -3.61 -9.48 -2.81
N LYS A 20 -2.48 -10.06 -3.20
CA LYS A 20 -1.45 -10.43 -2.24
C LYS A 20 -0.97 -9.18 -1.51
N VAL A 21 -0.77 -8.07 -2.23
CA VAL A 21 -0.31 -6.81 -1.66
C VAL A 21 -1.36 -6.32 -0.67
N GLU A 22 -2.61 -6.20 -1.08
CA GLU A 22 -3.62 -5.62 -0.22
C GLU A 22 -3.81 -6.48 1.01
N ASN A 23 -3.73 -7.81 0.87
CA ASN A 23 -3.72 -8.73 2.00
C ASN A 23 -2.50 -8.50 2.91
N ALA A 24 -1.31 -8.41 2.31
CA ALA A 24 -0.04 -8.22 3.01
C ALA A 24 -0.05 -6.92 3.81
N VAL A 25 -0.71 -5.90 3.29
CA VAL A 25 -0.94 -4.64 3.96
C VAL A 25 -2.05 -4.77 5.01
N ARG A 26 -3.22 -5.25 4.61
CA ARG A 26 -4.43 -5.16 5.42
C ARG A 26 -4.29 -5.94 6.72
N GLN A 27 -3.48 -7.01 6.71
CA GLN A 27 -3.18 -7.77 7.91
C GLN A 27 -2.49 -6.95 9.02
N LEU A 28 -1.92 -5.78 8.72
CA LEU A 28 -1.14 -5.04 9.69
C LEU A 28 -1.99 -4.61 10.90
N ALA A 29 -2.81 -3.57 10.74
CA ALA A 29 -3.68 -2.99 11.76
C ALA A 29 -4.26 -1.66 11.29
N GLY A 30 -3.41 -0.62 11.22
CA GLY A 30 -3.77 0.76 10.85
C GLY A 30 -4.77 0.83 9.71
N VAL A 31 -4.44 0.12 8.64
CA VAL A 31 -5.12 0.17 7.36
C VAL A 31 -6.56 -0.32 7.47
N ASN A 32 -7.51 0.53 7.06
CA ASN A 32 -8.91 0.14 6.98
C ASN A 32 -9.19 -0.23 5.52
N GLN A 33 -9.03 0.75 4.63
CA GLN A 33 -9.32 0.62 3.22
C GLN A 33 -7.99 0.50 2.49
N VAL A 34 -7.94 -0.46 1.57
CA VAL A 34 -6.86 -0.70 0.64
C VAL A 34 -7.34 -0.24 -0.72
N GLN A 35 -6.47 0.41 -1.50
CA GLN A 35 -6.77 0.72 -2.90
C GLN A 35 -5.46 0.59 -3.66
N VAL A 36 -5.09 -0.65 -4.01
CA VAL A 36 -3.82 -0.92 -4.66
C VAL A 36 -4.02 -1.06 -6.17
N LEU A 37 -3.66 -0.01 -6.92
CA LEU A 37 -3.85 0.05 -8.36
C LEU A 37 -2.52 -0.36 -9.00
N PHE A 38 -2.40 -1.68 -9.18
CA PHE A 38 -1.34 -2.30 -9.94
C PHE A 38 -1.37 -1.80 -11.40
N ALA A 39 -0.32 -2.09 -12.16
CA ALA A 39 -0.12 -1.66 -13.54
C ALA A 39 0.18 -0.16 -13.59
N THR A 40 -0.73 0.65 -13.05
CA THR A 40 -0.62 2.11 -12.94
C THR A 40 0.40 2.54 -11.87
N GLU A 41 1.06 1.60 -11.18
CA GLU A 41 2.15 1.87 -10.26
C GLU A 41 1.68 2.76 -9.09
N LYS A 42 0.56 2.45 -8.41
CA LYS A 42 0.10 3.32 -7.36
C LYS A 42 -0.73 2.54 -6.36
N LEU A 43 -0.29 2.53 -5.11
CA LEU A 43 -1.01 1.98 -4.00
C LEU A 43 -1.47 3.18 -3.18
N VAL A 44 -2.62 3.07 -2.53
CA VAL A 44 -3.24 4.00 -1.64
C VAL A 44 -3.75 3.17 -0.46
N VAL A 45 -3.61 3.72 0.75
CA VAL A 45 -4.17 3.18 1.98
C VAL A 45 -4.89 4.29 2.71
N ASP A 46 -6.02 3.96 3.36
CA ASP A 46 -6.69 4.85 4.28
C ASP A 46 -6.73 4.14 5.64
N ALA A 47 -5.88 4.64 6.54
CA ALA A 47 -5.62 4.02 7.85
C ALA A 47 -6.08 4.96 8.97
N ASP A 48 -6.61 4.37 10.05
CA ASP A 48 -7.03 5.13 11.24
C ASP A 48 -6.02 4.93 12.37
N ASN A 49 -4.77 5.27 12.05
CA ASN A 49 -3.76 5.74 12.98
C ASN A 49 -2.60 6.25 12.13
N ASP A 50 -1.79 5.34 11.62
CA ASP A 50 -0.59 5.56 10.82
C ASP A 50 0.15 4.23 10.72
N ILE A 51 0.54 3.84 9.51
CA ILE A 51 1.19 2.57 9.22
C ILE A 51 2.09 2.65 8.00
N ARG A 52 2.34 3.82 7.44
CA ARG A 52 2.87 3.90 6.06
C ARG A 52 4.25 3.27 5.97
N ALA A 53 5.11 3.64 6.91
CA ALA A 53 6.41 3.05 7.08
C ALA A 53 6.32 1.55 7.43
N GLN A 54 5.14 1.12 7.91
CA GLN A 54 4.78 -0.28 8.10
C GLN A 54 4.44 -0.92 6.74
N VAL A 55 3.59 -0.27 5.95
CA VAL A 55 3.14 -0.72 4.64
C VAL A 55 4.34 -0.91 3.73
N GLU A 56 5.18 0.12 3.62
CA GLU A 56 6.29 0.11 2.69
C GLU A 56 7.20 -1.07 2.99
N SER A 57 7.65 -1.21 4.25
CA SER A 57 8.39 -2.37 4.66
C SER A 57 7.58 -3.65 4.43
N ALA A 58 6.26 -3.64 4.62
CA ALA A 58 5.44 -4.84 4.42
C ALA A 58 5.50 -5.28 2.95
N LEU A 59 5.33 -4.34 2.02
CA LEU A 59 5.51 -4.60 0.59
C LEU A 59 6.93 -5.08 0.33
N GLN A 60 7.91 -4.42 0.95
CA GLN A 60 9.30 -4.78 0.83
C GLN A 60 9.48 -6.25 1.24
N LYS A 61 8.85 -6.67 2.34
CA LYS A 61 8.96 -8.02 2.87
C LYS A 61 8.22 -9.01 1.95
N ALA A 62 7.03 -8.62 1.46
CA ALA A 62 6.31 -9.40 0.46
C ALA A 62 7.16 -9.59 -0.80
N GLY A 63 7.96 -8.58 -1.15
CA GLY A 63 9.00 -8.63 -2.16
C GLY A 63 8.80 -7.56 -3.24
N TYR A 64 8.57 -6.32 -2.83
CA TYR A 64 8.40 -5.19 -3.73
C TYR A 64 9.42 -4.09 -3.38
N SER A 65 9.35 -2.98 -4.12
CA SER A 65 10.29 -1.88 -4.10
C SER A 65 9.51 -0.61 -4.40
N LEU A 66 8.63 -0.20 -3.47
CA LEU A 66 7.84 1.01 -3.64
C LEU A 66 8.65 2.26 -3.33
N ARG A 67 8.01 3.42 -3.50
CA ARG A 67 8.54 4.68 -3.02
C ARG A 67 7.39 5.57 -2.52
N ASP A 68 7.58 6.18 -1.35
CA ASP A 68 6.70 7.18 -0.73
C ASP A 68 6.01 8.09 -1.74
N GLU A 69 4.69 8.28 -1.57
CA GLU A 69 3.94 9.27 -2.33
C GLU A 69 3.12 10.15 -1.39
N GLN A 70 3.79 10.79 -0.43
CA GLN A 70 3.18 11.74 0.48
C GLN A 70 2.01 11.15 1.29
N ALA A 71 1.38 11.99 2.11
CA ALA A 71 0.26 11.62 2.96
C ALA A 71 -0.86 12.63 2.78
N ALA A 72 -1.82 12.29 1.91
CA ALA A 72 -3.00 13.07 1.65
C ALA A 72 -2.66 14.49 1.21
N GLU A 73 -1.66 14.53 0.32
CA GLU A 73 -1.25 15.64 -0.50
C GLU A 73 -1.21 15.04 -1.92
ZN ZN B . 2.74 -9.67 -11.11
N SER A 1 -12.39 10.15 4.01
CA SER A 1 -12.82 10.25 5.41
C SER A 1 -11.60 10.18 6.32
N GLY A 2 -10.93 9.03 6.35
CA GLY A 2 -9.65 8.85 7.00
C GLY A 2 -8.50 9.36 6.12
N THR A 3 -7.28 9.00 6.53
CA THR A 3 -6.04 9.56 6.07
C THR A 3 -5.55 8.62 4.98
N ARG A 4 -5.51 9.13 3.75
CA ARG A 4 -5.07 8.34 2.65
C ARG A 4 -3.59 8.60 2.47
N TYR A 5 -2.85 7.55 2.16
CA TYR A 5 -1.42 7.56 2.02
C TYR A 5 -1.09 6.81 0.76
N SER A 6 -0.17 7.29 -0.07
CA SER A 6 0.11 6.67 -1.35
C SER A 6 1.56 6.22 -1.44
N TRP A 7 1.78 5.18 -2.25
CA TRP A 7 3.10 4.66 -2.58
C TRP A 7 3.15 4.33 -4.07
N LYS A 8 4.29 4.63 -4.69
CA LYS A 8 4.59 4.36 -6.09
C LYS A 8 5.42 3.08 -6.15
N VAL A 9 4.91 2.00 -6.77
CA VAL A 9 5.47 0.66 -6.65
C VAL A 9 5.79 0.02 -8.00
N SER A 10 7.08 -0.01 -8.35
CA SER A 10 7.59 -0.58 -9.58
C SER A 10 7.56 -2.11 -9.52
N GLY A 11 6.36 -2.71 -9.49
CA GLY A 11 6.22 -4.16 -9.41
C GLY A 11 4.80 -4.64 -9.63
N MET A 12 3.79 -4.00 -9.01
CA MET A 12 2.41 -4.48 -9.09
C MET A 12 1.89 -4.52 -10.53
N ASP A 13 1.53 -5.72 -10.99
CA ASP A 13 1.39 -6.10 -12.39
C ASP A 13 0.08 -6.85 -12.70
N CYS A 14 -0.49 -7.59 -11.75
CA CYS A 14 -1.62 -8.49 -11.90
C CYS A 14 -2.62 -8.25 -10.78
N ALA A 15 -3.88 -8.65 -11.00
CA ALA A 15 -4.92 -8.59 -9.98
C ALA A 15 -4.61 -9.53 -8.82
N ALA A 16 -3.98 -10.68 -9.09
CA ALA A 16 -3.55 -11.60 -8.04
C ALA A 16 -2.50 -10.93 -7.15
N CYS A 17 -1.50 -10.31 -7.79
CA CYS A 17 -0.43 -9.59 -7.14
C CYS A 17 -1.04 -8.47 -6.30
N ALA A 18 -1.93 -7.67 -6.89
CA ALA A 18 -2.74 -6.70 -6.17
C ALA A 18 -3.38 -7.31 -4.93
N ARG A 19 -4.20 -8.35 -5.08
CA ARG A 19 -4.84 -9.02 -3.97
C ARG A 19 -3.83 -9.36 -2.87
N LYS A 20 -2.70 -9.95 -3.26
CA LYS A 20 -1.65 -10.31 -2.32
C LYS A 20 -1.11 -9.08 -1.60
N VAL A 21 -0.86 -8.00 -2.32
CA VAL A 21 -0.35 -6.77 -1.74
C VAL A 21 -1.37 -6.22 -0.75
N GLU A 22 -2.64 -6.06 -1.17
CA GLU A 22 -3.61 -5.42 -0.32
C GLU A 22 -3.80 -6.26 0.95
N ASN A 23 -3.85 -7.58 0.79
CA ASN A 23 -3.94 -8.49 1.91
C ASN A 23 -2.73 -8.32 2.82
N ALA A 24 -1.51 -8.44 2.27
CA ALA A 24 -0.25 -8.29 3.00
C ALA A 24 -0.23 -7.01 3.83
N VAL A 25 -0.82 -5.94 3.31
CA VAL A 25 -0.97 -4.69 4.04
C VAL A 25 -2.09 -4.78 5.07
N ARG A 26 -3.27 -5.27 4.66
CA ARG A 26 -4.47 -5.31 5.49
C ARG A 26 -4.25 -6.03 6.83
N GLN A 27 -3.30 -6.96 6.87
CA GLN A 27 -2.95 -7.71 8.08
C GLN A 27 -2.52 -6.80 9.23
N LEU A 28 -2.03 -5.59 8.93
CA LEU A 28 -1.30 -4.79 9.91
C LEU A 28 -2.20 -4.35 11.06
N ALA A 29 -3.06 -3.35 10.81
CA ALA A 29 -4.04 -2.79 11.74
C ALA A 29 -4.54 -1.43 11.25
N GLY A 30 -3.62 -0.45 11.15
CA GLY A 30 -3.91 0.93 10.80
C GLY A 30 -4.80 1.08 9.58
N VAL A 31 -4.51 0.27 8.55
CA VAL A 31 -5.22 0.27 7.29
C VAL A 31 -6.69 -0.13 7.46
N ASN A 32 -7.59 0.75 7.01
CA ASN A 32 -9.01 0.44 6.97
C ASN A 32 -9.34 -0.02 5.55
N GLN A 33 -9.04 0.84 4.57
CA GLN A 33 -9.44 0.68 3.19
C GLN A 33 -8.16 0.57 2.36
N VAL A 34 -8.01 -0.57 1.68
CA VAL A 34 -6.94 -0.81 0.73
C VAL A 34 -7.35 -0.26 -0.64
N GLN A 35 -6.41 0.31 -1.39
CA GLN A 35 -6.62 0.62 -2.80
C GLN A 35 -5.28 0.54 -3.55
N VAL A 36 -4.88 -0.69 -3.87
CA VAL A 36 -3.68 -1.04 -4.60
C VAL A 36 -4.07 -1.08 -6.09
N LEU A 37 -3.65 -0.07 -6.86
CA LEU A 37 -3.95 0.02 -8.28
C LEU A 37 -2.69 -0.40 -9.05
N PHE A 38 -2.59 -1.71 -9.23
CA PHE A 38 -1.54 -2.34 -10.02
C PHE A 38 -1.56 -1.84 -11.46
N ALA A 39 -0.47 -2.09 -12.21
CA ALA A 39 -0.25 -1.64 -13.58
C ALA A 39 0.01 -0.14 -13.65
N THR A 40 -0.77 0.66 -12.91
CA THR A 40 -0.60 2.08 -12.74
C THR A 40 0.48 2.40 -11.69
N GLU A 41 1.20 1.39 -11.20
CA GLU A 41 2.36 1.57 -10.33
C GLU A 41 2.00 2.29 -9.03
N LYS A 42 0.79 2.16 -8.48
CA LYS A 42 0.51 2.85 -7.23
C LYS A 42 -0.38 2.07 -6.30
N LEU A 43 -0.28 2.42 -5.02
CA LEU A 43 -1.10 1.97 -3.95
C LEU A 43 -1.45 3.23 -3.14
N VAL A 44 -2.63 3.21 -2.53
CA VAL A 44 -3.28 4.18 -1.69
C VAL A 44 -3.82 3.31 -0.56
N VAL A 45 -3.46 3.61 0.68
CA VAL A 45 -4.04 2.99 1.86
C VAL A 45 -4.77 4.09 2.60
N ASP A 46 -5.98 3.82 3.08
CA ASP A 46 -6.75 4.75 3.88
C ASP A 46 -6.75 4.21 5.29
N ALA A 47 -5.97 4.85 6.17
CA ALA A 47 -5.60 4.35 7.48
C ALA A 47 -5.98 5.33 8.59
N ASP A 48 -6.50 4.81 9.70
CA ASP A 48 -6.88 5.58 10.89
C ASP A 48 -6.09 5.08 12.09
N ASN A 49 -4.78 5.14 11.94
CA ASN A 49 -3.79 5.16 13.02
C ASN A 49 -2.58 5.79 12.35
N ASP A 50 -1.68 4.94 11.85
CA ASP A 50 -0.55 5.24 11.01
C ASP A 50 0.22 3.93 10.89
N ILE A 51 0.54 3.52 9.67
CA ILE A 51 1.20 2.26 9.38
C ILE A 51 2.07 2.36 8.13
N ARG A 52 2.29 3.54 7.57
CA ARG A 52 2.83 3.66 6.20
C ARG A 52 4.22 3.05 6.13
N ALA A 53 5.05 3.41 7.11
CA ALA A 53 6.36 2.85 7.27
C ALA A 53 6.27 1.31 7.37
N GLN A 54 5.20 0.83 8.02
CA GLN A 54 4.89 -0.60 8.09
C GLN A 54 4.55 -1.14 6.70
N VAL A 55 3.67 -0.47 5.96
CA VAL A 55 3.32 -0.86 4.61
C VAL A 55 4.58 -0.99 3.77
N GLU A 56 5.40 0.05 3.74
CA GLU A 56 6.53 0.09 2.83
C GLU A 56 7.52 -1.01 3.19
N SER A 57 7.81 -1.14 4.50
CA SER A 57 8.54 -2.30 5.02
C SER A 57 7.88 -3.60 4.55
N ALA A 58 6.55 -3.70 4.63
CA ALA A 58 5.83 -4.95 4.37
C ALA A 58 5.94 -5.34 2.89
N LEU A 59 5.65 -4.40 1.99
CA LEU A 59 5.80 -4.56 0.55
C LEU A 59 7.24 -4.92 0.22
N GLN A 60 8.21 -4.20 0.81
CA GLN A 60 9.60 -4.51 0.62
C GLN A 60 9.90 -5.95 1.04
N LYS A 61 9.37 -6.37 2.19
CA LYS A 61 9.56 -7.71 2.73
C LYS A 61 8.90 -8.77 1.84
N ALA A 62 7.71 -8.47 1.32
CA ALA A 62 6.98 -9.32 0.39
C ALA A 62 7.75 -9.46 -0.92
N GLY A 63 8.37 -8.36 -1.38
CA GLY A 63 9.31 -8.35 -2.49
C GLY A 63 8.96 -7.30 -3.54
N TYR A 64 8.65 -6.08 -3.12
CA TYR A 64 8.39 -4.94 -3.98
C TYR A 64 9.41 -3.83 -3.74
N SER A 65 9.30 -2.74 -4.50
CA SER A 65 10.15 -1.57 -4.39
C SER A 65 9.30 -0.32 -4.49
N LEU A 66 8.53 -0.06 -3.43
CA LEU A 66 7.75 1.17 -3.30
C LEU A 66 8.60 2.32 -2.77
N ARG A 67 8.01 3.51 -2.78
CA ARG A 67 8.52 4.73 -2.18
C ARG A 67 7.30 5.57 -1.81
N ASP A 68 7.39 6.31 -0.69
CA ASP A 68 6.42 7.33 -0.29
C ASP A 68 5.95 8.16 -1.48
N GLU A 69 4.62 8.34 -1.58
CA GLU A 69 4.01 9.25 -2.53
C GLU A 69 3.16 10.25 -1.74
N GLN A 70 3.78 10.85 -0.74
CA GLN A 70 3.15 11.78 0.17
C GLN A 70 1.92 11.18 0.86
N ALA A 71 1.27 11.98 1.70
CA ALA A 71 0.26 11.52 2.65
C ALA A 71 -1.03 12.29 2.42
N ALA A 72 -1.50 12.24 1.17
CA ALA A 72 -2.41 13.22 0.59
C ALA A 72 -1.64 14.49 0.25
N GLU A 73 -1.97 15.07 -0.90
CA GLU A 73 -1.55 16.40 -1.30
C GLU A 73 -2.54 17.40 -0.71
ZN ZN B . 2.30 -10.25 -11.22
N SER A 1 -11.93 12.50 9.80
CA SER A 1 -11.74 11.51 8.76
C SER A 1 -10.42 10.76 9.00
N GLY A 2 -10.23 9.65 8.29
CA GLY A 2 -8.98 8.91 8.29
C GLY A 2 -7.90 9.65 7.50
N THR A 3 -6.79 8.96 7.24
CA THR A 3 -5.59 9.51 6.62
C THR A 3 -5.35 8.70 5.36
N ARG A 4 -5.36 9.39 4.22
CA ARG A 4 -5.21 8.80 2.91
C ARG A 4 -3.76 8.97 2.48
N TYR A 5 -3.11 7.87 2.12
CA TYR A 5 -1.69 7.81 1.81
C TYR A 5 -1.45 7.28 0.40
N SER A 6 -0.20 7.24 -0.09
CA SER A 6 0.13 6.60 -1.37
C SER A 6 1.58 6.15 -1.41
N TRP A 7 1.84 5.10 -2.18
CA TRP A 7 3.18 4.66 -2.56
C TRP A 7 3.17 4.33 -4.05
N LYS A 8 4.31 4.57 -4.71
CA LYS A 8 4.56 4.15 -6.09
C LYS A 8 5.36 2.86 -6.00
N VAL A 9 4.87 1.77 -6.58
CA VAL A 9 5.44 0.44 -6.38
C VAL A 9 5.72 -0.22 -7.74
N SER A 10 6.97 -0.13 -8.20
CA SER A 10 7.41 -0.57 -9.52
C SER A 10 7.52 -2.10 -9.65
N GLY A 11 6.47 -2.84 -9.28
CA GLY A 11 6.45 -4.29 -9.42
C GLY A 11 5.05 -4.89 -9.17
N MET A 12 3.98 -4.11 -9.38
CA MET A 12 2.61 -4.54 -9.14
C MET A 12 1.85 -4.48 -10.46
N ASP A 13 1.64 -5.64 -11.08
CA ASP A 13 1.30 -5.77 -12.49
C ASP A 13 0.11 -6.70 -12.77
N CYS A 14 -0.39 -7.43 -11.77
CA CYS A 14 -1.41 -8.46 -11.93
C CYS A 14 -2.44 -8.29 -10.83
N ALA A 15 -3.67 -8.77 -11.06
CA ALA A 15 -4.71 -8.75 -10.04
C ALA A 15 -4.35 -9.69 -8.88
N ALA A 16 -3.71 -10.81 -9.18
CA ALA A 16 -3.25 -11.73 -8.14
C ALA A 16 -2.24 -11.01 -7.23
N CYS A 17 -1.23 -10.39 -7.85
CA CYS A 17 -0.25 -9.55 -7.18
C CYS A 17 -0.99 -8.51 -6.33
N ALA A 18 -1.92 -7.76 -6.95
CA ALA A 18 -2.75 -6.79 -6.25
C ALA A 18 -3.39 -7.40 -4.99
N ARG A 19 -4.10 -8.52 -5.11
CA ARG A 19 -4.70 -9.19 -3.97
C ARG A 19 -3.65 -9.56 -2.92
N LYS A 20 -2.46 -9.98 -3.34
CA LYS A 20 -1.41 -10.32 -2.42
C LYS A 20 -0.95 -9.08 -1.65
N VAL A 21 -0.78 -7.96 -2.35
CA VAL A 21 -0.34 -6.70 -1.79
C VAL A 21 -1.41 -6.15 -0.84
N GLU A 22 -2.67 -6.03 -1.31
CA GLU A 22 -3.75 -5.51 -0.50
C GLU A 22 -3.79 -6.30 0.80
N ASN A 23 -3.60 -7.62 0.71
CA ASN A 23 -3.70 -8.49 1.86
C ASN A 23 -2.53 -8.26 2.80
N ALA A 24 -1.33 -8.33 2.25
CA ALA A 24 -0.08 -8.13 2.97
C ALA A 24 -0.08 -6.83 3.75
N VAL A 25 -0.73 -5.80 3.21
CA VAL A 25 -0.94 -4.54 3.92
C VAL A 25 -2.13 -4.63 4.89
N ARG A 26 -3.31 -5.04 4.41
CA ARG A 26 -4.53 -5.06 5.21
C ARG A 26 -4.33 -5.82 6.52
N GLN A 27 -3.59 -6.93 6.48
CA GLN A 27 -3.31 -7.75 7.65
C GLN A 27 -2.57 -7.00 8.77
N LEU A 28 -1.96 -5.84 8.50
CA LEU A 28 -1.13 -5.16 9.49
C LEU A 28 -1.92 -4.80 10.75
N ALA A 29 -2.80 -3.79 10.68
CA ALA A 29 -3.63 -3.28 11.76
C ALA A 29 -4.22 -1.91 11.38
N GLY A 30 -3.35 -0.90 11.28
CA GLY A 30 -3.70 0.48 10.99
C GLY A 30 -4.72 0.63 9.86
N VAL A 31 -4.40 -0.03 8.75
CA VAL A 31 -5.06 0.15 7.48
C VAL A 31 -6.52 -0.31 7.54
N ASN A 32 -7.43 0.59 7.16
CA ASN A 32 -8.87 0.37 7.20
C ASN A 32 -9.36 0.00 5.81
N GLN A 33 -9.03 0.81 4.79
CA GLN A 33 -9.32 0.48 3.40
C GLN A 33 -7.99 0.47 2.62
N VAL A 34 -7.84 -0.53 1.77
CA VAL A 34 -6.74 -0.71 0.86
C VAL A 34 -7.22 -0.39 -0.55
N GLN A 35 -6.39 0.26 -1.35
CA GLN A 35 -6.69 0.47 -2.77
C GLN A 35 -5.38 0.35 -3.53
N VAL A 36 -5.00 -0.89 -3.90
CA VAL A 36 -3.75 -1.13 -4.59
C VAL A 36 -4.01 -1.20 -6.10
N LEU A 37 -3.65 -0.15 -6.84
CA LEU A 37 -3.92 -0.01 -8.25
C LEU A 37 -2.66 -0.43 -9.00
N PHE A 38 -2.56 -1.75 -9.21
CA PHE A 38 -1.55 -2.36 -10.04
C PHE A 38 -1.63 -1.83 -11.47
N ALA A 39 -0.58 -2.07 -12.27
CA ALA A 39 -0.42 -1.62 -13.65
C ALA A 39 -0.17 -0.11 -13.71
N THR A 40 -1.05 0.69 -13.11
CA THR A 40 -0.87 2.11 -12.88
C THR A 40 0.26 2.39 -11.86
N GLU A 41 0.80 1.35 -11.23
CA GLU A 41 2.02 1.41 -10.43
C GLU A 41 1.82 2.16 -9.10
N LYS A 42 0.62 2.14 -8.51
CA LYS A 42 0.46 2.83 -7.23
C LYS A 42 -0.47 2.12 -6.27
N LEU A 43 -0.23 2.35 -4.99
CA LEU A 43 -1.05 1.90 -3.91
C LEU A 43 -1.44 3.16 -3.12
N VAL A 44 -2.63 3.12 -2.52
CA VAL A 44 -3.27 4.09 -1.69
C VAL A 44 -3.80 3.26 -0.53
N VAL A 45 -3.67 3.80 0.68
CA VAL A 45 -4.20 3.21 1.89
C VAL A 45 -4.95 4.31 2.61
N ASP A 46 -6.08 3.95 3.20
CA ASP A 46 -6.84 4.78 4.10
C ASP A 46 -6.68 4.13 5.46
N ALA A 47 -5.98 4.80 6.36
CA ALA A 47 -5.73 4.33 7.71
C ALA A 47 -6.04 5.48 8.65
N ASP A 48 -6.62 5.17 9.82
CA ASP A 48 -7.11 6.19 10.74
C ASP A 48 -6.21 6.16 11.96
N ASN A 49 -4.92 6.31 11.68
CA ASN A 49 -3.77 6.02 12.52
C ASN A 49 -2.63 5.84 11.51
N ASP A 50 -1.48 5.29 11.93
CA ASP A 50 -0.27 5.50 11.16
C ASP A 50 0.51 4.22 10.95
N ILE A 51 0.72 3.88 9.67
CA ILE A 51 1.26 2.61 9.29
C ILE A 51 2.05 2.66 7.99
N ARG A 52 2.32 3.82 7.41
CA ARG A 52 2.81 3.82 6.03
C ARG A 52 4.18 3.15 5.98
N ALA A 53 5.01 3.41 6.98
CA ALA A 53 6.29 2.75 7.13
C ALA A 53 6.08 1.23 7.27
N GLN A 54 5.05 0.82 8.01
CA GLN A 54 4.63 -0.57 8.06
C GLN A 54 4.26 -1.09 6.67
N VAL A 55 3.45 -0.36 5.91
CA VAL A 55 3.07 -0.76 4.57
C VAL A 55 4.31 -1.00 3.72
N GLU A 56 5.14 0.04 3.62
CA GLU A 56 6.28 0.02 2.71
C GLU A 56 7.25 -1.08 3.12
N SER A 57 7.51 -1.22 4.42
CA SER A 57 8.25 -2.34 4.97
C SER A 57 7.58 -3.66 4.59
N ALA A 58 6.25 -3.73 4.61
CA ALA A 58 5.52 -4.98 4.36
C ALA A 58 5.64 -5.37 2.90
N LEU A 59 5.46 -4.42 2.00
CA LEU A 59 5.64 -4.59 0.56
C LEU A 59 7.08 -4.99 0.26
N GLN A 60 8.03 -4.28 0.87
CA GLN A 60 9.44 -4.59 0.72
C GLN A 60 9.67 -6.05 1.15
N LYS A 61 9.19 -6.42 2.33
CA LYS A 61 9.26 -7.78 2.86
C LYS A 61 8.61 -8.78 1.88
N ALA A 62 7.45 -8.42 1.32
CA ALA A 62 6.74 -9.23 0.34
C ALA A 62 7.51 -9.35 -0.99
N GLY A 63 8.48 -8.46 -1.24
CA GLY A 63 9.39 -8.54 -2.37
C GLY A 63 9.12 -7.47 -3.42
N TYR A 64 8.65 -6.29 -3.00
CA TYR A 64 8.43 -5.13 -3.86
C TYR A 64 9.49 -4.07 -3.55
N SER A 65 9.44 -2.92 -4.22
CA SER A 65 10.39 -1.83 -4.03
C SER A 65 9.73 -0.49 -4.33
N LEU A 66 8.77 -0.09 -3.49
CA LEU A 66 8.10 1.20 -3.59
C LEU A 66 8.88 2.35 -2.96
N ARG A 67 8.28 3.53 -3.06
CA ARG A 67 8.70 4.76 -2.42
C ARG A 67 7.42 5.53 -2.07
N ASP A 68 7.45 6.26 -0.95
CA ASP A 68 6.32 6.99 -0.41
C ASP A 68 5.94 8.19 -1.29
N GLU A 69 4.63 8.38 -1.52
CA GLU A 69 4.08 9.51 -2.23
C GLU A 69 3.15 10.31 -1.32
N GLN A 70 3.70 10.76 -0.19
CA GLN A 70 3.12 11.78 0.66
C GLN A 70 1.82 11.29 1.32
N ALA A 71 1.20 12.16 2.12
CA ALA A 71 -0.08 11.93 2.76
C ALA A 71 -1.14 12.75 2.04
N ALA A 72 -1.39 12.45 0.76
CA ALA A 72 -2.33 13.16 -0.09
C ALA A 72 -1.93 14.64 -0.25
N GLU A 73 -0.69 14.88 -0.67
CA GLU A 73 -0.15 16.17 -1.05
C GLU A 73 0.64 15.89 -2.33
ZN ZN B . 2.67 -9.39 -11.14
N SER A 1 -12.24 12.36 8.81
CA SER A 1 -12.18 12.27 7.36
C SER A 1 -11.43 11.00 6.97
N GLY A 2 -10.26 10.80 7.59
CA GLY A 2 -9.34 9.71 7.32
C GLY A 2 -8.01 10.33 6.86
N THR A 3 -7.09 9.51 6.37
CA THR A 3 -5.84 9.97 5.80
C THR A 3 -5.54 9.07 4.62
N ARG A 4 -5.26 9.64 3.43
CA ARG A 4 -4.95 8.86 2.24
C ARG A 4 -3.45 8.78 2.16
N TYR A 5 -2.89 7.58 1.98
CA TYR A 5 -1.45 7.38 1.96
C TYR A 5 -1.06 6.56 0.74
N SER A 6 -0.43 7.17 -0.26
CA SER A 6 -0.04 6.51 -1.50
C SER A 6 1.42 6.07 -1.48
N TRP A 7 1.70 5.01 -2.24
CA TRP A 7 3.06 4.52 -2.51
C TRP A 7 3.19 4.25 -3.99
N LYS A 8 4.32 4.70 -4.57
CA LYS A 8 4.69 4.49 -5.96
C LYS A 8 5.74 3.39 -5.95
N VAL A 9 5.63 2.43 -6.87
CA VAL A 9 6.52 1.29 -6.98
C VAL A 9 6.79 1.04 -8.45
N SER A 10 7.51 -0.05 -8.76
CA SER A 10 7.28 -0.75 -10.01
C SER A 10 7.37 -2.24 -9.68
N GLY A 11 6.42 -3.06 -10.16
CA GLY A 11 6.36 -4.49 -9.84
C GLY A 11 4.93 -5.03 -9.81
N MET A 12 4.00 -4.29 -9.21
CA MET A 12 2.61 -4.73 -9.05
C MET A 12 1.86 -4.69 -10.41
N ASP A 13 1.85 -5.82 -11.12
CA ASP A 13 1.40 -5.91 -12.52
C ASP A 13 0.16 -6.78 -12.78
N CYS A 14 -0.36 -7.50 -11.78
CA CYS A 14 -1.38 -8.54 -11.97
C CYS A 14 -2.44 -8.39 -10.88
N ALA A 15 -3.64 -8.93 -11.11
CA ALA A 15 -4.70 -8.94 -10.12
C ALA A 15 -4.30 -9.79 -8.90
N ALA A 16 -3.70 -10.96 -9.13
CA ALA A 16 -3.25 -11.83 -8.04
C ALA A 16 -2.21 -11.10 -7.18
N CYS A 17 -1.22 -10.50 -7.85
CA CYS A 17 -0.22 -9.64 -7.22
C CYS A 17 -0.94 -8.57 -6.39
N ALA A 18 -1.82 -7.81 -7.04
CA ALA A 18 -2.61 -6.76 -6.40
C ALA A 18 -3.25 -7.27 -5.13
N ARG A 19 -3.89 -8.43 -5.20
CA ARG A 19 -4.58 -8.95 -4.04
C ARG A 19 -3.60 -9.36 -2.94
N LYS A 20 -2.48 -9.98 -3.33
CA LYS A 20 -1.44 -10.28 -2.37
C LYS A 20 -0.96 -9.00 -1.70
N VAL A 21 -0.86 -7.89 -2.45
CA VAL A 21 -0.49 -6.61 -1.89
C VAL A 21 -1.58 -6.13 -0.92
N GLU A 22 -2.86 -6.16 -1.34
CA GLU A 22 -3.92 -5.66 -0.47
C GLU A 22 -3.92 -6.44 0.84
N ASN A 23 -3.74 -7.76 0.77
CA ASN A 23 -3.56 -8.64 1.91
C ASN A 23 -2.33 -8.24 2.74
N ALA A 24 -1.19 -8.04 2.07
CA ALA A 24 0.07 -7.69 2.70
C ALA A 24 -0.07 -6.45 3.58
N VAL A 25 -0.83 -5.45 3.11
CA VAL A 25 -1.09 -4.27 3.92
C VAL A 25 -2.22 -4.53 4.93
N ARG A 26 -3.33 -5.13 4.48
CA ARG A 26 -4.56 -5.22 5.25
C ARG A 26 -4.34 -5.94 6.58
N GLN A 27 -3.43 -6.91 6.58
CA GLN A 27 -3.11 -7.71 7.76
C GLN A 27 -2.55 -6.88 8.92
N LEU A 28 -2.08 -5.66 8.68
CA LEU A 28 -1.40 -4.89 9.72
C LEU A 28 -2.32 -4.55 10.90
N ALA A 29 -3.16 -3.51 10.75
CA ALA A 29 -4.03 -2.96 11.80
C ALA A 29 -4.60 -1.60 11.38
N GLY A 30 -3.75 -0.56 11.40
CA GLY A 30 -4.10 0.85 11.16
C GLY A 30 -4.99 1.07 9.93
N VAL A 31 -4.76 0.26 8.89
CA VAL A 31 -5.42 0.36 7.61
C VAL A 31 -6.93 0.07 7.72
N ASN A 32 -7.75 1.00 7.24
CA ASN A 32 -9.20 0.87 7.22
C ASN A 32 -9.60 0.33 5.85
N GLN A 33 -9.12 0.98 4.79
CA GLN A 33 -9.44 0.67 3.41
C GLN A 33 -8.12 0.54 2.66
N VAL A 34 -8.05 -0.48 1.80
CA VAL A 34 -6.96 -0.74 0.89
C VAL A 34 -7.39 -0.26 -0.49
N GLN A 35 -6.46 0.31 -1.25
CA GLN A 35 -6.68 0.59 -2.66
C GLN A 35 -5.37 0.35 -3.40
N VAL A 36 -5.14 -0.91 -3.80
CA VAL A 36 -4.01 -1.29 -4.60
C VAL A 36 -4.45 -1.26 -6.06
N LEU A 37 -4.02 -0.27 -6.85
CA LEU A 37 -4.28 -0.25 -8.28
C LEU A 37 -2.99 -0.64 -9.00
N PHE A 38 -2.89 -1.94 -9.28
CA PHE A 38 -1.79 -2.51 -10.02
C PHE A 38 -1.77 -1.99 -11.46
N ALA A 39 -0.73 -2.38 -12.22
CA ALA A 39 -0.46 -1.96 -13.58
C ALA A 39 0.05 -0.52 -13.59
N THR A 40 -0.70 0.40 -12.97
CA THR A 40 -0.29 1.76 -12.73
C THR A 40 0.51 1.91 -11.41
N GLU A 41 1.01 0.79 -10.86
CA GLU A 41 2.03 0.75 -9.80
C GLU A 41 1.81 1.76 -8.65
N LYS A 42 0.56 1.88 -8.19
CA LYS A 42 0.14 2.85 -7.20
C LYS A 42 -0.74 2.12 -6.19
N LEU A 43 -0.24 2.06 -4.97
CA LEU A 43 -0.97 1.66 -3.81
C LEU A 43 -1.40 2.96 -3.12
N VAL A 44 -2.49 2.90 -2.35
CA VAL A 44 -3.11 3.86 -1.49
C VAL A 44 -3.59 3.00 -0.32
N VAL A 45 -3.28 3.42 0.90
CA VAL A 45 -3.87 2.91 2.10
C VAL A 45 -4.58 4.07 2.76
N ASP A 46 -5.77 3.82 3.28
CA ASP A 46 -6.52 4.80 4.03
C ASP A 46 -6.55 4.29 5.46
N ALA A 47 -5.68 4.86 6.31
CA ALA A 47 -5.44 4.41 7.66
C ALA A 47 -5.73 5.53 8.65
N ASP A 48 -6.35 5.17 9.77
CA ASP A 48 -6.69 6.07 10.88
C ASP A 48 -5.91 5.60 12.11
N ASN A 49 -4.59 5.55 11.94
CA ASN A 49 -3.62 5.38 13.00
C ASN A 49 -2.30 5.84 12.39
N ASP A 50 -1.43 4.91 12.03
CA ASP A 50 -0.08 5.14 11.57
C ASP A 50 0.54 3.79 11.29
N ILE A 51 0.62 3.43 10.01
CA ILE A 51 1.08 2.14 9.55
C ILE A 51 1.96 2.25 8.33
N ARG A 52 2.24 3.45 7.83
CA ARG A 52 2.66 3.58 6.45
C ARG A 52 4.03 2.98 6.26
N ALA A 53 4.92 3.25 7.19
CA ALA A 53 6.23 2.65 7.20
C ALA A 53 6.09 1.13 7.35
N GLN A 54 5.12 0.68 8.16
CA GLN A 54 4.75 -0.73 8.22
C GLN A 54 4.35 -1.27 6.84
N VAL A 55 3.50 -0.55 6.13
CA VAL A 55 3.05 -0.92 4.80
C VAL A 55 4.22 -1.03 3.83
N GLU A 56 4.99 0.05 3.70
CA GLU A 56 6.05 0.08 2.72
C GLU A 56 7.09 -0.98 3.05
N SER A 57 7.44 -1.12 4.33
CA SER A 57 8.25 -2.22 4.82
C SER A 57 7.61 -3.55 4.44
N ALA A 58 6.28 -3.67 4.54
CA ALA A 58 5.59 -4.93 4.26
C ALA A 58 5.71 -5.27 2.77
N LEU A 59 5.43 -4.31 1.90
CA LEU A 59 5.61 -4.45 0.46
C LEU A 59 7.07 -4.79 0.14
N GLN A 60 8.02 -4.13 0.79
CA GLN A 60 9.43 -4.43 0.63
C GLN A 60 9.72 -5.88 1.03
N LYS A 61 9.12 -6.33 2.14
CA LYS A 61 9.21 -7.72 2.59
C LYS A 61 8.64 -8.67 1.54
N ALA A 62 7.46 -8.36 1.01
CA ALA A 62 6.81 -9.15 -0.02
C ALA A 62 7.66 -9.19 -1.30
N GLY A 63 8.30 -8.07 -1.63
CA GLY A 63 9.31 -7.96 -2.67
C GLY A 63 8.97 -6.86 -3.69
N TYR A 64 8.52 -5.69 -3.24
CA TYR A 64 8.19 -4.55 -4.08
C TYR A 64 9.01 -3.34 -3.63
N SER A 65 9.52 -2.58 -4.60
CA SER A 65 10.49 -1.50 -4.38
C SER A 65 9.80 -0.14 -4.32
N LEU A 66 8.87 0.03 -3.39
CA LEU A 66 8.08 1.24 -3.33
C LEU A 66 8.77 2.45 -2.71
N ARG A 67 8.06 3.57 -2.69
CA ARG A 67 8.51 4.80 -2.08
C ARG A 67 7.26 5.60 -1.72
N ASP A 68 7.30 6.32 -0.58
CA ASP A 68 6.28 7.26 -0.13
C ASP A 68 5.81 8.16 -1.27
N GLU A 69 4.49 8.25 -1.45
CA GLU A 69 3.86 9.17 -2.37
C GLU A 69 2.97 10.14 -1.59
N GLN A 70 3.57 10.80 -0.60
CA GLN A 70 2.97 11.84 0.21
C GLN A 70 1.85 11.32 1.11
N ALA A 71 1.66 12.01 2.23
CA ALA A 71 0.59 11.77 3.17
C ALA A 71 -0.59 12.62 2.73
N ALA A 72 -1.40 12.07 1.82
CA ALA A 72 -2.60 12.71 1.28
C ALA A 72 -2.24 13.77 0.23
N GLU A 73 -3.29 14.37 -0.34
CA GLU A 73 -3.28 15.72 -0.87
C GLU A 73 -4.26 16.44 0.05
ZN ZN B . 2.74 -9.62 -11.13
N SER A 1 -12.24 12.36 8.81
CA SER A 1 -12.18 12.27 7.36
C SER A 1 -11.43 11.00 6.97
N GLY A 2 -10.26 10.80 7.59
CA GLY A 2 -9.34 9.71 7.32
C GLY A 2 -8.01 10.33 6.86
N THR A 3 -7.09 9.51 6.37
CA THR A 3 -5.84 9.97 5.80
C THR A 3 -5.54 9.07 4.62
N ARG A 4 -5.26 9.64 3.43
CA ARG A 4 -4.95 8.86 2.24
C ARG A 4 -3.45 8.78 2.16
N TYR A 5 -2.89 7.58 1.98
CA TYR A 5 -1.45 7.38 1.96
C TYR A 5 -1.06 6.56 0.74
N SER A 6 -0.43 7.17 -0.26
CA SER A 6 -0.04 6.51 -1.50
C SER A 6 1.42 6.07 -1.48
N TRP A 7 1.70 5.01 -2.24
CA TRP A 7 3.06 4.52 -2.51
C TRP A 7 3.19 4.25 -3.99
N LYS A 8 4.32 4.70 -4.57
CA LYS A 8 4.69 4.49 -5.96
C LYS A 8 5.74 3.39 -5.95
N VAL A 9 5.63 2.43 -6.87
CA VAL A 9 6.52 1.29 -6.98
C VAL A 9 6.79 1.04 -8.45
N SER A 10 7.51 -0.05 -8.76
CA SER A 10 7.28 -0.75 -10.01
C SER A 10 7.37 -2.24 -9.68
N GLY A 11 6.42 -3.06 -10.16
CA GLY A 11 6.36 -4.49 -9.84
C GLY A 11 4.93 -5.03 -9.81
N MET A 12 4.00 -4.29 -9.21
CA MET A 12 2.61 -4.73 -9.05
C MET A 12 1.86 -4.69 -10.41
N ASP A 13 1.85 -5.82 -11.12
CA ASP A 13 1.40 -5.91 -12.52
C ASP A 13 0.16 -6.78 -12.78
N CYS A 14 -0.36 -7.50 -11.78
CA CYS A 14 -1.38 -8.54 -11.97
C CYS A 14 -2.44 -8.39 -10.88
N ALA A 15 -3.64 -8.93 -11.11
CA ALA A 15 -4.70 -8.94 -10.12
C ALA A 15 -4.30 -9.79 -8.90
N ALA A 16 -3.70 -10.96 -9.13
CA ALA A 16 -3.25 -11.83 -8.04
C ALA A 16 -2.21 -11.10 -7.18
N CYS A 17 -1.22 -10.50 -7.85
CA CYS A 17 -0.22 -9.64 -7.22
C CYS A 17 -0.94 -8.57 -6.39
N ALA A 18 -1.82 -7.81 -7.04
CA ALA A 18 -2.61 -6.76 -6.40
C ALA A 18 -3.25 -7.27 -5.13
N ARG A 19 -3.89 -8.43 -5.20
CA ARG A 19 -4.58 -8.95 -4.04
C ARG A 19 -3.60 -9.36 -2.94
N LYS A 20 -2.48 -9.98 -3.33
CA LYS A 20 -1.44 -10.28 -2.37
C LYS A 20 -0.96 -9.00 -1.70
N VAL A 21 -0.86 -7.89 -2.45
CA VAL A 21 -0.49 -6.61 -1.89
C VAL A 21 -1.58 -6.13 -0.92
N GLU A 22 -2.86 -6.16 -1.34
CA GLU A 22 -3.92 -5.66 -0.47
C GLU A 22 -3.92 -6.44 0.84
N ASN A 23 -3.74 -7.76 0.77
CA ASN A 23 -3.56 -8.64 1.91
C ASN A 23 -2.33 -8.24 2.74
N ALA A 24 -1.19 -8.04 2.07
CA ALA A 24 0.07 -7.69 2.70
C ALA A 24 -0.07 -6.45 3.58
N VAL A 25 -0.83 -5.45 3.11
CA VAL A 25 -1.09 -4.27 3.92
C VAL A 25 -2.22 -4.53 4.93
N ARG A 26 -3.33 -5.13 4.48
CA ARG A 26 -4.56 -5.22 5.25
C ARG A 26 -4.34 -5.94 6.58
N GLN A 27 -3.43 -6.91 6.58
CA GLN A 27 -3.11 -7.71 7.76
C GLN A 27 -2.55 -6.88 8.92
N LEU A 28 -2.08 -5.66 8.68
CA LEU A 28 -1.40 -4.89 9.72
C LEU A 28 -2.32 -4.55 10.90
N ALA A 29 -3.16 -3.51 10.75
CA ALA A 29 -4.03 -2.96 11.80
C ALA A 29 -4.60 -1.60 11.38
N GLY A 30 -3.75 -0.56 11.40
CA GLY A 30 -4.10 0.85 11.16
C GLY A 30 -4.99 1.07 9.93
N VAL A 31 -4.76 0.26 8.89
CA VAL A 31 -5.42 0.36 7.61
C VAL A 31 -6.93 0.07 7.72
N ASN A 32 -7.75 1.00 7.24
CA ASN A 32 -9.20 0.87 7.22
C ASN A 32 -9.60 0.33 5.85
N GLN A 33 -9.12 0.98 4.79
CA GLN A 33 -9.44 0.67 3.41
C GLN A 33 -8.12 0.54 2.66
N VAL A 34 -8.05 -0.48 1.80
CA VAL A 34 -6.96 -0.74 0.89
C VAL A 34 -7.39 -0.26 -0.49
N GLN A 35 -6.46 0.31 -1.25
CA GLN A 35 -6.68 0.59 -2.66
C GLN A 35 -5.37 0.35 -3.40
N VAL A 36 -5.14 -0.91 -3.80
CA VAL A 36 -4.01 -1.29 -4.60
C VAL A 36 -4.45 -1.26 -6.06
N LEU A 37 -4.02 -0.27 -6.85
CA LEU A 37 -4.28 -0.25 -8.28
C LEU A 37 -2.99 -0.64 -9.00
N PHE A 38 -2.89 -1.94 -9.28
CA PHE A 38 -1.79 -2.51 -10.02
C PHE A 38 -1.77 -1.99 -11.46
N ALA A 39 -0.73 -2.38 -12.22
CA ALA A 39 -0.46 -1.96 -13.58
C ALA A 39 0.05 -0.52 -13.59
N THR A 40 -0.70 0.40 -12.97
CA THR A 40 -0.29 1.76 -12.73
C THR A 40 0.51 1.91 -11.41
N GLU A 41 1.01 0.79 -10.86
CA GLU A 41 2.03 0.75 -9.80
C GLU A 41 1.81 1.76 -8.65
N LYS A 42 0.56 1.88 -8.19
CA LYS A 42 0.14 2.85 -7.20
C LYS A 42 -0.74 2.12 -6.19
N LEU A 43 -0.24 2.06 -4.97
CA LEU A 43 -0.97 1.66 -3.81
C LEU A 43 -1.40 2.96 -3.12
N VAL A 44 -2.49 2.90 -2.35
CA VAL A 44 -3.11 3.86 -1.49
C VAL A 44 -3.59 3.00 -0.32
N VAL A 45 -3.28 3.42 0.90
CA VAL A 45 -3.87 2.91 2.10
C VAL A 45 -4.58 4.07 2.76
N ASP A 46 -5.77 3.82 3.28
CA ASP A 46 -6.52 4.80 4.03
C ASP A 46 -6.55 4.29 5.46
N ALA A 47 -5.68 4.86 6.31
CA ALA A 47 -5.44 4.41 7.66
C ALA A 47 -5.73 5.53 8.65
N ASP A 48 -6.35 5.17 9.77
CA ASP A 48 -6.69 6.07 10.88
C ASP A 48 -5.91 5.60 12.11
N ASN A 49 -4.59 5.55 11.94
CA ASN A 49 -3.62 5.38 13.00
C ASN A 49 -2.30 5.84 12.39
N ASP A 50 -1.43 4.91 12.03
CA ASP A 50 -0.08 5.14 11.57
C ASP A 50 0.54 3.79 11.29
N ILE A 51 0.62 3.43 10.01
CA ILE A 51 1.08 2.14 9.55
C ILE A 51 1.96 2.25 8.33
N ARG A 52 2.24 3.45 7.83
CA ARG A 52 2.66 3.58 6.45
C ARG A 52 4.03 2.98 6.26
N ALA A 53 4.92 3.25 7.19
CA ALA A 53 6.23 2.65 7.20
C ALA A 53 6.09 1.13 7.35
N GLN A 54 5.12 0.68 8.16
CA GLN A 54 4.75 -0.73 8.22
C GLN A 54 4.35 -1.27 6.84
N VAL A 55 3.50 -0.55 6.13
CA VAL A 55 3.05 -0.92 4.80
C VAL A 55 4.22 -1.03 3.83
N GLU A 56 4.99 0.05 3.70
CA GLU A 56 6.05 0.08 2.72
C GLU A 56 7.09 -0.98 3.05
N SER A 57 7.44 -1.12 4.33
CA SER A 57 8.25 -2.22 4.82
C SER A 57 7.61 -3.55 4.44
N ALA A 58 6.28 -3.67 4.54
CA ALA A 58 5.59 -4.93 4.26
C ALA A 58 5.71 -5.27 2.77
N LEU A 59 5.43 -4.31 1.90
CA LEU A 59 5.61 -4.45 0.46
C LEU A 59 7.07 -4.79 0.14
N GLN A 60 8.02 -4.13 0.79
CA GLN A 60 9.43 -4.43 0.63
C GLN A 60 9.72 -5.88 1.03
N LYS A 61 9.12 -6.33 2.14
CA LYS A 61 9.21 -7.72 2.59
C LYS A 61 8.64 -8.67 1.54
N ALA A 62 7.46 -8.36 1.01
CA ALA A 62 6.81 -9.15 -0.02
C ALA A 62 7.66 -9.19 -1.30
N GLY A 63 8.30 -8.07 -1.63
CA GLY A 63 9.31 -7.96 -2.67
C GLY A 63 8.97 -6.86 -3.69
N TYR A 64 8.52 -5.69 -3.24
CA TYR A 64 8.19 -4.55 -4.08
C TYR A 64 9.01 -3.34 -3.63
N SER A 65 9.52 -2.58 -4.60
CA SER A 65 10.49 -1.50 -4.38
C SER A 65 9.80 -0.14 -4.32
N LEU A 66 8.87 0.03 -3.39
CA LEU A 66 8.08 1.24 -3.33
C LEU A 66 8.77 2.45 -2.71
N ARG A 67 8.06 3.57 -2.69
CA ARG A 67 8.51 4.80 -2.08
C ARG A 67 7.26 5.60 -1.72
N ASP A 68 7.30 6.32 -0.58
CA ASP A 68 6.28 7.26 -0.13
C ASP A 68 5.81 8.16 -1.27
N GLU A 69 4.49 8.25 -1.45
CA GLU A 69 3.86 9.17 -2.37
C GLU A 69 2.97 10.14 -1.59
N GLN A 70 3.57 10.80 -0.60
CA GLN A 70 2.97 11.84 0.21
C GLN A 70 1.85 11.32 1.11
N ALA A 71 1.66 12.01 2.23
CA ALA A 71 0.59 11.77 3.17
C ALA A 71 -0.59 12.62 2.73
N ALA A 72 -1.40 12.07 1.82
CA ALA A 72 -2.60 12.71 1.28
C ALA A 72 -2.24 13.77 0.23
N GLU A 73 -3.29 14.37 -0.34
CA GLU A 73 -3.28 15.72 -0.87
C GLU A 73 -4.26 16.44 0.05
ZN ZN B . 2.74 -9.62 -11.13
#